data_8JXU
#
_entry.id   8JXU
#
_cell.length_a   1.00
_cell.length_b   1.00
_cell.length_c   1.00
_cell.angle_alpha   90.00
_cell.angle_beta   90.00
_cell.angle_gamma   90.00
#
_symmetry.space_group_name_H-M   'P 1'
#
loop_
_entity.id
_entity.type
_entity.pdbx_description
1 polymer 'ATP-binding cassette sub-family C member 2'
2 non-polymer "ADENOSINE-5'-DIPHOSPHATE"
3 non-polymer "ADENOSINE-5'-TRIPHOSPHATE"
4 non-polymer 'MAGNESIUM ION'
#
_entity_poly.entity_id   1
_entity_poly.type   'polypeptide(L)'
_entity_poly.pdbx_seq_one_letter_code
;MLEKFCNSTFWNSSFLDSPEADLPLCFEQTVLVWIPLGYLWLLAPWQLLHVYKSRTKRSSTTKLYLAKQVFVGFLLILAA
IELALVLTEDSGQATVPAVRYTNPSLYLGTWLLVLLIQYSRQWCVQKNSWFLSLFWILSILCGTFQFQTLIRTLLQGDNS
NLAYSCLFFISYGFQILILIFSAFSENNESSNNPSSIASFLSSITYSWYDSIILKGYKRPLTLEDVWEVDEEMKTKTLVS
KFETHMKRELQKARRALQRRQEKSSQQNSGARLPGLNKNQSQSQDALVLEDVEKKKKKSGTKKDVPKSWLMKALFKTFYM
VLLKSFLLKLVNDIFTFVSPQLLKLLISFASDRDTYLWIGYLCAILLFTAALIQSFCLQCYFQLCFKLGVKVRTAIMASV
YKKALTLSNLARKEYTVGETVNLMSVDAQKLMDVTNFMHMLWSSVLQIVLSIFFLWRELGPSVLAGVGVMVLVIPINAIL
STKSKTIQVKNMKNKDKRLKIMNEILSGIKILKYFAWEPSFRDQVQNLRKKELKNLLAFSQLQCVVIFVFQLTPVLVSVV
TFSVYVLVDSNNILDAQKAFTSITLFNILRFPLSMLPMMISSMLQASVSTERLEKYLGGDDLDTSAIRHDCNFDKAMQFS
EASFTWEHDSEATVRDVNLDIMAGQLVAVIGPVGSGKSSLISAMLGEMENVHGHITIKGTTAYVPQQSWIQNGTIKDNIL
FGTEFNEKRYQQVLEACALLPDLEMLPGGDLAEIGEKGINLSGGQKQRISLARATYQNLDIYLLDDPLSAVDAHVGKHIF
NKVLGPNGLLKGKTRLLVTHSMHFLPQVDEIVVLGNGTIVEKGSYSALLAKKGEFAKNLKTFLRHTGPEEEATVHDGSEE
EDDDYGLISSVEEIPEDAASITMRRENSFRRTLSRSSRSNGRHLKSLRNSLKTRNVNSLKEDEELVKGQKLIKKEFIETG
KVKFSIYLEYLQAIGLFSIFFIILAFVMNSVAFIGSNLWLSAWTSDSKIFNSTDYPASQRDMRVGVYGALGLAQGIFVFI
AHFWSAFGFVHASNILHKQLLNNILRAPMRFFDTTPTGRIVNRFAGDISTVDDTLPQSLRSWITCFLGIISTLVMICMAT
PVFTIIVIPLGIIYVSVQMFYVSTSRQLRRLDSVTRSPIYSHFSETVSGLPVIRAFEHQQRFLKHNEVRIDTNQKCVFSW
ITSNRWLAIRLELVGNLTVFFSALMMVIYRDTLSGDTVGFVLSNALNITQTLNWLVRMTSEIETNIVAVERITEYTKVEN
EAPWVTDKRPPPDWPSKGKIQFNNYQVRYRPELDLVLRGITCDIGSMEKIGVVGRTGAGKSSLTNCLFRILEAAGGQIII
DGVDIASIGLHDLREKLTIIPQDPILFSGSLRMNLDPFNNYSDEEIWKALELAHLKSFVASLQLGLSHEVTEAGGNLSIG
QRQLLCLGRALLRKSKILVLDEATAAVDLETDNLIQTTIQNEFAHCTVITIAHRLHTIMDSDKVMVLDNGKIIECGSPEE
LLQIPGPFYFMAKEAGIENVNSTKFLEDYKDDDDKVEHHHHHHHH
;
_entity_poly.pdbx_strand_id   A
#
# COMPACT_ATOMS: atom_id res chain seq x y z
N MET A 1 -63.95 5.11 1.40
CA MET A 1 -63.85 4.36 2.68
C MET A 1 -64.06 5.28 3.86
N LEU A 2 -63.51 6.49 3.77
CA LEU A 2 -63.61 7.49 4.82
C LEU A 2 -64.37 8.74 4.36
N GLU A 3 -65.21 8.61 3.35
CA GLU A 3 -65.97 9.76 2.86
C GLU A 3 -66.74 10.42 4.00
N LYS A 4 -67.29 9.62 4.90
CA LYS A 4 -68.00 10.18 6.05
C LYS A 4 -67.07 10.97 6.95
N PHE A 5 -65.77 10.65 6.93
CA PHE A 5 -64.83 11.32 7.82
C PHE A 5 -64.77 12.82 7.57
N CYS A 6 -65.00 13.24 6.32
CA CYS A 6 -64.77 14.62 5.92
C CYS A 6 -65.90 15.21 5.08
N ASN A 7 -67.00 14.49 4.87
CA ASN A 7 -68.06 14.94 3.98
C ASN A 7 -67.52 15.22 2.59
N SER A 8 -66.58 14.38 2.14
CA SER A 8 -65.99 14.51 0.82
C SER A 8 -65.67 13.11 0.31
N THR A 9 -64.91 13.04 -0.78
CA THR A 9 -64.56 11.77 -1.41
C THR A 9 -63.04 11.63 -1.45
N PHE A 10 -62.58 10.41 -1.66
CA PHE A 10 -61.15 10.15 -1.77
C PHE A 10 -60.53 11.02 -2.85
N TRP A 11 -60.91 10.79 -4.10
CA TRP A 11 -60.46 11.66 -5.19
C TRP A 11 -61.41 11.47 -6.37
N ASN A 12 -62.02 12.57 -6.80
CA ASN A 12 -62.86 12.57 -8.00
C ASN A 12 -61.91 12.73 -9.19
N SER A 13 -61.77 11.66 -9.98
CA SER A 13 -60.83 11.70 -11.09
C SER A 13 -61.13 12.85 -12.03
N SER A 14 -62.38 13.31 -12.08
CA SER A 14 -62.71 14.48 -12.88
C SER A 14 -61.86 15.67 -12.47
N PHE A 15 -61.56 15.80 -11.17
CA PHE A 15 -60.74 16.91 -10.70
C PHE A 15 -59.37 16.87 -11.35
N LEU A 16 -58.77 15.68 -11.43
CA LEU A 16 -57.40 15.55 -11.91
C LEU A 16 -57.30 15.59 -13.43
N ASP A 17 -58.42 15.55 -14.15
CA ASP A 17 -58.40 15.63 -15.60
C ASP A 17 -58.47 17.06 -16.13
N SER A 18 -58.72 18.03 -15.27
CA SER A 18 -58.82 19.41 -15.70
C SER A 18 -57.45 20.04 -15.86
N PRO A 19 -57.33 21.12 -16.63
CA PRO A 19 -56.06 21.85 -16.67
C PRO A 19 -55.68 22.38 -15.31
N GLU A 20 -56.59 23.13 -14.67
CA GLU A 20 -56.38 23.61 -13.31
C GLU A 20 -56.80 22.51 -12.34
N ALA A 21 -56.03 21.45 -12.33
CA ALA A 21 -56.30 20.28 -11.50
C ALA A 21 -55.74 20.50 -10.10
N ASP A 22 -56.51 20.11 -9.10
CA ASP A 22 -56.13 20.18 -7.70
C ASP A 22 -56.37 18.85 -7.02
N LEU A 23 -55.50 18.52 -6.07
CA LEU A 23 -55.72 17.35 -5.26
C LEU A 23 -56.92 17.57 -4.33
N PRO A 24 -57.70 16.54 -4.06
CA PRO A 24 -58.84 16.72 -3.16
C PRO A 24 -58.39 17.20 -1.79
N LEU A 25 -59.15 18.15 -1.23
CA LEU A 25 -58.76 18.70 0.07
C LEU A 25 -58.81 17.62 1.16
N CYS A 26 -59.86 16.81 1.16
CA CYS A 26 -59.94 15.73 2.14
C CYS A 26 -58.82 14.73 1.96
N PHE A 27 -58.49 14.41 0.71
CA PHE A 27 -57.41 13.47 0.42
C PHE A 27 -56.14 13.86 1.16
N GLU A 28 -55.82 15.15 1.14
CA GLU A 28 -54.56 15.61 1.74
C GLU A 28 -54.55 15.34 3.23
N GLN A 29 -55.59 15.76 3.95
CA GLN A 29 -55.66 15.62 5.39
C GLN A 29 -55.98 14.20 5.83
N THR A 30 -55.90 13.24 4.92
CA THR A 30 -56.19 11.84 5.22
C THR A 30 -54.98 10.94 5.07
N VAL A 31 -54.19 11.12 4.00
CA VAL A 31 -53.01 10.32 3.76
C VAL A 31 -51.75 11.17 3.72
N LEU A 32 -51.80 12.33 3.05
CA LEU A 32 -50.62 13.19 2.99
C LEU A 32 -50.22 13.71 4.36
N VAL A 33 -51.16 13.77 5.31
CA VAL A 33 -50.82 14.11 6.69
C VAL A 33 -50.58 12.87 7.54
N TRP A 34 -50.75 11.68 6.98
CA TRP A 34 -50.44 10.44 7.68
C TRP A 34 -49.09 9.88 7.30
N ILE A 35 -48.72 9.92 6.02
CA ILE A 35 -47.46 9.33 5.58
C ILE A 35 -46.28 9.88 6.37
N PRO A 36 -46.11 11.20 6.52
CA PRO A 36 -45.02 11.66 7.38
C PRO A 36 -45.27 11.41 8.84
N LEU A 37 -46.53 11.41 9.27
CA LEU A 37 -46.83 11.22 10.69
C LEU A 37 -46.63 9.78 11.10
N GLY A 38 -47.05 8.83 10.28
CA GLY A 38 -46.74 7.44 10.56
C GLY A 38 -45.25 7.19 10.67
N TYR A 39 -44.43 8.03 10.04
CA TYR A 39 -42.99 7.90 10.12
C TYR A 39 -42.53 7.92 11.57
N LEU A 40 -42.93 8.93 12.32
CA LEU A 40 -42.49 9.08 13.70
C LEU A 40 -42.96 7.92 14.56
N TRP A 41 -44.28 7.78 14.69
CA TRP A 41 -44.83 6.77 15.59
C TRP A 41 -44.30 5.39 15.23
N LEU A 42 -44.29 5.05 13.95
CA LEU A 42 -43.90 3.70 13.55
C LEU A 42 -42.42 3.43 13.78
N LEU A 43 -41.62 4.47 14.01
CA LEU A 43 -40.17 4.31 14.09
C LEU A 43 -39.55 5.02 15.26
N ALA A 44 -40.20 6.03 15.84
CA ALA A 44 -39.58 6.83 16.89
C ALA A 44 -39.09 5.99 18.06
N PRO A 45 -39.86 5.03 18.58
CA PRO A 45 -39.37 4.27 19.75
C PRO A 45 -38.02 3.64 19.50
N TRP A 46 -37.81 3.12 18.30
CA TRP A 46 -36.52 2.51 17.98
C TRP A 46 -35.40 3.52 18.11
N GLN A 47 -35.54 4.67 17.45
CA GLN A 47 -34.52 5.71 17.58
C GLN A 47 -34.47 6.26 19.00
N LEU A 48 -35.64 6.47 19.62
CA LEU A 48 -35.66 7.04 20.96
C LEU A 48 -34.95 6.13 21.95
N LEU A 49 -35.19 4.83 21.87
CA LEU A 49 -34.50 3.89 22.75
C LEU A 49 -33.06 3.66 22.29
N HIS A 50 -32.80 3.72 20.99
CA HIS A 50 -31.47 3.44 20.48
C HIS A 50 -30.44 4.38 21.08
N VAL A 51 -30.75 5.68 21.10
CA VAL A 51 -29.79 6.64 21.64
C VAL A 51 -29.60 6.42 23.13
N TYR A 52 -30.68 6.20 23.87
CA TYR A 52 -30.57 6.07 25.31
C TYR A 52 -29.77 4.83 25.71
N LYS A 53 -29.82 3.78 24.89
CA LYS A 53 -29.02 2.59 25.18
C LYS A 53 -27.54 2.93 25.23
N SER A 54 -27.06 3.67 24.23
CA SER A 54 -25.67 4.14 24.22
C SER A 54 -25.60 5.56 24.77
N ARG A 55 -26.09 5.72 26.00
CA ARG A 55 -26.08 7.03 26.64
C ARG A 55 -24.65 7.52 26.79
N THR A 56 -24.41 8.73 26.31
CA THR A 56 -23.09 9.34 26.30
C THR A 56 -23.03 10.44 27.36
N LYS A 57 -21.88 11.11 27.43
CA LYS A 57 -21.72 12.21 28.38
C LYS A 57 -22.77 13.29 28.10
N ARG A 58 -23.01 14.11 29.13
CA ARG A 58 -23.98 15.19 29.01
C ARG A 58 -23.65 16.07 27.81
N SER A 59 -24.63 16.87 27.41
CA SER A 59 -24.53 17.72 26.23
C SER A 59 -24.53 19.18 26.64
N SER A 60 -23.64 19.96 26.01
CA SER A 60 -23.59 21.39 26.22
C SER A 60 -24.75 22.05 25.47
N THR A 61 -25.49 22.90 26.17
CA THR A 61 -26.64 23.58 25.57
C THR A 61 -26.12 24.60 24.58
N THR A 62 -26.21 24.27 23.29
CA THR A 62 -25.74 25.17 22.25
C THR A 62 -26.71 26.33 22.05
N LYS A 63 -26.19 27.44 21.54
CA LYS A 63 -27.03 28.59 21.26
C LYS A 63 -28.11 28.24 20.24
N LEU A 64 -27.73 27.52 19.18
CA LEU A 64 -28.68 27.18 18.14
C LEU A 64 -29.71 26.17 18.63
N TYR A 65 -29.35 25.35 19.61
CA TYR A 65 -30.23 24.25 20.01
C TYR A 65 -31.58 24.77 20.48
N LEU A 66 -31.59 25.84 21.29
CA LEU A 66 -32.85 26.40 21.75
C LEU A 66 -33.69 26.89 20.57
N ALA A 67 -33.06 27.53 19.59
CA ALA A 67 -33.80 27.96 18.42
C ALA A 67 -34.58 26.82 17.81
N LYS A 68 -33.99 25.63 17.76
CA LYS A 68 -34.71 24.46 17.27
C LYS A 68 -35.90 24.13 18.16
N GLN A 69 -35.70 24.18 19.47
CA GLN A 69 -36.77 23.80 20.40
C GLN A 69 -37.90 24.81 20.37
N VAL A 70 -37.57 26.10 20.45
CA VAL A 70 -38.61 27.13 20.53
C VAL A 70 -39.48 27.11 19.28
N PHE A 71 -38.86 26.99 18.11
CA PHE A 71 -39.63 26.95 16.88
C PHE A 71 -40.56 25.74 16.87
N VAL A 72 -40.07 24.58 17.29
CA VAL A 72 -40.95 23.43 17.42
C VAL A 72 -42.00 23.70 18.49
N GLY A 73 -41.60 24.36 19.58
CA GLY A 73 -42.58 24.71 20.59
C GLY A 73 -43.71 25.54 20.03
N PHE A 74 -43.40 26.49 19.15
CA PHE A 74 -44.44 27.24 18.47
C PHE A 74 -45.41 26.31 17.77
N LEU A 75 -44.87 25.30 17.08
CA LEU A 75 -45.72 24.32 16.42
C LEU A 75 -46.64 23.61 17.40
N LEU A 76 -46.27 23.55 18.67
CA LEU A 76 -47.16 22.95 19.67
C LEU A 76 -48.29 23.90 20.03
N ILE A 77 -47.97 25.14 20.36
CA ILE A 77 -49.01 26.11 20.68
C ILE A 77 -49.79 26.46 19.43
N LEU A 78 -49.10 26.59 18.30
CA LEU A 78 -49.78 26.91 17.05
C LEU A 78 -50.86 25.89 16.74
N ALA A 79 -50.50 24.61 16.79
CA ALA A 79 -51.51 23.58 16.57
C ALA A 79 -52.52 23.56 17.71
N ALA A 80 -52.15 24.05 18.89
CA ALA A 80 -53.04 23.97 20.04
C ALA A 80 -54.24 24.88 19.85
N ILE A 81 -54.01 26.14 19.45
CA ILE A 81 -55.10 27.11 19.44
C ILE A 81 -56.17 26.70 18.43
N GLU A 82 -55.77 26.15 17.29
CA GLU A 82 -56.76 25.76 16.29
C GLU A 82 -57.68 24.68 16.84
N LEU A 83 -57.15 23.77 17.64
CA LEU A 83 -58.01 22.79 18.30
C LEU A 83 -59.02 23.49 19.20
N ALA A 84 -58.56 24.47 19.98
CA ALA A 84 -59.50 25.28 20.75
C ALA A 84 -60.45 26.03 19.81
N LEU A 85 -59.92 26.56 18.71
CA LEU A 85 -60.78 27.27 17.77
C LEU A 85 -61.88 26.36 17.26
N VAL A 86 -61.59 25.07 17.10
CA VAL A 86 -62.63 24.12 16.67
C VAL A 86 -63.75 24.08 17.70
N LEU A 87 -63.40 23.99 18.97
CA LEU A 87 -64.39 23.92 20.03
C LEU A 87 -64.82 25.29 20.53
N THR A 88 -64.00 26.33 20.31
CA THR A 88 -64.37 27.66 20.76
C THR A 88 -65.39 28.31 19.85
N GLU A 89 -65.34 28.03 18.55
CA GLU A 89 -66.25 28.64 17.58
C GLU A 89 -67.14 27.64 16.87
N ASP A 90 -66.81 26.35 16.86
CA ASP A 90 -67.57 25.33 16.16
C ASP A 90 -67.89 24.17 17.09
N SER A 91 -68.35 24.48 18.29
CA SER A 91 -68.75 23.46 19.25
C SER A 91 -70.26 23.34 19.46
N GLY A 92 -71.03 24.35 19.05
CA GLY A 92 -72.47 24.31 19.22
C GLY A 92 -73.22 24.45 17.93
N GLN A 93 -73.92 23.38 17.54
CA GLN A 93 -74.74 23.30 16.33
C GLN A 93 -73.91 23.28 15.05
N ALA A 94 -72.60 23.44 15.13
CA ALA A 94 -71.74 23.43 13.96
C ALA A 94 -71.26 22.02 13.69
N THR A 95 -71.66 21.46 12.54
CA THR A 95 -71.23 20.12 12.18
C THR A 95 -69.71 20.04 12.16
N VAL A 96 -69.16 19.19 13.02
CA VAL A 96 -67.71 19.08 13.18
C VAL A 96 -67.25 17.71 12.70
N PRO A 97 -66.71 17.59 11.49
CA PRO A 97 -66.20 16.29 11.04
C PRO A 97 -64.95 15.90 11.81
N ALA A 98 -64.65 14.60 11.75
CA ALA A 98 -63.52 14.07 12.51
C ALA A 98 -62.21 14.77 12.13
N VAL A 99 -62.12 15.30 10.90
CA VAL A 99 -60.89 15.95 10.49
C VAL A 99 -60.58 17.14 11.40
N ARG A 100 -61.60 17.91 11.75
CA ARG A 100 -61.39 19.04 12.65
C ARG A 100 -60.90 18.57 14.01
N TYR A 101 -61.16 17.32 14.38
CA TYR A 101 -60.68 16.79 15.66
C TYR A 101 -59.26 16.28 15.53
N THR A 102 -59.03 15.31 14.63
CA THR A 102 -57.73 14.66 14.56
C THR A 102 -56.63 15.62 14.14
N ASN A 103 -56.93 16.54 13.22
CA ASN A 103 -55.89 17.31 12.56
C ASN A 103 -54.94 17.97 13.56
N PRO A 104 -55.40 18.75 14.53
CA PRO A 104 -54.49 19.28 15.55
C PRO A 104 -54.14 18.28 16.64
N SER A 105 -55.09 17.45 17.06
CA SER A 105 -54.84 16.55 18.18
C SER A 105 -53.68 15.61 17.87
N LEU A 106 -53.70 14.98 16.70
CA LEU A 106 -52.58 14.12 16.33
C LEU A 106 -51.29 14.91 16.25
N TYR A 107 -51.34 16.11 15.68
CA TYR A 107 -50.16 16.96 15.66
C TYR A 107 -49.74 17.32 17.07
N LEU A 108 -50.69 17.67 17.94
CA LEU A 108 -50.37 18.05 19.30
C LEU A 108 -49.62 16.93 20.01
N GLY A 109 -50.12 15.71 19.87
CA GLY A 109 -49.42 14.57 20.46
C GLY A 109 -48.12 14.26 19.73
N THR A 110 -48.01 14.72 18.49
CA THR A 110 -46.81 14.43 17.71
C THR A 110 -45.70 15.43 18.01
N TRP A 111 -45.99 16.72 17.85
CA TRP A 111 -44.96 17.72 18.10
C TRP A 111 -44.37 17.53 19.50
N LEU A 112 -45.20 17.09 20.44
CA LEU A 112 -44.69 16.82 21.78
C LEU A 112 -43.55 15.82 21.72
N LEU A 113 -43.71 14.75 20.96
CA LEU A 113 -42.61 13.79 20.81
C LEU A 113 -41.41 14.47 20.17
N VAL A 114 -41.65 15.31 19.16
CA VAL A 114 -40.55 15.98 18.49
C VAL A 114 -39.66 16.68 19.51
N LEU A 115 -40.26 17.25 20.56
CA LEU A 115 -39.46 17.86 21.61
C LEU A 115 -38.52 16.85 22.25
N LEU A 116 -39.06 15.67 22.59
CA LEU A 116 -38.26 14.67 23.31
C LEU A 116 -37.15 14.13 22.41
N ILE A 117 -37.49 13.70 21.21
CA ILE A 117 -36.47 13.16 20.30
C ILE A 117 -35.42 14.22 20.02
N GLN A 118 -35.85 15.45 19.78
CA GLN A 118 -34.90 16.54 19.57
C GLN A 118 -34.15 16.87 20.85
N TYR A 119 -34.71 16.53 22.01
CA TYR A 119 -34.00 16.67 23.27
C TYR A 119 -33.03 15.52 23.50
N SER A 120 -33.54 14.28 23.47
CA SER A 120 -32.66 13.13 23.65
C SER A 120 -31.57 13.07 22.59
N ARG A 121 -31.80 13.71 21.44
CA ARG A 121 -30.75 13.75 20.42
C ARG A 121 -29.52 14.49 20.92
N GLN A 122 -29.65 15.30 21.97
CA GLN A 122 -28.50 16.05 22.46
C GLN A 122 -27.39 15.14 22.92
N TRP A 123 -27.74 14.09 23.67
CA TRP A 123 -26.73 13.20 24.25
C TRP A 123 -25.97 12.41 23.19
N CYS A 124 -26.49 12.30 21.98
CA CYS A 124 -25.79 11.56 20.94
C CYS A 124 -24.66 12.41 20.34
N VAL A 125 -23.70 11.72 19.73
CA VAL A 125 -22.57 12.42 19.14
C VAL A 125 -23.00 13.27 17.96
N GLN A 126 -23.85 12.73 17.09
CA GLN A 126 -24.31 13.44 15.91
C GLN A 126 -25.59 14.18 16.24
N LYS A 127 -25.57 15.50 16.07
CA LYS A 127 -26.64 16.34 16.59
C LYS A 127 -27.92 16.30 15.74
N ASN A 128 -27.82 16.10 14.43
CA ASN A 128 -28.97 16.08 13.55
C ASN A 128 -28.90 14.81 12.70
N SER A 129 -29.47 13.73 13.23
CA SER A 129 -29.36 12.44 12.58
C SER A 129 -30.30 12.37 11.38
N TRP A 130 -30.21 11.26 10.65
CA TRP A 130 -31.03 11.09 9.47
C TRP A 130 -32.51 11.06 9.82
N PHE A 131 -32.86 10.39 10.92
CA PHE A 131 -34.26 10.15 11.23
C PHE A 131 -35.06 11.45 11.25
N LEU A 132 -34.74 12.34 12.18
CA LEU A 132 -35.50 13.57 12.29
C LEU A 132 -35.38 14.42 11.04
N SER A 133 -34.18 14.51 10.48
CA SER A 133 -33.98 15.39 9.34
C SER A 133 -34.85 14.97 8.17
N LEU A 134 -34.94 13.67 7.89
CA LEU A 134 -35.78 13.21 6.80
C LEU A 134 -37.25 13.54 7.04
N PHE A 135 -37.66 13.61 8.30
CA PHE A 135 -39.06 13.90 8.58
C PHE A 135 -39.47 15.24 8.00
N TRP A 136 -38.64 16.26 8.18
CA TRP A 136 -38.97 17.58 7.65
C TRP A 136 -39.11 17.54 6.14
N ILE A 137 -38.13 16.96 5.45
CA ILE A 137 -38.23 16.85 4.00
C ILE A 137 -39.43 16.02 3.61
N LEU A 138 -39.60 14.86 4.26
CA LEU A 138 -40.75 14.02 3.95
C LEU A 138 -42.07 14.69 4.30
N SER A 139 -42.06 15.63 5.24
CA SER A 139 -43.29 16.33 5.62
C SER A 139 -43.51 17.53 4.72
N ILE A 140 -42.47 18.34 4.51
CA ILE A 140 -42.63 19.57 3.75
C ILE A 140 -43.06 19.25 2.32
N LEU A 141 -42.38 18.29 1.69
CA LEU A 141 -42.76 17.90 0.33
C LEU A 141 -44.19 17.38 0.29
N CYS A 142 -44.55 16.48 1.21
CA CYS A 142 -45.92 15.97 1.27
C CYS A 142 -46.90 17.08 1.62
N GLY A 143 -46.52 17.95 2.55
CA GLY A 143 -47.39 19.03 2.97
C GLY A 143 -47.49 20.11 1.91
N THR A 144 -46.60 20.08 0.93
CA THR A 144 -46.63 21.09 -0.14
C THR A 144 -47.95 21.03 -0.89
N PHE A 145 -48.42 19.82 -1.21
CA PHE A 145 -49.66 19.68 -1.95
C PHE A 145 -50.80 20.41 -1.25
N GLN A 146 -50.78 20.42 0.08
CA GLN A 146 -51.77 21.22 0.80
C GLN A 146 -51.57 22.71 0.53
N PHE A 147 -50.33 23.18 0.58
CA PHE A 147 -50.09 24.61 0.44
C PHE A 147 -50.75 25.15 -0.81
N GLN A 148 -50.53 24.47 -1.95
CA GLN A 148 -51.04 24.97 -3.21
C GLN A 148 -52.57 25.03 -3.22
N THR A 149 -53.23 23.98 -2.72
CA THR A 149 -54.69 23.95 -2.82
C THR A 149 -55.32 25.02 -1.95
N LEU A 150 -54.72 25.31 -0.79
CA LEU A 150 -55.22 26.40 0.04
C LEU A 150 -55.13 27.73 -0.68
N ILE A 151 -54.05 27.95 -1.43
CA ILE A 151 -53.93 29.18 -2.20
C ILE A 151 -55.07 29.28 -3.20
N ARG A 152 -55.32 28.20 -3.93
CA ARG A 152 -56.33 28.20 -4.99
C ARG A 152 -57.70 28.61 -4.46
N THR A 153 -58.17 27.96 -3.39
CA THR A 153 -59.45 28.37 -2.81
C THR A 153 -59.36 29.78 -2.26
N LEU A 154 -58.26 30.10 -1.57
CA LEU A 154 -58.12 31.42 -0.97
C LEU A 154 -57.98 32.49 -2.04
N LEU A 155 -57.08 32.27 -3.01
CA LEU A 155 -56.76 33.31 -3.98
C LEU A 155 -57.96 33.61 -4.87
N GLN A 156 -58.61 32.56 -5.40
CA GLN A 156 -59.73 32.79 -6.31
C GLN A 156 -60.88 33.50 -5.60
N GLY A 157 -61.08 33.22 -4.33
CA GLY A 157 -62.14 33.85 -3.57
C GLY A 157 -62.01 33.66 -2.08
N ASP A 158 -62.17 34.73 -1.31
CA ASP A 158 -62.06 34.64 0.13
C ASP A 158 -63.15 33.73 0.69
N ASN A 159 -62.80 33.02 1.76
CA ASN A 159 -63.72 32.09 2.39
C ASN A 159 -63.63 32.25 3.90
N SER A 160 -64.31 31.35 4.62
CA SER A 160 -64.25 31.35 6.07
C SER A 160 -63.17 30.44 6.60
N ASN A 161 -62.32 29.89 5.75
CA ASN A 161 -61.30 28.94 6.18
C ASN A 161 -60.04 29.63 6.70
N LEU A 162 -60.01 30.96 6.72
CA LEU A 162 -58.87 31.66 7.32
C LEU A 162 -58.64 31.20 8.74
N ALA A 163 -59.71 30.77 9.42
CA ALA A 163 -59.57 30.25 10.77
C ALA A 163 -58.50 29.16 10.84
N TYR A 164 -58.44 28.31 9.81
CA TYR A 164 -57.46 27.24 9.75
C TYR A 164 -56.41 27.44 8.68
N SER A 165 -56.78 28.04 7.54
CA SER A 165 -55.82 28.22 6.46
C SER A 165 -54.65 29.09 6.90
N CYS A 166 -54.94 30.26 7.46
CA CYS A 166 -53.87 31.18 7.84
C CYS A 166 -52.93 30.54 8.85
N LEU A 167 -53.48 29.83 9.83
CA LEU A 167 -52.63 29.17 10.81
C LEU A 167 -51.75 28.12 10.15
N PHE A 168 -52.30 27.37 9.19
CA PHE A 168 -51.53 26.34 8.53
C PHE A 168 -50.26 26.89 7.92
N PHE A 169 -50.34 28.08 7.32
CA PHE A 169 -49.17 28.66 6.67
C PHE A 169 -48.03 28.85 7.66
N ILE A 170 -48.34 29.38 8.84
CA ILE A 170 -47.30 29.55 9.85
C ILE A 170 -46.72 28.21 10.25
N SER A 171 -47.59 27.22 10.47
CA SER A 171 -47.11 25.89 10.81
C SER A 171 -46.17 25.35 9.74
N TYR A 172 -46.61 25.40 8.48
CA TYR A 172 -45.72 25.01 7.39
C TYR A 172 -44.54 25.97 7.29
N GLY A 173 -44.78 27.27 7.49
CA GLY A 173 -43.73 28.24 7.32
C GLY A 173 -42.53 27.95 8.20
N PHE A 174 -42.77 27.61 9.46
CA PHE A 174 -41.66 27.29 10.34
C PHE A 174 -40.91 26.05 9.87
N GLN A 175 -41.64 25.07 9.33
CA GLN A 175 -40.99 23.84 8.89
C GLN A 175 -39.84 24.15 7.95
N ILE A 176 -40.03 25.06 7.00
CA ILE A 176 -38.92 25.52 6.18
C ILE A 176 -37.82 26.05 7.08
N LEU A 177 -38.18 26.92 8.03
CA LEU A 177 -37.18 27.53 8.89
C LEU A 177 -36.49 26.48 9.76
N ILE A 178 -37.26 25.53 10.27
CA ILE A 178 -36.67 24.50 11.13
C ILE A 178 -35.63 23.71 10.36
N LEU A 179 -35.92 23.37 9.11
CA LEU A 179 -34.98 22.55 8.34
C LEU A 179 -33.62 23.22 8.25
N ILE A 180 -33.59 24.51 7.93
CA ILE A 180 -32.31 25.20 7.78
C ILE A 180 -31.56 25.17 9.10
N PHE A 181 -32.26 25.47 10.19
CA PHE A 181 -31.61 25.46 11.50
C PHE A 181 -31.19 24.05 11.90
N SER A 182 -31.93 23.03 11.45
CA SER A 182 -31.69 21.66 11.89
C SER A 182 -30.79 20.89 10.93
N ALA A 183 -31.21 20.73 9.69
CA ALA A 183 -30.56 19.79 8.79
C ALA A 183 -29.19 20.25 8.34
N PHE A 184 -28.86 21.53 8.47
CA PHE A 184 -27.58 22.03 7.99
C PHE A 184 -26.63 22.38 9.13
N SER A 185 -27.05 23.25 10.05
CA SER A 185 -26.14 23.74 11.07
C SER A 185 -25.56 22.59 11.88
N GLU A 186 -24.26 22.64 12.11
CA GLU A 186 -23.56 21.63 12.90
C GLU A 186 -22.43 22.31 13.65
N ASN A 187 -22.28 21.98 14.92
CA ASN A 187 -21.21 22.58 15.71
C ASN A 187 -21.06 21.80 17.01
N ASN A 188 -19.82 21.61 17.43
CA ASN A 188 -19.50 20.90 18.67
C ASN A 188 -17.98 20.95 18.83
N GLU A 189 -17.53 20.75 20.06
CA GLU A 189 -16.10 20.75 20.40
C GLU A 189 -15.74 19.33 20.85
N SER A 190 -15.44 18.46 19.90
CA SER A 190 -15.05 17.09 20.21
C SER A 190 -14.70 16.37 18.92
N SER A 191 -14.00 15.24 19.07
CA SER A 191 -13.74 14.29 17.99
C SER A 191 -12.68 14.78 17.02
N ASN A 192 -12.25 16.04 17.15
CA ASN A 192 -11.18 16.61 16.33
C ASN A 192 -11.37 16.32 14.84
N ASN A 193 -12.61 16.14 14.39
CA ASN A 193 -12.86 15.90 12.97
C ASN A 193 -14.33 16.11 12.65
N PRO A 194 -14.66 16.90 11.63
CA PRO A 194 -16.08 17.04 11.27
C PRO A 194 -16.70 15.74 10.79
N SER A 195 -15.90 14.75 10.42
CA SER A 195 -16.45 13.53 9.84
C SER A 195 -17.55 12.94 10.70
N SER A 196 -17.37 12.96 12.03
CA SER A 196 -18.37 12.44 12.95
C SER A 196 -19.34 13.49 13.45
N ILE A 197 -19.16 14.75 13.08
CA ILE A 197 -20.06 15.82 13.52
C ILE A 197 -20.53 16.59 12.30
N ALA A 198 -21.68 16.19 11.75
CA ALA A 198 -22.24 16.89 10.61
C ALA A 198 -23.68 16.45 10.44
N SER A 199 -24.58 17.42 10.34
CA SER A 199 -25.99 17.11 10.16
C SER A 199 -26.18 16.23 8.94
N PHE A 200 -27.06 15.23 9.07
CA PHE A 200 -27.25 14.26 8.00
C PHE A 200 -27.33 14.93 6.64
N LEU A 201 -28.22 15.92 6.50
CA LEU A 201 -28.37 16.57 5.21
C LEU A 201 -27.06 17.18 4.72
N SER A 202 -26.14 17.49 5.63
CA SER A 202 -24.82 17.97 5.26
C SER A 202 -23.78 16.85 5.25
N SER A 203 -24.17 15.62 5.53
CA SER A 203 -23.25 14.49 5.49
C SER A 203 -23.50 13.58 4.31
N ILE A 204 -24.41 13.94 3.41
CA ILE A 204 -24.58 13.26 2.13
C ILE A 204 -24.14 14.11 0.96
N THR A 205 -24.06 15.43 1.13
CA THR A 205 -23.44 16.31 0.15
C THR A 205 -21.99 16.60 0.49
N TYR A 206 -21.44 15.94 1.50
CA TYR A 206 -20.06 16.12 1.90
C TYR A 206 -19.70 17.58 2.00
N SER A 207 -20.66 18.41 2.41
CA SER A 207 -20.34 19.82 2.62
C SER A 207 -19.32 19.99 3.73
N TRP A 208 -19.21 19.03 4.64
CA TRP A 208 -18.24 19.15 5.73
C TRP A 208 -16.81 19.02 5.22
N TYR A 209 -16.61 18.62 3.98
CA TYR A 209 -15.28 18.50 3.41
C TYR A 209 -14.81 19.77 2.72
N ASP A 210 -15.61 20.84 2.76
CA ASP A 210 -15.18 22.08 2.12
C ASP A 210 -13.89 22.61 2.74
N SER A 211 -13.66 22.32 4.02
CA SER A 211 -12.51 22.89 4.71
C SER A 211 -11.20 22.45 4.04
N ILE A 212 -11.06 21.15 3.78
CA ILE A 212 -9.80 20.64 3.25
C ILE A 212 -9.54 21.21 1.86
N ILE A 213 -10.56 21.15 1.00
CA ILE A 213 -10.35 21.56 -0.39
C ILE A 213 -9.97 23.03 -0.47
N LEU A 214 -10.68 23.87 0.29
CA LEU A 214 -10.34 25.29 0.29
C LEU A 214 -8.92 25.52 0.77
N LYS A 215 -8.47 24.75 1.76
CA LYS A 215 -7.08 24.84 2.20
C LYS A 215 -6.14 24.50 1.06
N GLY A 216 -6.47 23.45 0.31
CA GLY A 216 -5.58 23.02 -0.76
C GLY A 216 -5.35 24.09 -1.81
N TYR A 217 -6.42 24.78 -2.21
CA TYR A 217 -6.28 25.80 -3.24
C TYR A 217 -5.35 26.92 -2.79
N LYS A 218 -5.51 27.37 -1.55
CA LYS A 218 -4.72 28.49 -1.05
C LYS A 218 -3.28 28.13 -0.77
N ARG A 219 -2.96 26.85 -0.61
CA ARG A 219 -1.61 26.42 -0.29
C ARG A 219 -1.56 24.90 -0.37
N PRO A 220 -0.39 24.33 -0.61
CA PRO A 220 -0.28 22.87 -0.64
C PRO A 220 -0.66 22.28 0.72
N LEU A 221 -1.35 21.15 0.68
CA LEU A 221 -1.71 20.47 1.91
C LEU A 221 -0.45 19.98 2.63
N THR A 222 -0.65 19.40 3.80
CA THR A 222 0.47 18.83 4.56
C THR A 222 -0.07 17.70 5.41
N LEU A 223 0.85 16.85 5.88
CA LEU A 223 0.45 15.68 6.63
C LEU A 223 -0.31 16.04 7.91
N GLU A 224 -0.20 17.28 8.38
CA GLU A 224 -0.89 17.71 9.59
C GLU A 224 -2.25 18.35 9.31
N ASP A 225 -2.61 18.56 8.05
CA ASP A 225 -3.86 19.21 7.69
C ASP A 225 -4.92 18.21 7.23
N VAL A 226 -4.86 16.98 7.74
CA VAL A 226 -5.87 15.97 7.48
C VAL A 226 -6.26 15.35 8.81
N TRP A 227 -7.55 15.24 9.06
CA TRP A 227 -8.02 14.76 10.35
C TRP A 227 -7.85 13.26 10.47
N GLU A 228 -7.46 12.82 11.66
CA GLU A 228 -7.27 11.39 11.90
C GLU A 228 -8.60 10.65 11.76
N VAL A 229 -8.52 9.45 11.18
CA VAL A 229 -9.73 8.70 10.87
C VAL A 229 -10.52 8.42 12.14
N ASP A 230 -11.84 8.38 12.01
CA ASP A 230 -12.70 8.12 13.15
C ASP A 230 -12.40 6.74 13.74
N GLU A 231 -12.76 6.57 15.02
CA GLU A 231 -12.43 5.35 15.73
C GLU A 231 -13.17 4.14 15.19
N GLU A 232 -14.17 4.32 14.33
CA GLU A 232 -14.87 3.17 13.78
C GLU A 232 -13.92 2.24 13.04
N MET A 233 -13.02 2.81 12.25
CA MET A 233 -12.02 2.04 11.52
C MET A 233 -10.63 2.55 11.90
N LYS A 234 -10.12 2.04 13.02
CA LYS A 234 -8.77 2.33 13.49
C LYS A 234 -8.05 1.00 13.60
N THR A 235 -6.83 0.94 13.05
CA THR A 235 -6.11 -0.33 12.92
C THR A 235 -6.25 -1.24 14.13
N LYS A 236 -6.26 -0.67 15.34
CA LYS A 236 -6.43 -1.51 16.52
C LYS A 236 -7.77 -2.23 16.50
N THR A 237 -8.84 -1.51 16.17
CA THR A 237 -10.15 -2.15 16.12
C THR A 237 -10.23 -3.18 15.01
N LEU A 238 -9.71 -2.86 13.84
CA LEU A 238 -9.80 -3.78 12.70
C LEU A 238 -9.08 -5.08 13.00
N VAL A 239 -7.83 -5.00 13.45
CA VAL A 239 -7.05 -6.21 13.67
C VAL A 239 -7.74 -7.09 14.69
N SER A 240 -8.19 -6.51 15.80
CA SER A 240 -8.88 -7.29 16.82
C SER A 240 -10.16 -7.90 16.27
N LYS A 241 -10.93 -7.13 15.51
CA LYS A 241 -12.16 -7.65 14.94
C LYS A 241 -11.89 -8.73 13.92
N PHE A 242 -10.95 -8.49 13.01
CA PHE A 242 -10.70 -9.45 11.93
C PHE A 242 -10.06 -10.73 12.48
N GLU A 243 -9.18 -10.61 13.47
CA GLU A 243 -8.42 -11.76 13.92
C GLU A 243 -9.33 -12.87 14.43
N THR A 244 -10.24 -12.54 15.34
CA THR A 244 -11.06 -13.58 15.97
C THR A 244 -11.78 -14.42 14.93
N HIS A 245 -12.17 -13.81 13.81
CA HIS A 245 -12.77 -14.59 12.73
C HIS A 245 -11.71 -15.39 11.98
N MET A 246 -10.54 -14.78 11.73
CA MET A 246 -9.51 -15.48 10.99
C MET A 246 -9.07 -16.73 11.74
N LYS A 247 -8.90 -16.62 13.06
CA LYS A 247 -8.42 -17.76 13.83
C LYS A 247 -9.39 -18.92 13.72
N ARG A 248 -10.69 -18.65 13.86
CA ARG A 248 -11.68 -19.72 13.77
C ARG A 248 -11.65 -20.37 12.40
N GLU A 249 -11.64 -19.55 11.34
CA GLU A 249 -11.62 -20.11 9.99
C GLU A 249 -10.35 -20.91 9.75
N LEU A 250 -9.22 -20.38 10.19
CA LEU A 250 -7.96 -21.09 10.00
C LEU A 250 -8.02 -22.46 10.66
N GLN A 251 -8.54 -22.53 11.88
CA GLN A 251 -8.64 -23.81 12.57
C GLN A 251 -9.44 -24.81 11.74
N LYS A 252 -10.64 -24.42 11.33
CA LYS A 252 -11.49 -25.32 10.56
C LYS A 252 -10.75 -25.86 9.35
N ALA A 253 -10.05 -24.98 8.63
CA ALA A 253 -9.22 -25.44 7.53
C ALA A 253 -8.10 -26.35 8.03
N ARG A 254 -7.49 -25.99 9.16
CA ARG A 254 -6.42 -26.81 9.72
C ARG A 254 -6.92 -28.21 10.04
N ARG A 255 -8.02 -28.30 10.80
CA ARG A 255 -8.60 -29.61 11.07
C ARG A 255 -9.08 -30.27 9.79
N ALA A 256 -9.51 -29.47 8.81
CA ALA A 256 -9.95 -30.06 7.54
C ALA A 256 -8.82 -30.79 6.84
N LEU A 257 -7.62 -30.20 6.84
CA LEU A 257 -6.50 -30.82 6.15
C LEU A 257 -6.13 -32.17 6.73
N GLN A 258 -6.47 -32.43 7.99
CA GLN A 258 -6.13 -33.71 8.59
C GLN A 258 -6.77 -34.88 7.85
N ARG A 259 -7.94 -34.65 7.25
CA ARG A 259 -8.64 -35.74 6.56
C ARG A 259 -7.87 -36.15 5.31
N ARG A 260 -7.48 -35.18 4.48
CA ARG A 260 -6.81 -35.51 3.23
C ARG A 260 -5.42 -36.11 3.47
N GLN A 261 -4.69 -35.59 4.46
CA GLN A 261 -3.31 -36.02 4.65
C GLN A 261 -3.24 -37.50 4.96
N GLU A 262 -4.13 -38.00 5.82
CA GLU A 262 -4.10 -39.41 6.20
C GLU A 262 -4.54 -40.34 5.08
N LYS A 263 -5.07 -39.82 3.98
CA LYS A 263 -5.48 -40.65 2.86
C LYS A 263 -4.34 -41.55 2.41
N SER A 308 -7.81 -22.13 1.51
CA SER A 308 -9.10 -21.79 0.92
C SER A 308 -10.07 -21.29 1.98
N TRP A 309 -9.64 -20.31 2.77
CA TRP A 309 -10.43 -19.85 3.91
C TRP A 309 -10.52 -18.33 4.00
N LEU A 310 -9.55 -17.62 3.42
CA LEU A 310 -9.49 -16.18 3.64
C LEU A 310 -10.75 -15.48 3.17
N MET A 311 -11.17 -15.73 1.93
CA MET A 311 -12.35 -15.05 1.42
C MET A 311 -13.55 -15.30 2.33
N LYS A 312 -13.64 -16.48 2.93
CA LYS A 312 -14.70 -16.74 3.89
C LYS A 312 -14.55 -15.83 5.11
N ALA A 313 -13.33 -15.68 5.62
CA ALA A 313 -13.13 -14.90 6.84
C ALA A 313 -13.52 -13.44 6.64
N LEU A 314 -13.13 -12.85 5.51
CA LEU A 314 -13.44 -11.44 5.29
C LEU A 314 -14.95 -11.22 5.23
N PHE A 315 -15.68 -12.10 4.54
CA PHE A 315 -17.12 -11.94 4.47
C PHE A 315 -17.76 -12.05 5.85
N LYS A 316 -17.31 -13.03 6.64
CA LYS A 316 -17.92 -13.25 7.95
C LYS A 316 -17.61 -12.15 8.95
N THR A 317 -16.64 -11.29 8.68
CA THR A 317 -16.29 -10.21 9.59
C THR A 317 -16.84 -8.86 9.14
N PHE A 318 -17.32 -8.74 7.90
CA PHE A 318 -18.00 -7.54 7.43
C PHE A 318 -19.39 -7.95 6.95
N TYR A 319 -20.32 -8.06 7.89
CA TYR A 319 -21.70 -8.32 7.54
C TYR A 319 -22.37 -7.06 7.03
N MET A 320 -22.42 -6.04 7.87
CA MET A 320 -23.22 -4.85 7.57
C MET A 320 -22.70 -4.14 6.34
N VAL A 321 -21.43 -3.75 6.35
CA VAL A 321 -20.92 -2.88 5.30
C VAL A 321 -21.12 -3.49 3.92
N LEU A 322 -21.24 -4.81 3.83
CA LEU A 322 -21.62 -5.42 2.57
C LEU A 322 -23.14 -5.36 2.39
N LEU A 323 -23.88 -5.79 3.41
CA LEU A 323 -25.35 -5.77 3.32
C LEU A 323 -25.87 -4.36 3.13
N LYS A 324 -25.31 -3.39 3.86
CA LYS A 324 -25.79 -2.02 3.74
C LYS A 324 -25.66 -1.52 2.32
N SER A 325 -24.54 -1.78 1.67
CA SER A 325 -24.37 -1.34 0.29
C SER A 325 -25.37 -2.03 -0.62
N PHE A 326 -25.56 -3.34 -0.45
CA PHE A 326 -26.48 -4.08 -1.29
C PHE A 326 -27.85 -3.41 -1.32
N LEU A 327 -28.45 -3.22 -0.14
CA LEU A 327 -29.75 -2.56 -0.09
C LEU A 327 -29.68 -1.14 -0.62
N LEU A 328 -28.50 -0.53 -0.63
CA LEU A 328 -28.33 0.79 -1.20
C LEU A 328 -28.01 0.75 -2.69
N LYS A 329 -27.80 -0.43 -3.26
CA LYS A 329 -27.61 -0.57 -4.69
C LYS A 329 -28.94 -0.72 -5.42
N LEU A 330 -29.85 -1.52 -4.85
CA LEU A 330 -31.15 -1.69 -5.48
C LEU A 330 -31.87 -0.36 -5.61
N VAL A 331 -31.82 0.47 -4.57
CA VAL A 331 -32.44 1.79 -4.65
C VAL A 331 -31.84 2.59 -5.78
N ASN A 332 -30.51 2.56 -5.92
CA ASN A 332 -29.89 3.24 -7.04
C ASN A 332 -30.35 2.65 -8.36
N ASP A 333 -30.42 1.32 -8.44
CA ASP A 333 -30.81 0.68 -9.68
C ASP A 333 -32.25 1.03 -10.06
N ILE A 334 -33.14 1.08 -9.08
CA ILE A 334 -34.53 1.44 -9.36
C ILE A 334 -34.60 2.81 -10.00
N PHE A 335 -33.87 3.78 -9.45
CA PHE A 335 -33.85 5.12 -10.02
C PHE A 335 -33.11 5.19 -11.34
N THR A 336 -32.38 4.13 -11.72
CA THR A 336 -31.75 4.13 -13.03
C THR A 336 -32.79 3.98 -14.14
N PHE A 337 -33.93 3.36 -13.85
CA PHE A 337 -35.00 3.21 -14.82
C PHE A 337 -36.15 4.17 -14.58
N VAL A 338 -36.15 4.92 -13.48
CA VAL A 338 -37.12 5.98 -13.32
C VAL A 338 -36.82 7.12 -14.27
N SER A 339 -35.55 7.51 -14.36
CA SER A 339 -35.21 8.67 -15.19
C SER A 339 -35.55 8.45 -16.65
N PRO A 340 -35.15 7.36 -17.30
CA PRO A 340 -35.49 7.20 -18.72
C PRO A 340 -36.99 7.23 -18.97
N GLN A 341 -37.78 6.63 -18.08
CA GLN A 341 -39.23 6.66 -18.26
C GLN A 341 -39.74 8.10 -18.18
N LEU A 342 -39.21 8.88 -17.25
CA LEU A 342 -39.63 10.27 -17.14
C LEU A 342 -39.37 11.03 -18.43
N LEU A 343 -38.24 10.74 -19.08
CA LEU A 343 -37.98 11.36 -20.38
C LEU A 343 -39.08 11.01 -21.37
N LYS A 344 -39.50 9.75 -21.38
CA LYS A 344 -40.57 9.33 -22.29
C LYS A 344 -41.86 10.08 -22.00
N LEU A 345 -42.20 10.23 -20.72
CA LEU A 345 -43.38 11.01 -20.37
C LEU A 345 -43.24 12.46 -20.78
N LEU A 346 -42.01 12.97 -20.81
CA LEU A 346 -41.80 14.35 -21.24
C LEU A 346 -41.99 14.49 -22.73
N ILE A 347 -41.43 13.56 -23.51
CA ILE A 347 -41.54 13.63 -24.96
C ILE A 347 -43.01 13.56 -25.38
N SER A 348 -43.74 12.60 -24.81
CA SER A 348 -45.16 12.47 -25.13
C SER A 348 -45.91 13.75 -24.83
N PHE A 349 -45.63 14.37 -23.68
CA PHE A 349 -46.21 15.67 -23.39
C PHE A 349 -45.72 16.72 -24.39
N ALA A 350 -44.43 16.68 -24.71
CA ALA A 350 -43.88 17.66 -25.64
C ALA A 350 -44.49 17.50 -27.03
N SER A 351 -44.47 16.27 -27.55
CA SER A 351 -44.99 16.03 -28.89
C SER A 351 -46.48 16.36 -28.95
N ASP A 352 -47.24 15.92 -27.95
CA ASP A 352 -48.66 16.22 -27.91
C ASP A 352 -48.88 17.69 -27.55
N ARG A 353 -50.04 18.20 -27.93
CA ARG A 353 -50.39 19.60 -27.69
C ARG A 353 -51.56 19.77 -26.74
N ASP A 354 -52.57 18.89 -26.82
CA ASP A 354 -53.73 19.02 -25.95
C ASP A 354 -53.42 18.72 -24.50
N THR A 355 -52.25 18.17 -24.19
CA THR A 355 -51.91 17.86 -22.81
C THR A 355 -51.80 19.14 -21.99
N TYR A 356 -52.07 18.99 -20.69
CA TYR A 356 -52.12 20.13 -19.79
C TYR A 356 -50.75 20.40 -19.20
N LEU A 357 -50.53 21.66 -18.80
CA LEU A 357 -49.27 22.01 -18.15
C LEU A 357 -49.09 21.23 -16.86
N TRP A 358 -50.18 20.79 -16.24
CA TRP A 358 -50.08 20.05 -14.99
C TRP A 358 -49.15 18.85 -15.13
N ILE A 359 -49.39 18.03 -16.16
CA ILE A 359 -48.51 16.89 -16.40
C ILE A 359 -47.17 17.33 -16.97
N GLY A 360 -47.08 18.57 -17.45
CA GLY A 360 -45.84 19.07 -18.02
C GLY A 360 -44.85 19.50 -16.96
N TYR A 361 -45.19 20.52 -16.19
CA TYR A 361 -44.29 21.01 -15.16
C TYR A 361 -43.98 19.92 -14.14
N LEU A 362 -45.01 19.17 -13.73
CA LEU A 362 -44.79 18.13 -12.74
C LEU A 362 -43.77 17.11 -13.21
N CYS A 363 -43.77 16.79 -14.50
CA CYS A 363 -42.75 15.88 -15.02
C CYS A 363 -41.36 16.50 -14.91
N ALA A 364 -41.25 17.80 -15.17
CA ALA A 364 -39.94 18.45 -15.10
C ALA A 364 -39.35 18.35 -13.70
N ILE A 365 -40.18 18.61 -12.68
CA ILE A 365 -39.69 18.54 -11.31
C ILE A 365 -39.18 17.14 -11.00
N LEU A 366 -39.97 16.13 -11.35
CA LEU A 366 -39.54 14.75 -11.10
C LEU A 366 -38.26 14.43 -11.87
N LEU A 367 -38.08 15.04 -13.04
CA LEU A 367 -36.82 14.84 -13.76
C LEU A 367 -35.64 15.37 -12.96
N PHE A 368 -35.88 16.27 -12.01
CA PHE A 368 -34.83 16.80 -11.15
C PHE A 368 -34.74 16.03 -9.85
N THR A 369 -35.86 15.93 -9.12
CA THR A 369 -35.85 15.24 -7.83
C THR A 369 -35.48 13.78 -7.99
N ALA A 370 -36.04 13.11 -9.00
CA ALA A 370 -35.72 11.70 -9.20
C ALA A 370 -34.23 11.51 -9.46
N ALA A 371 -33.64 12.35 -10.29
CA ALA A 371 -32.21 12.24 -10.55
C ALA A 371 -31.40 12.76 -9.37
N LEU A 372 -31.88 13.80 -8.70
CA LEU A 372 -31.15 14.35 -7.56
C LEU A 372 -30.95 13.30 -6.48
N ILE A 373 -32.02 12.57 -6.15
CA ILE A 373 -31.89 11.52 -5.15
C ILE A 373 -30.94 10.44 -5.63
N GLN A 374 -30.91 10.18 -6.94
CA GLN A 374 -30.00 9.16 -7.45
C GLN A 374 -28.55 9.52 -7.16
N SER A 375 -28.19 10.79 -7.35
CA SER A 375 -26.82 11.21 -7.05
C SER A 375 -26.50 10.99 -5.58
N PHE A 376 -27.41 11.38 -4.69
CA PHE A 376 -27.18 11.18 -3.27
C PHE A 376 -27.09 9.71 -2.92
N CYS A 377 -27.96 8.89 -3.51
CA CYS A 377 -27.93 7.46 -3.19
C CYS A 377 -26.70 6.80 -3.78
N LEU A 378 -26.32 7.16 -5.01
CA LEU A 378 -25.16 6.54 -5.63
C LEU A 378 -23.89 6.88 -4.85
N GLN A 379 -23.56 8.17 -4.76
CA GLN A 379 -22.34 8.56 -4.06
C GLN A 379 -22.33 8.06 -2.63
N CYS A 380 -23.50 8.01 -1.99
CA CYS A 380 -23.59 7.49 -0.63
C CYS A 380 -23.33 5.99 -0.64
N TYR A 381 -23.31 5.37 -1.81
CA TYR A 381 -22.97 3.97 -1.94
C TYR A 381 -21.49 3.75 -2.26
N PHE A 382 -20.94 4.53 -3.18
CA PHE A 382 -19.52 4.38 -3.49
C PHE A 382 -18.68 4.60 -2.24
N GLN A 383 -18.99 5.64 -1.48
CA GLN A 383 -18.25 5.91 -0.26
C GLN A 383 -18.54 4.93 0.80
N LEU A 384 -19.51 4.04 0.58
CA LEU A 384 -19.73 2.92 1.47
C LEU A 384 -18.97 1.66 1.05
N CYS A 385 -18.47 1.62 -0.18
CA CYS A 385 -17.65 0.50 -0.63
C CYS A 385 -16.17 0.80 -0.48
N PHE A 386 -15.71 1.96 -0.98
CA PHE A 386 -14.31 2.30 -0.84
C PHE A 386 -13.87 2.23 0.62
N LYS A 387 -14.75 2.64 1.54
CA LYS A 387 -14.45 2.44 2.95
C LYS A 387 -14.18 0.98 3.22
N LEU A 388 -15.05 0.09 2.72
CA LEU A 388 -14.78 -1.34 2.85
C LEU A 388 -13.51 -1.74 2.12
N GLY A 389 -13.07 -0.96 1.14
CA GLY A 389 -11.83 -1.24 0.46
C GLY A 389 -10.63 -0.83 1.28
N VAL A 390 -10.69 0.33 1.92
CA VAL A 390 -9.58 0.81 2.73
C VAL A 390 -9.69 0.23 4.13
N LYS A 391 -10.79 -0.46 4.42
CA LYS A 391 -10.96 -1.16 5.68
C LYS A 391 -10.54 -2.61 5.60
N VAL A 392 -10.42 -3.18 4.41
CA VAL A 392 -9.84 -4.51 4.24
C VAL A 392 -8.38 -4.44 3.81
N ARG A 393 -7.90 -3.30 3.33
CA ARG A 393 -6.49 -3.13 3.03
C ARG A 393 -5.68 -2.75 4.25
N THR A 394 -6.32 -2.66 5.43
CA THR A 394 -5.60 -2.47 6.67
C THR A 394 -5.58 -3.71 7.54
N ALA A 395 -6.62 -4.53 7.51
CA ALA A 395 -6.55 -5.82 8.19
C ALA A 395 -5.47 -6.68 7.58
N ILE A 396 -5.41 -6.76 6.25
CA ILE A 396 -4.38 -7.54 5.59
C ILE A 396 -3.02 -6.89 5.79
N MET A 397 -2.94 -5.59 5.55
CA MET A 397 -1.66 -4.89 5.67
C MET A 397 -1.16 -4.83 7.10
N ALA A 398 -1.98 -5.18 8.08
CA ALA A 398 -1.55 -5.30 9.46
C ALA A 398 -1.39 -6.74 9.92
N SER A 399 -2.28 -7.63 9.48
CA SER A 399 -2.10 -9.04 9.82
C SER A 399 -0.85 -9.61 9.18
N VAL A 400 -0.48 -9.13 7.99
CA VAL A 400 0.73 -9.61 7.35
C VAL A 400 1.94 -9.34 8.24
N TYR A 401 2.02 -8.13 8.79
CA TYR A 401 3.14 -7.80 9.66
C TYR A 401 3.13 -8.69 10.90
N LYS A 402 1.97 -8.86 11.52
CA LYS A 402 1.90 -9.64 12.75
C LYS A 402 2.41 -11.05 12.53
N LYS A 403 1.92 -11.70 11.47
CA LYS A 403 2.38 -13.07 11.20
C LYS A 403 3.86 -13.12 10.92
N ALA A 404 4.46 -12.02 10.45
CA ALA A 404 5.89 -12.02 10.20
C ALA A 404 6.68 -12.26 11.48
N LEU A 405 6.11 -11.90 12.63
CA LEU A 405 6.81 -12.10 13.88
C LEU A 405 6.81 -13.55 14.34
N THR A 406 5.72 -14.28 14.09
CA THR A 406 5.55 -15.61 14.64
C THR A 406 5.77 -16.71 13.60
N LEU A 407 6.27 -16.38 12.42
CA LEU A 407 6.52 -17.41 11.41
C LEU A 407 7.72 -18.25 11.81
N SER A 408 7.56 -19.57 11.72
CA SER A 408 8.67 -20.46 12.03
C SER A 408 9.78 -20.27 11.02
N ASN A 409 11.01 -20.57 11.46
CA ASN A 409 12.16 -20.38 10.58
C ASN A 409 11.99 -21.15 9.28
N LEU A 410 11.25 -22.26 9.32
CA LEU A 410 11.06 -23.06 8.11
C LEU A 410 10.35 -22.26 7.04
N ALA A 411 9.29 -21.54 7.42
CA ALA A 411 8.54 -20.75 6.45
C ALA A 411 9.36 -19.58 5.93
N ARG A 412 10.05 -18.88 6.82
CA ARG A 412 10.81 -17.71 6.40
C ARG A 412 11.92 -18.07 5.43
N LYS A 413 12.28 -19.35 5.32
CA LYS A 413 13.20 -19.77 4.28
C LYS A 413 12.59 -19.57 2.90
N GLU A 414 11.26 -19.46 2.81
CA GLU A 414 10.59 -19.25 1.52
C GLU A 414 10.33 -17.78 1.26
N TYR A 415 9.65 -17.10 2.17
CA TYR A 415 9.41 -15.67 2.04
C TYR A 415 10.64 -14.91 2.50
N THR A 416 10.65 -13.60 2.30
CA THR A 416 11.78 -12.77 2.68
C THR A 416 11.27 -11.37 2.94
N VAL A 417 12.17 -10.50 3.38
CA VAL A 417 11.84 -9.10 3.61
C VAL A 417 11.42 -8.49 2.28
N GLY A 418 11.91 -9.05 1.18
CA GLY A 418 11.53 -8.57 -0.14
C GLY A 418 10.18 -9.08 -0.58
N GLU A 419 9.98 -10.40 -0.50
CA GLU A 419 8.71 -10.98 -0.95
C GLU A 419 7.55 -10.47 -0.11
N THR A 420 7.70 -10.45 1.21
CA THR A 420 6.60 -10.00 2.06
C THR A 420 6.21 -8.57 1.75
N VAL A 421 7.19 -7.73 1.38
CA VAL A 421 6.87 -6.37 1.00
C VAL A 421 5.91 -6.36 -0.18
N ASN A 422 6.17 -7.20 -1.18
CA ASN A 422 5.24 -7.32 -2.30
C ASN A 422 3.87 -7.74 -1.80
N LEU A 423 3.84 -8.73 -0.90
CA LEU A 423 2.57 -9.15 -0.33
C LEU A 423 1.87 -8.00 0.40
N MET A 424 2.65 -7.13 1.04
CA MET A 424 2.07 -6.03 1.79
C MET A 424 1.60 -4.91 0.88
N SER A 425 2.34 -4.63 -0.19
CA SER A 425 2.08 -3.45 -1.00
C SER A 425 1.16 -3.75 -2.19
N VAL A 426 1.61 -4.62 -3.09
CA VAL A 426 0.86 -4.86 -4.32
C VAL A 426 -0.35 -5.74 -4.05
N ASP A 427 -0.11 -6.90 -3.43
CA ASP A 427 -1.18 -7.88 -3.27
C ASP A 427 -2.32 -7.31 -2.43
N ALA A 428 -1.99 -6.63 -1.34
CA ALA A 428 -3.04 -6.00 -0.54
C ALA A 428 -3.78 -4.95 -1.35
N GLN A 429 -3.06 -4.15 -2.13
CA GLN A 429 -3.71 -3.13 -2.94
C GLN A 429 -4.64 -3.74 -3.97
N LYS A 430 -4.20 -4.79 -4.67
CA LYS A 430 -5.07 -5.45 -5.63
C LYS A 430 -6.31 -6.03 -4.96
N LEU A 431 -6.23 -6.33 -3.66
CA LEU A 431 -7.37 -6.82 -2.91
C LEU A 431 -8.27 -5.70 -2.41
N MET A 432 -7.88 -4.44 -2.61
CA MET A 432 -8.72 -3.30 -2.30
C MET A 432 -9.47 -2.79 -3.52
N ASP A 433 -8.93 -2.99 -4.71
CA ASP A 433 -9.60 -2.51 -5.92
C ASP A 433 -10.86 -3.29 -6.22
N VAL A 434 -10.93 -4.56 -5.79
CA VAL A 434 -12.10 -5.38 -6.14
C VAL A 434 -13.35 -4.81 -5.49
N THR A 435 -13.24 -4.29 -4.27
CA THR A 435 -14.42 -3.81 -3.57
C THR A 435 -15.12 -2.69 -4.33
N ASN A 436 -14.40 -1.91 -5.13
CA ASN A 436 -15.04 -0.89 -5.94
C ASN A 436 -16.03 -1.51 -6.91
N PHE A 437 -15.65 -2.59 -7.57
CA PHE A 437 -16.49 -3.27 -8.55
C PHE A 437 -17.03 -4.58 -8.02
N MET A 438 -16.99 -4.81 -6.71
CA MET A 438 -17.42 -6.10 -6.17
C MET A 438 -18.89 -6.35 -6.44
N HIS A 439 -19.70 -5.28 -6.49
CA HIS A 439 -21.14 -5.45 -6.59
C HIS A 439 -21.65 -5.48 -8.02
N MET A 440 -20.79 -5.31 -9.02
CA MET A 440 -21.23 -5.40 -10.40
C MET A 440 -21.62 -6.82 -10.78
N LEU A 441 -21.28 -7.81 -9.95
CA LEU A 441 -21.61 -9.19 -10.26
C LEU A 441 -23.09 -9.35 -10.60
N TRP A 442 -23.95 -8.98 -9.66
CA TRP A 442 -25.39 -9.16 -9.82
C TRP A 442 -26.11 -7.88 -10.22
N SER A 443 -25.56 -6.71 -9.92
CA SER A 443 -26.22 -5.48 -10.31
C SER A 443 -26.31 -5.38 -11.83
N SER A 444 -25.24 -5.72 -12.53
CA SER A 444 -25.26 -5.64 -13.99
C SER A 444 -26.27 -6.62 -14.57
N VAL A 445 -26.19 -7.89 -14.17
CA VAL A 445 -27.05 -8.91 -14.78
C VAL A 445 -28.51 -8.57 -14.52
N LEU A 446 -28.82 -8.04 -13.35
CA LEU A 446 -30.18 -7.60 -13.08
C LEU A 446 -30.60 -6.52 -14.07
N GLN A 447 -29.70 -5.58 -14.36
CA GLN A 447 -30.03 -4.54 -15.33
C GLN A 447 -30.27 -5.14 -16.71
N ILE A 448 -29.46 -6.12 -17.10
CA ILE A 448 -29.59 -6.70 -18.43
C ILE A 448 -30.99 -7.27 -18.62
N VAL A 449 -31.45 -8.10 -17.67
CA VAL A 449 -32.76 -8.70 -17.81
C VAL A 449 -33.84 -7.62 -17.80
N LEU A 450 -33.74 -6.65 -16.88
CA LEU A 450 -34.74 -5.59 -16.84
C LEU A 450 -34.72 -4.78 -18.13
N SER A 451 -33.54 -4.54 -18.68
CA SER A 451 -33.48 -3.93 -20.01
C SER A 451 -34.13 -4.84 -21.05
N ILE A 452 -33.87 -6.15 -20.96
CA ILE A 452 -34.53 -7.10 -21.85
C ILE A 452 -36.03 -7.04 -21.66
N PHE A 453 -36.49 -6.95 -20.41
CA PHE A 453 -37.92 -6.92 -20.13
C PHE A 453 -38.63 -5.87 -20.99
N PHE A 454 -38.07 -4.65 -21.04
CA PHE A 454 -38.70 -3.60 -21.83
C PHE A 454 -38.72 -3.97 -23.31
N LEU A 455 -37.64 -4.56 -23.80
CA LEU A 455 -37.54 -4.88 -25.22
C LEU A 455 -38.39 -6.07 -25.63
N TRP A 456 -38.69 -6.99 -24.71
CA TRP A 456 -39.55 -8.10 -25.08
C TRP A 456 -40.98 -7.67 -25.37
N ARG A 457 -41.33 -6.41 -25.06
CA ARG A 457 -42.63 -5.91 -25.46
C ARG A 457 -42.78 -5.92 -26.98
N GLU A 458 -41.74 -5.47 -27.69
CA GLU A 458 -41.81 -5.39 -29.15
C GLU A 458 -41.68 -6.76 -29.78
N LEU A 459 -40.77 -7.59 -29.28
CA LEU A 459 -40.47 -8.87 -29.90
C LEU A 459 -41.03 -10.02 -29.07
N GLY A 460 -41.48 -11.06 -29.75
CA GLY A 460 -42.02 -12.22 -29.09
C GLY A 460 -40.97 -13.32 -28.94
N PRO A 461 -41.12 -14.42 -29.68
CA PRO A 461 -40.15 -15.51 -29.57
C PRO A 461 -38.90 -15.32 -30.40
N SER A 462 -38.84 -14.29 -31.24
CA SER A 462 -37.66 -14.08 -32.07
C SER A 462 -36.42 -13.81 -31.21
N VAL A 463 -36.58 -13.03 -30.14
CA VAL A 463 -35.46 -12.67 -29.29
C VAL A 463 -34.78 -13.88 -28.67
N LEU A 464 -35.40 -15.07 -28.76
CA LEU A 464 -34.76 -16.28 -28.26
C LEU A 464 -33.39 -16.46 -28.89
N ALA A 465 -33.30 -16.29 -30.21
CA ALA A 465 -32.00 -16.31 -30.86
C ALA A 465 -31.14 -15.13 -30.44
N GLY A 466 -31.76 -13.98 -30.16
CA GLY A 466 -30.98 -12.82 -29.75
C GLY A 466 -30.20 -13.06 -28.46
N VAL A 467 -30.87 -13.62 -27.45
CA VAL A 467 -30.17 -13.97 -26.23
C VAL A 467 -29.15 -15.07 -26.50
N GLY A 468 -29.31 -15.82 -27.59
CA GLY A 468 -28.39 -16.91 -27.87
C GLY A 468 -26.94 -16.43 -27.98
N VAL A 469 -26.72 -15.32 -28.68
CA VAL A 469 -25.37 -14.77 -28.73
C VAL A 469 -24.99 -14.17 -27.39
N MET A 470 -25.94 -13.50 -26.73
CA MET A 470 -25.64 -12.91 -25.43
C MET A 470 -25.27 -13.97 -24.41
N VAL A 471 -25.80 -15.19 -24.55
CA VAL A 471 -25.35 -16.31 -23.73
C VAL A 471 -24.18 -17.04 -24.37
N LEU A 472 -23.93 -16.85 -25.66
CA LEU A 472 -22.73 -17.39 -26.28
C LEU A 472 -21.48 -16.65 -25.83
N VAL A 473 -21.64 -15.53 -25.12
CA VAL A 473 -20.49 -14.86 -24.53
C VAL A 473 -19.99 -15.61 -23.31
N ILE A 474 -20.89 -16.25 -22.55
CA ILE A 474 -20.50 -16.86 -21.29
C ILE A 474 -19.38 -17.89 -21.48
N PRO A 475 -19.46 -18.82 -22.42
CA PRO A 475 -18.34 -19.77 -22.57
C PRO A 475 -17.11 -19.13 -23.18
N ILE A 476 -17.28 -18.16 -24.07
CA ILE A 476 -16.13 -17.43 -24.59
C ILE A 476 -15.45 -16.67 -23.46
N ASN A 477 -16.23 -15.95 -22.66
CA ASN A 477 -15.65 -15.22 -21.54
C ASN A 477 -15.06 -16.15 -20.49
N ALA A 478 -15.58 -17.37 -20.38
CA ALA A 478 -15.06 -18.31 -19.39
C ALA A 478 -13.68 -18.83 -19.80
N ILE A 479 -13.52 -19.23 -21.06
CA ILE A 479 -12.24 -19.81 -21.49
C ILE A 479 -11.13 -18.79 -21.33
N LEU A 480 -11.37 -17.54 -21.73
CA LEU A 480 -10.33 -16.52 -21.58
C LEU A 480 -9.96 -16.33 -20.13
N SER A 481 -10.94 -16.32 -19.24
CA SER A 481 -10.64 -16.19 -17.82
C SER A 481 -9.63 -17.24 -17.37
N THR A 482 -9.88 -18.51 -17.73
CA THR A 482 -8.96 -19.56 -17.35
C THR A 482 -7.57 -19.31 -17.95
N LYS A 483 -7.52 -18.99 -19.24
CA LYS A 483 -6.25 -18.68 -19.86
C LYS A 483 -5.70 -17.33 -19.40
N SER A 484 -6.50 -16.55 -18.68
CA SER A 484 -6.02 -15.27 -18.18
C SER A 484 -5.46 -15.39 -16.77
N LYS A 485 -6.02 -16.29 -15.96
CA LYS A 485 -5.51 -16.46 -14.61
C LYS A 485 -4.16 -17.16 -14.60
N THR A 486 -4.02 -18.23 -15.38
CA THR A 486 -2.77 -18.97 -15.38
C THR A 486 -1.62 -18.09 -15.83
N ILE A 487 -1.89 -17.10 -16.70
CA ILE A 487 -0.85 -16.15 -17.09
C ILE A 487 -0.65 -15.07 -16.05
N GLN A 488 -1.64 -14.86 -15.18
CA GLN A 488 -1.50 -13.88 -14.10
C GLN A 488 -0.65 -14.41 -12.97
N VAL A 489 -0.92 -15.63 -12.51
CA VAL A 489 -0.15 -16.20 -11.41
C VAL A 489 1.33 -16.25 -11.75
N LYS A 490 1.65 -16.45 -13.03
CA LYS A 490 3.05 -16.40 -13.43
C LYS A 490 3.64 -15.02 -13.18
N ASN A 491 2.86 -13.97 -13.44
CA ASN A 491 3.36 -12.62 -13.27
C ASN A 491 3.77 -12.36 -11.83
N MET A 492 2.86 -12.63 -10.88
CA MET A 492 3.19 -12.40 -9.48
C MET A 492 4.38 -13.23 -9.05
N LYS A 493 4.38 -14.51 -9.41
CA LYS A 493 5.50 -15.38 -9.05
C LYS A 493 6.81 -14.83 -9.58
N ASN A 494 6.80 -14.22 -10.75
CA ASN A 494 8.00 -13.60 -11.32
C ASN A 494 8.20 -12.17 -10.83
N LYS A 495 7.18 -11.54 -10.27
CA LYS A 495 7.39 -10.24 -9.64
C LYS A 495 8.12 -10.38 -8.32
N ASP A 496 7.78 -11.39 -7.53
CA ASP A 496 8.50 -11.62 -6.28
C ASP A 496 9.96 -11.91 -6.55
N LYS A 497 10.27 -12.76 -7.52
CA LYS A 497 11.66 -13.10 -7.79
C LYS A 497 12.47 -11.88 -8.20
N ARG A 498 11.81 -10.80 -8.61
CA ARG A 498 12.54 -9.57 -8.90
C ARG A 498 12.90 -8.85 -7.61
N LEU A 499 11.92 -8.57 -6.76
CA LEU A 499 12.19 -7.83 -5.54
C LEU A 499 13.16 -8.58 -4.64
N LYS A 500 12.97 -9.89 -4.51
CA LYS A 500 13.84 -10.67 -3.62
C LYS A 500 15.29 -10.53 -4.04
N ILE A 501 15.57 -10.63 -5.34
CA ILE A 501 16.95 -10.58 -5.83
C ILE A 501 17.36 -9.13 -6.03
N MET A 502 16.56 -8.19 -5.52
CA MET A 502 16.90 -6.79 -5.66
C MET A 502 16.91 -6.11 -4.30
N ASN A 503 15.97 -6.49 -3.43
CA ASN A 503 16.04 -6.01 -2.05
C ASN A 503 17.37 -6.37 -1.43
N GLU A 504 17.90 -7.55 -1.76
CA GLU A 504 19.21 -7.94 -1.27
C GLU A 504 20.30 -7.03 -1.83
N ILE A 505 20.12 -6.52 -3.04
CA ILE A 505 21.10 -5.60 -3.61
C ILE A 505 21.19 -4.34 -2.76
N LEU A 506 20.04 -3.77 -2.40
CA LEU A 506 20.05 -2.55 -1.60
C LEU A 506 20.66 -2.79 -0.23
N SER A 507 20.30 -3.90 0.42
CA SER A 507 20.84 -4.19 1.74
C SER A 507 22.35 -4.32 1.69
N GLY A 508 22.87 -5.17 0.81
CA GLY A 508 24.29 -5.25 0.58
C GLY A 508 24.68 -4.56 -0.71
N ILE A 509 25.21 -3.34 -0.60
CA ILE A 509 25.60 -2.54 -1.75
C ILE A 509 27.10 -2.30 -1.78
N LYS A 510 27.72 -2.10 -0.63
CA LYS A 510 29.15 -1.87 -0.60
C LYS A 510 29.90 -2.97 -1.34
N ILE A 511 29.40 -4.20 -1.25
CA ILE A 511 30.00 -5.30 -2.00
C ILE A 511 29.93 -5.02 -3.49
N LEU A 512 28.77 -4.56 -3.97
CA LEU A 512 28.63 -4.27 -5.38
C LEU A 512 29.59 -3.18 -5.83
N LYS A 513 29.88 -2.22 -4.95
CA LYS A 513 30.83 -1.18 -5.33
C LYS A 513 32.26 -1.69 -5.26
N TYR A 514 32.57 -2.54 -4.27
CA TYR A 514 33.94 -3.05 -4.15
C TYR A 514 34.31 -3.88 -5.37
N PHE A 515 33.49 -4.86 -5.73
CA PHE A 515 33.70 -5.66 -6.92
C PHE A 515 32.74 -5.17 -7.99
N ALA A 516 33.24 -4.98 -9.20
CA ALA A 516 32.43 -4.37 -10.25
C ALA A 516 31.34 -5.34 -10.67
N TRP A 517 30.38 -5.58 -9.78
CA TRP A 517 29.29 -6.52 -10.03
C TRP A 517 28.02 -5.85 -10.49
N GLU A 518 28.02 -4.53 -10.67
CA GLU A 518 26.81 -3.88 -11.17
C GLU A 518 26.37 -4.45 -12.50
N PRO A 519 27.25 -4.63 -13.49
CA PRO A 519 26.78 -5.23 -14.76
C PRO A 519 26.14 -6.58 -14.57
N SER A 520 26.66 -7.41 -13.66
CA SER A 520 26.10 -8.73 -13.47
C SER A 520 24.69 -8.64 -12.90
N PHE A 521 24.51 -7.88 -11.82
CA PHE A 521 23.19 -7.74 -11.23
C PHE A 521 22.30 -6.89 -12.11
N ARG A 522 22.85 -5.84 -12.73
CA ARG A 522 22.09 -5.06 -13.67
C ARG A 522 21.62 -5.90 -14.86
N ASP A 523 22.33 -6.98 -15.18
CA ASP A 523 22.00 -7.81 -16.32
C ASP A 523 21.03 -8.92 -16.00
N GLN A 524 20.88 -9.31 -14.73
CA GLN A 524 19.94 -10.36 -14.37
C GLN A 524 18.66 -9.83 -13.75
N VAL A 525 18.64 -8.59 -13.26
CA VAL A 525 17.38 -8.01 -12.80
C VAL A 525 16.48 -7.75 -13.99
N GLN A 526 17.01 -7.15 -15.06
CA GLN A 526 16.21 -6.97 -16.27
C GLN A 526 15.78 -8.32 -16.83
N ASN A 527 16.69 -9.30 -16.83
CA ASN A 527 16.31 -10.62 -17.32
C ASN A 527 15.08 -11.15 -16.59
N LEU A 528 14.93 -10.80 -15.31
CA LEU A 528 13.69 -11.09 -14.61
C LEU A 528 12.58 -10.11 -15.01
N ARG A 529 12.93 -8.85 -15.27
CA ARG A 529 11.94 -7.90 -15.74
C ARG A 529 11.36 -8.33 -17.08
N LYS A 530 12.21 -8.77 -18.00
CA LYS A 530 11.72 -9.23 -19.30
C LYS A 530 10.79 -10.41 -19.13
N LYS A 531 11.12 -11.35 -18.25
CA LYS A 531 10.25 -12.50 -18.04
C LYS A 531 8.89 -12.10 -17.52
N GLU A 532 8.75 -10.89 -16.99
CA GLU A 532 7.45 -10.41 -16.51
C GLU A 532 6.69 -9.67 -17.60
N LEU A 533 7.34 -8.69 -18.24
CA LEU A 533 6.67 -7.95 -19.31
C LEU A 533 6.21 -8.89 -20.41
N LYS A 534 7.01 -9.91 -20.71
CA LYS A 534 6.55 -10.92 -21.66
C LYS A 534 5.26 -11.55 -21.20
N ASN A 535 4.99 -11.53 -19.89
CA ASN A 535 3.77 -12.06 -19.32
C ASN A 535 2.71 -10.98 -19.11
N LEU A 536 3.12 -9.80 -18.66
CA LEU A 536 2.16 -8.71 -18.51
C LEU A 536 1.56 -8.33 -19.86
N LEU A 537 2.39 -8.29 -20.90
CA LEU A 537 1.89 -7.98 -22.23
C LEU A 537 0.82 -8.98 -22.64
N ALA A 538 1.09 -10.26 -22.46
CA ALA A 538 0.11 -11.28 -22.82
C ALA A 538 -1.18 -11.08 -22.03
N PHE A 539 -1.06 -10.84 -20.73
CA PHE A 539 -2.25 -10.56 -19.93
C PHE A 539 -2.94 -9.28 -20.38
N SER A 540 -2.21 -8.34 -20.96
CA SER A 540 -2.84 -7.14 -21.49
C SER A 540 -3.57 -7.44 -22.80
N GLN A 541 -2.99 -8.28 -23.65
CA GLN A 541 -3.65 -8.62 -24.90
C GLN A 541 -4.99 -9.33 -24.65
N LEU A 542 -4.99 -10.27 -23.71
CA LEU A 542 -6.25 -10.95 -23.39
C LEU A 542 -7.30 -9.96 -22.91
N GLN A 543 -6.88 -8.85 -22.31
CA GLN A 543 -7.83 -7.81 -21.93
C GLN A 543 -8.34 -7.02 -23.11
N CYS A 544 -7.75 -7.19 -24.29
CA CYS A 544 -8.33 -6.58 -25.48
C CYS A 544 -9.47 -7.42 -26.03
N VAL A 545 -9.30 -8.75 -26.04
CA VAL A 545 -10.35 -9.63 -26.55
C VAL A 545 -11.59 -9.50 -25.69
N VAL A 546 -11.43 -9.55 -24.37
CA VAL A 546 -12.59 -9.43 -23.50
C VAL A 546 -13.27 -8.08 -23.67
N ILE A 547 -12.47 -7.02 -23.84
CA ILE A 547 -13.05 -5.72 -24.13
C ILE A 547 -13.73 -5.75 -25.49
N PHE A 548 -13.11 -6.39 -26.47
CA PHE A 548 -13.66 -6.42 -27.82
C PHE A 548 -15.03 -7.09 -27.85
N VAL A 549 -15.16 -8.24 -27.19
CA VAL A 549 -16.40 -9.00 -27.30
C VAL A 549 -17.57 -8.21 -26.70
N PHE A 550 -17.36 -7.57 -25.55
CA PHE A 550 -18.46 -6.84 -24.92
C PHE A 550 -18.90 -5.66 -25.77
N GLN A 551 -17.96 -4.96 -26.38
CA GLN A 551 -18.34 -3.87 -27.27
C GLN A 551 -18.91 -4.34 -28.57
N LEU A 552 -18.94 -5.66 -28.79
CA LEU A 552 -19.51 -6.24 -29.99
C LEU A 552 -20.81 -7.00 -29.75
N THR A 553 -21.08 -7.42 -28.52
CA THR A 553 -22.34 -8.12 -28.24
C THR A 553 -23.55 -7.25 -28.49
N PRO A 554 -23.63 -6.01 -27.99
CA PRO A 554 -24.84 -5.22 -28.21
C PRO A 554 -25.21 -5.06 -29.67
N VAL A 555 -24.20 -4.88 -30.53
CA VAL A 555 -24.50 -4.68 -31.95
C VAL A 555 -24.81 -6.00 -32.63
N LEU A 556 -24.15 -7.08 -32.19
CA LEU A 556 -24.39 -8.38 -32.82
C LEU A 556 -25.81 -8.86 -32.59
N VAL A 557 -26.34 -8.69 -31.37
CA VAL A 557 -27.70 -9.14 -31.09
C VAL A 557 -28.71 -8.34 -31.91
N SER A 558 -28.43 -7.05 -32.14
CA SER A 558 -29.34 -6.22 -32.92
C SER A 558 -29.55 -6.82 -34.31
N VAL A 559 -28.47 -7.24 -34.95
CA VAL A 559 -28.58 -7.76 -36.31
C VAL A 559 -29.33 -9.09 -36.31
N VAL A 560 -28.95 -10.01 -35.42
CA VAL A 560 -29.50 -11.35 -35.48
C VAL A 560 -30.99 -11.34 -35.16
N THR A 561 -31.41 -10.50 -34.21
CA THR A 561 -32.80 -10.48 -33.80
C THR A 561 -33.71 -10.09 -34.97
N PHE A 562 -33.30 -9.08 -35.74
CA PHE A 562 -34.12 -8.65 -36.87
C PHE A 562 -34.29 -9.77 -37.88
N SER A 563 -33.21 -10.51 -38.16
CA SER A 563 -33.28 -11.57 -39.16
C SER A 563 -34.31 -12.62 -38.79
N VAL A 564 -34.28 -13.08 -37.54
CA VAL A 564 -35.24 -14.10 -37.12
C VAL A 564 -36.66 -13.59 -37.26
N TYR A 565 -36.90 -12.33 -36.90
CA TYR A 565 -38.23 -11.75 -37.06
C TYR A 565 -38.71 -11.86 -38.50
N VAL A 566 -37.78 -11.83 -39.46
CA VAL A 566 -38.16 -11.94 -40.86
C VAL A 566 -38.16 -13.38 -41.33
N LEU A 567 -37.29 -14.22 -40.75
CA LEU A 567 -37.14 -15.58 -41.24
C LEU A 567 -38.42 -16.38 -41.09
N VAL A 568 -38.99 -16.39 -39.89
CA VAL A 568 -40.07 -17.32 -39.56
C VAL A 568 -41.44 -16.64 -39.65
N ASP A 569 -41.58 -15.43 -39.10
CA ASP A 569 -42.87 -14.75 -39.02
C ASP A 569 -42.71 -13.35 -39.63
N SER A 570 -42.88 -13.26 -40.95
CA SER A 570 -42.78 -12.00 -41.67
C SER A 570 -44.14 -11.42 -42.01
N ASN A 571 -45.23 -11.98 -41.46
CA ASN A 571 -46.56 -11.47 -41.75
C ASN A 571 -46.71 -10.02 -41.34
N ASN A 572 -45.89 -9.54 -40.42
CA ASN A 572 -45.90 -8.15 -39.99
C ASN A 572 -44.51 -7.55 -40.22
N ILE A 573 -44.49 -6.28 -40.64
CA ILE A 573 -43.25 -5.61 -40.96
C ILE A 573 -42.84 -4.58 -39.91
N LEU A 574 -43.75 -4.18 -39.03
CA LEU A 574 -43.52 -3.21 -37.96
C LEU A 574 -43.44 -1.79 -38.53
N ASP A 575 -43.63 -1.62 -39.84
CA ASP A 575 -43.66 -0.30 -40.46
C ASP A 575 -42.37 0.48 -40.20
N ALA A 576 -41.25 -0.25 -40.20
CA ALA A 576 -39.92 0.33 -40.04
C ALA A 576 -39.77 1.12 -38.75
N GLN A 577 -40.75 1.06 -37.85
CA GLN A 577 -40.66 1.74 -36.57
C GLN A 577 -39.68 1.08 -35.63
N LYS A 578 -39.17 -0.10 -35.98
CA LYS A 578 -38.16 -0.76 -35.16
C LYS A 578 -36.85 0.03 -35.13
N ALA A 579 -36.70 1.01 -36.02
CA ALA A 579 -35.44 1.73 -36.12
C ALA A 579 -35.05 2.33 -34.78
N PHE A 580 -35.83 3.30 -34.29
CA PHE A 580 -35.51 4.00 -33.06
C PHE A 580 -36.46 3.68 -31.92
N THR A 581 -37.73 3.39 -32.21
CA THR A 581 -38.69 3.10 -31.15
C THR A 581 -38.22 1.90 -30.32
N SER A 582 -37.78 0.83 -31.00
CA SER A 582 -37.28 -0.35 -30.32
C SER A 582 -35.79 -0.29 -30.03
N ILE A 583 -35.10 0.77 -30.46
CA ILE A 583 -33.67 0.90 -30.23
C ILE A 583 -33.36 2.28 -29.66
N THR A 584 -34.40 2.98 -29.18
CA THR A 584 -34.16 4.30 -28.59
C THR A 584 -33.16 4.20 -27.45
N LEU A 585 -33.25 3.14 -26.65
CA LEU A 585 -32.30 2.89 -25.56
C LEU A 585 -31.86 1.45 -25.52
N PHE A 586 -32.08 0.67 -26.58
CA PHE A 586 -31.58 -0.69 -26.66
C PHE A 586 -30.10 -0.75 -26.30
N ASN A 587 -29.37 0.34 -26.56
CA ASN A 587 -27.95 0.42 -26.27
C ASN A 587 -27.68 0.95 -24.86
N ILE A 588 -28.71 1.20 -24.07
CA ILE A 588 -28.46 1.58 -22.68
C ILE A 588 -27.71 0.46 -21.96
N LEU A 589 -27.89 -0.78 -22.42
CA LEU A 589 -27.19 -1.90 -21.81
C LEU A 589 -25.69 -1.84 -22.02
N ARG A 590 -25.20 -0.94 -22.88
CA ARG A 590 -23.76 -0.80 -23.05
C ARG A 590 -23.07 -0.37 -21.77
N PHE A 591 -23.63 0.58 -21.02
CA PHE A 591 -22.96 1.04 -19.82
C PHE A 591 -22.78 -0.13 -18.86
N PRO A 592 -23.81 -0.95 -18.63
CA PRO A 592 -23.59 -2.18 -17.87
C PRO A 592 -22.43 -2.99 -18.40
N LEU A 593 -22.45 -3.28 -19.70
CA LEU A 593 -21.43 -4.09 -20.34
C LEU A 593 -20.17 -3.30 -20.68
N SER A 594 -20.17 -1.98 -20.45
CA SER A 594 -18.98 -1.17 -20.62
C SER A 594 -18.15 -1.11 -19.35
N MET A 595 -18.78 -1.24 -18.18
CA MET A 595 -18.04 -1.30 -16.93
C MET A 595 -17.57 -2.72 -16.64
N LEU A 596 -18.28 -3.71 -17.16
CA LEU A 596 -17.96 -5.10 -16.85
C LEU A 596 -16.58 -5.52 -17.38
N PRO A 597 -16.19 -5.23 -18.62
CA PRO A 597 -14.96 -5.85 -19.14
C PRO A 597 -13.74 -5.53 -18.31
N MET A 598 -13.64 -4.30 -17.80
CA MET A 598 -12.60 -3.98 -16.84
C MET A 598 -12.90 -4.54 -15.46
N MET A 599 -14.18 -4.71 -15.12
CA MET A 599 -14.54 -5.30 -13.84
C MET A 599 -14.02 -6.73 -13.73
N ILE A 600 -14.31 -7.56 -14.72
CA ILE A 600 -13.82 -8.93 -14.67
C ILE A 600 -12.31 -8.96 -14.58
N SER A 601 -11.63 -8.07 -15.31
CA SER A 601 -10.18 -8.00 -15.23
C SER A 601 -9.72 -7.86 -13.79
N SER A 602 -10.35 -6.96 -13.03
CA SER A 602 -9.94 -6.74 -11.65
C SER A 602 -10.11 -8.00 -10.81
N MET A 603 -11.21 -8.72 -11.01
CA MET A 603 -11.49 -9.87 -10.18
C MET A 603 -10.45 -10.98 -10.34
N LEU A 604 -9.93 -11.19 -11.55
CA LEU A 604 -8.85 -12.16 -11.70
C LEU A 604 -7.65 -11.76 -10.86
N GLN A 605 -7.28 -10.48 -10.89
CA GLN A 605 -6.16 -10.03 -10.08
C GLN A 605 -6.42 -10.30 -8.60
N ALA A 606 -7.62 -9.96 -8.13
CA ALA A 606 -7.96 -10.22 -6.74
C ALA A 606 -8.01 -11.72 -6.47
N SER A 607 -8.62 -12.49 -7.36
CA SER A 607 -8.72 -13.93 -7.16
C SER A 607 -7.35 -14.59 -7.09
N VAL A 608 -6.33 -13.98 -7.71
CA VAL A 608 -4.98 -14.51 -7.61
C VAL A 608 -4.25 -13.93 -6.41
N SER A 609 -4.42 -12.64 -6.14
CA SER A 609 -3.72 -12.03 -5.03
C SER A 609 -4.14 -12.65 -3.70
N THR A 610 -5.45 -12.84 -3.52
CA THR A 610 -5.93 -13.45 -2.29
C THR A 610 -5.48 -14.89 -2.16
N GLU A 611 -5.00 -15.52 -3.22
CA GLU A 611 -4.49 -16.87 -3.14
C GLU A 611 -3.11 -16.93 -2.50
N ARG A 612 -2.36 -15.83 -2.51
CA ARG A 612 -1.05 -15.83 -1.86
C ARG A 612 -1.17 -15.47 -0.39
N LEU A 613 -2.02 -14.52 -0.05
CA LEU A 613 -2.26 -14.20 1.35
C LEU A 613 -2.60 -15.46 2.13
N GLU A 614 -3.39 -16.34 1.52
CA GLU A 614 -3.71 -17.61 2.15
C GLU A 614 -2.44 -18.40 2.43
N LYS A 615 -1.54 -18.46 1.46
CA LYS A 615 -0.30 -19.22 1.65
C LYS A 615 0.57 -18.59 2.72
N TYR A 616 0.48 -17.27 2.90
CA TYR A 616 1.32 -16.60 3.88
C TYR A 616 0.74 -16.73 5.28
N LEU A 617 -0.46 -16.19 5.50
CA LEU A 617 -1.06 -16.26 6.82
C LEU A 617 -1.26 -17.69 7.28
N GLY A 618 -1.32 -18.64 6.35
CA GLY A 618 -1.45 -20.04 6.72
C GLY A 618 -0.16 -20.71 7.12
N GLY A 619 0.97 -20.04 6.96
CA GLY A 619 2.24 -20.65 7.31
C GLY A 619 2.27 -21.06 8.77
N ASP A 620 2.76 -22.26 9.02
CA ASP A 620 2.85 -22.75 10.39
C ASP A 620 3.80 -21.89 11.21
N ASP A 621 3.36 -21.51 12.40
CA ASP A 621 4.16 -20.71 13.30
C ASP A 621 5.15 -21.59 14.06
N LEU A 622 6.10 -20.94 14.72
CA LEU A 622 7.07 -21.68 15.52
C LEU A 622 6.40 -22.26 16.75
N ASP A 623 7.00 -23.31 17.29
CA ASP A 623 6.46 -24.05 18.42
C ASP A 623 7.30 -23.79 19.66
N THR A 624 6.64 -23.38 20.74
CA THR A 624 7.27 -23.21 22.04
C THR A 624 7.00 -24.39 22.97
N SER A 625 6.31 -25.43 22.49
CA SER A 625 5.91 -26.51 23.36
C SER A 625 7.12 -27.21 23.97
N ALA A 626 8.13 -27.48 23.17
CA ALA A 626 9.30 -28.21 23.65
C ALA A 626 10.08 -27.43 24.69
N ILE A 627 9.91 -26.11 24.75
CA ILE A 627 10.63 -25.26 25.70
C ILE A 627 9.68 -25.01 26.86
N ARG A 628 9.81 -25.83 27.90
CA ARG A 628 9.00 -25.67 29.10
C ARG A 628 9.48 -24.43 29.83
N HIS A 629 8.78 -23.32 29.64
CA HIS A 629 9.16 -22.04 30.27
C HIS A 629 8.59 -22.00 31.68
N ASP A 630 9.11 -22.87 32.53
CA ASP A 630 8.68 -22.93 33.92
C ASP A 630 8.99 -21.61 34.63
N CYS A 631 8.46 -21.49 35.84
CA CYS A 631 8.68 -20.31 36.67
C CYS A 631 9.37 -20.62 37.99
N ASN A 632 9.15 -21.79 38.56
CA ASN A 632 9.75 -22.18 39.84
C ASN A 632 10.64 -23.39 39.56
N PHE A 633 11.95 -23.14 39.44
CA PHE A 633 12.93 -24.18 39.17
C PHE A 633 14.12 -24.02 40.08
N ASP A 634 14.66 -25.15 40.55
CA ASP A 634 15.82 -25.11 41.42
C ASP A 634 17.03 -24.54 40.69
N LYS A 635 17.21 -24.91 39.43
CA LYS A 635 18.35 -24.48 38.64
C LYS A 635 17.93 -23.36 37.69
N ALA A 636 18.88 -22.92 36.86
CA ALA A 636 18.63 -21.85 35.91
C ALA A 636 18.12 -22.35 34.57
N MET A 637 18.62 -23.48 34.09
CA MET A 637 18.20 -24.00 32.80
C MET A 637 18.59 -25.46 32.72
N GLN A 638 17.68 -26.29 32.19
CA GLN A 638 17.86 -27.73 32.13
C GLN A 638 17.78 -28.18 30.68
N PHE A 639 18.86 -28.76 30.18
CA PHE A 639 18.88 -29.40 28.87
C PHE A 639 18.71 -30.90 29.10
N SER A 640 17.52 -31.41 28.81
CA SER A 640 17.16 -32.79 29.10
C SER A 640 17.26 -33.60 27.81
N GLU A 641 18.47 -34.03 27.48
CA GLU A 641 18.71 -34.88 26.31
C GLU A 641 18.07 -34.29 25.06
N ALA A 642 18.19 -32.97 24.91
CA ALA A 642 17.55 -32.29 23.81
C ALA A 642 18.28 -32.56 22.49
N SER A 643 17.57 -32.33 21.40
CA SER A 643 18.13 -32.46 20.06
C SER A 643 17.27 -31.64 19.11
N PHE A 644 17.87 -30.66 18.45
CA PHE A 644 17.14 -29.71 17.63
C PHE A 644 17.74 -29.65 16.23
N THR A 645 16.87 -29.61 15.24
CA THR A 645 17.27 -29.51 13.84
C THR A 645 16.71 -28.22 13.25
N TRP A 646 17.50 -27.58 12.39
CA TRP A 646 17.06 -26.33 11.80
C TRP A 646 15.81 -26.51 10.95
N GLU A 647 15.75 -27.60 10.18
CA GLU A 647 14.60 -27.87 9.32
C GLU A 647 14.12 -29.30 9.54
N HIS A 648 12.90 -29.57 9.08
CA HIS A 648 12.19 -30.76 9.52
C HIS A 648 12.96 -32.04 9.22
N ASP A 649 13.31 -32.26 7.96
CA ASP A 649 13.98 -33.49 7.54
C ASP A 649 15.47 -33.18 7.37
N SER A 650 16.18 -33.11 8.49
CA SER A 650 17.61 -32.85 8.49
C SER A 650 18.20 -33.39 9.78
N GLU A 651 19.52 -33.56 9.78
CA GLU A 651 20.20 -34.02 10.96
C GLU A 651 20.32 -32.88 11.97
N ALA A 652 19.91 -33.14 13.20
CA ALA A 652 19.91 -32.10 14.22
C ALA A 652 21.32 -31.56 14.45
N THR A 653 21.44 -30.23 14.45
CA THR A 653 22.73 -29.62 14.75
C THR A 653 23.09 -29.70 16.23
N VAL A 654 22.13 -30.05 17.08
CA VAL A 654 22.39 -30.30 18.49
C VAL A 654 22.03 -31.76 18.76
N ARG A 655 22.99 -32.52 19.27
CA ARG A 655 22.84 -33.97 19.42
C ARG A 655 23.11 -34.36 20.86
N ASP A 656 22.15 -35.04 21.47
CA ASP A 656 22.32 -35.62 22.80
C ASP A 656 22.84 -34.59 23.80
N VAL A 657 22.32 -33.37 23.73
CA VAL A 657 22.74 -32.32 24.64
C VAL A 657 22.16 -32.60 26.02
N ASN A 658 23.01 -32.53 27.04
CA ASN A 658 22.57 -32.74 28.42
C ASN A 658 23.44 -31.85 29.30
N LEU A 659 22.85 -30.79 29.85
CA LEU A 659 23.61 -29.78 30.57
C LEU A 659 22.68 -29.08 31.55
N ASP A 660 23.25 -28.71 32.70
CA ASP A 660 22.52 -27.99 33.73
C ASP A 660 23.40 -26.86 34.26
N ILE A 661 22.77 -25.72 34.56
CA ILE A 661 23.47 -24.55 35.07
C ILE A 661 22.74 -24.04 36.31
N MET A 662 23.50 -23.81 37.37
CA MET A 662 22.92 -23.36 38.63
C MET A 662 22.28 -21.98 38.47
N ALA A 663 21.66 -21.51 39.56
CA ALA A 663 20.93 -20.25 39.54
C ALA A 663 21.83 -19.05 39.24
N GLY A 664 23.12 -19.12 39.58
CA GLY A 664 24.04 -18.07 39.22
C GLY A 664 25.38 -18.64 38.80
N GLN A 665 25.79 -18.35 37.57
CA GLN A 665 27.01 -18.94 37.02
C GLN A 665 27.48 -18.06 35.87
N LEU A 666 28.65 -18.44 35.32
CA LEU A 666 29.20 -17.80 34.13
C LEU A 666 29.78 -18.93 33.27
N VAL A 667 28.96 -19.46 32.38
CA VAL A 667 29.35 -20.57 31.52
C VAL A 667 29.84 -20.01 30.21
N ALA A 668 30.99 -20.51 29.74
CA ALA A 668 31.64 -20.04 28.52
C ALA A 668 31.82 -21.24 27.59
N VAL A 669 30.84 -21.49 26.73
CA VAL A 669 30.97 -22.57 25.76
C VAL A 669 31.98 -22.16 24.71
N ILE A 670 32.68 -23.16 24.15
CA ILE A 670 33.70 -22.95 23.13
C ILE A 670 33.74 -24.18 22.24
N GLY A 671 34.45 -24.06 21.13
CA GLY A 671 34.60 -25.14 20.19
C GLY A 671 35.08 -24.67 18.83
N PRO A 672 35.07 -25.56 17.84
CA PRO A 672 35.49 -25.19 16.49
C PRO A 672 34.38 -24.53 15.69
N VAL A 673 34.79 -23.93 14.57
CA VAL A 673 33.85 -23.21 13.71
C VAL A 673 32.75 -24.14 13.23
N GLY A 674 31.53 -23.62 13.18
CA GLY A 674 30.41 -24.41 12.70
C GLY A 674 30.16 -25.62 13.57
N SER A 675 30.23 -25.44 14.89
CA SER A 675 30.09 -26.56 15.82
C SER A 675 28.80 -26.55 16.60
N GLY A 676 27.96 -25.52 16.49
CA GLY A 676 26.68 -25.48 17.19
C GLY A 676 26.60 -24.47 18.32
N LYS A 677 27.65 -23.68 18.55
CA LYS A 677 27.61 -22.70 19.63
C LYS A 677 26.39 -21.79 19.50
N SER A 678 26.34 -21.00 18.43
CA SER A 678 25.23 -20.08 18.24
C SER A 678 23.89 -20.80 18.15
N SER A 679 23.86 -21.98 17.56
CA SER A 679 22.60 -22.71 17.46
C SER A 679 22.07 -23.09 18.84
N LEU A 680 22.95 -23.50 19.74
CA LEU A 680 22.51 -23.86 21.08
C LEU A 680 21.81 -22.69 21.75
N ILE A 681 22.37 -21.49 21.63
CA ILE A 681 21.72 -20.30 22.17
C ILE A 681 20.37 -20.10 21.50
N SER A 682 20.34 -20.20 20.17
CA SER A 682 19.08 -20.00 19.45
C SER A 682 18.07 -21.08 19.82
N ALA A 683 18.54 -22.26 20.20
CA ALA A 683 17.61 -23.35 20.53
C ALA A 683 16.72 -22.96 21.70
N MET A 684 17.30 -22.37 22.75
CA MET A 684 16.51 -22.00 23.92
C MET A 684 15.47 -20.95 23.56
N LEU A 685 15.79 -20.07 22.62
CA LEU A 685 14.86 -19.02 22.23
C LEU A 685 13.65 -19.53 21.50
N GLY A 686 13.63 -20.81 21.13
CA GLY A 686 12.52 -21.39 20.39
C GLY A 686 12.66 -21.33 18.89
N GLU A 687 13.73 -20.71 18.37
CA GLU A 687 13.91 -20.66 16.92
C GLU A 687 14.00 -22.07 16.33
N MET A 688 14.78 -22.94 16.98
CA MET A 688 14.95 -24.29 16.49
C MET A 688 13.71 -25.12 16.76
N GLU A 689 13.64 -26.28 16.11
CA GLU A 689 12.55 -27.23 16.29
C GLU A 689 13.09 -28.47 16.96
N ASN A 690 12.46 -28.88 18.07
CA ASN A 690 12.96 -29.99 18.86
C ASN A 690 12.62 -31.32 18.21
N VAL A 691 13.43 -32.32 18.54
CA VAL A 691 13.13 -33.71 18.22
C VAL A 691 13.70 -34.59 19.32
N HIS A 692 12.84 -35.33 20.01
CA HIS A 692 13.25 -36.26 21.06
C HIS A 692 14.03 -35.52 22.15
N GLY A 693 13.31 -34.62 22.82
CA GLY A 693 13.88 -33.92 23.95
C GLY A 693 13.05 -32.72 24.34
N HIS A 694 13.53 -32.04 25.37
CA HIS A 694 12.86 -30.84 25.87
C HIS A 694 13.86 -30.01 26.65
N ILE A 695 13.53 -28.73 26.83
CA ILE A 695 14.39 -27.77 27.50
C ILE A 695 13.55 -26.97 28.49
N THR A 696 14.11 -26.68 29.65
CA THR A 696 13.45 -25.90 30.69
C THR A 696 14.32 -24.72 31.08
N ILE A 697 13.69 -23.56 31.23
CA ILE A 697 14.37 -22.34 31.67
C ILE A 697 13.48 -21.64 32.67
N LYS A 698 14.09 -21.08 33.71
CA LYS A 698 13.39 -20.33 34.74
C LYS A 698 13.77 -18.87 34.63
N GLY A 699 12.76 -18.00 34.54
CA GLY A 699 12.99 -16.57 34.46
C GLY A 699 12.88 -16.04 33.05
N THR A 700 13.59 -14.95 32.77
CA THR A 700 13.58 -14.31 31.47
C THR A 700 14.93 -14.49 30.79
N THR A 701 15.09 -13.91 29.62
CA THR A 701 16.28 -14.08 28.81
C THR A 701 16.72 -12.75 28.22
N ALA A 702 18.02 -12.66 27.95
CA ALA A 702 18.59 -11.54 27.21
C ALA A 702 19.53 -12.11 26.16
N TYR A 703 19.47 -11.53 24.96
CA TYR A 703 20.17 -12.09 23.80
C TYR A 703 21.08 -11.04 23.19
N VAL A 704 22.27 -11.48 22.78
CA VAL A 704 23.22 -10.62 22.08
C VAL A 704 23.64 -11.34 20.81
N PRO A 705 22.93 -11.17 19.70
CA PRO A 705 23.18 -12.01 18.53
C PRO A 705 24.59 -11.85 18.01
N GLN A 706 25.11 -12.93 17.41
CA GLN A 706 26.45 -12.89 16.84
C GLN A 706 26.55 -11.84 15.75
N GLN A 707 25.53 -11.75 14.88
CA GLN A 707 25.46 -10.72 13.85
C GLN A 707 24.68 -9.55 14.46
N SER A 708 25.41 -8.54 14.93
CA SER A 708 24.79 -7.46 15.67
C SER A 708 23.69 -6.80 14.85
N TRP A 709 22.56 -6.56 15.50
CA TRP A 709 21.43 -5.88 14.90
C TRP A 709 21.20 -4.55 15.62
N ILE A 710 21.14 -3.46 14.86
CA ILE A 710 20.99 -2.13 15.42
C ILE A 710 19.84 -1.43 14.69
N GLN A 711 18.90 -0.88 15.47
CA GLN A 711 17.76 -0.19 14.88
C GLN A 711 18.23 1.14 14.30
N ASN A 712 17.27 1.90 13.78
CA ASN A 712 17.52 3.22 13.22
C ASN A 712 17.03 4.28 14.18
N GLY A 713 17.90 5.21 14.52
CA GLY A 713 17.57 6.28 15.43
C GLY A 713 18.76 6.65 16.28
N THR A 714 18.49 7.34 17.38
CA THR A 714 19.55 7.79 18.27
C THR A 714 20.15 6.60 19.01
N ILE A 715 21.34 6.82 19.56
CA ILE A 715 21.96 5.78 20.38
C ILE A 715 21.11 5.52 21.62
N LYS A 716 20.59 6.57 22.25
CA LYS A 716 19.77 6.39 23.44
C LYS A 716 18.62 5.44 23.17
N ASP A 717 17.93 5.63 22.04
CA ASP A 717 16.82 4.75 21.70
C ASP A 717 17.30 3.31 21.58
N ASN A 718 18.43 3.10 20.92
CA ASN A 718 18.94 1.75 20.74
C ASN A 718 19.24 1.09 22.08
N ILE A 719 19.88 1.81 22.99
CA ILE A 719 20.19 1.23 24.29
C ILE A 719 18.92 1.06 25.12
N LEU A 720 18.07 2.07 25.13
CA LEU A 720 16.86 2.01 25.95
C LEU A 720 15.94 0.89 25.48
N PHE A 721 15.73 0.79 24.16
CA PHE A 721 14.85 -0.22 23.58
C PHE A 721 13.41 -0.06 24.05
N GLY A 722 13.00 1.16 24.36
CA GLY A 722 11.62 1.47 24.67
C GLY A 722 11.30 1.53 26.15
N THR A 723 12.16 0.99 27.01
CA THR A 723 11.88 1.02 28.43
C THR A 723 12.02 2.45 28.97
N GLU A 724 11.47 2.66 30.16
CA GLU A 724 11.53 3.98 30.78
C GLU A 724 12.98 4.42 30.97
N PHE A 725 13.24 5.69 30.65
CA PHE A 725 14.59 6.22 30.80
C PHE A 725 14.91 6.42 32.27
N ASN A 726 16.11 5.99 32.68
CA ASN A 726 16.59 6.16 34.05
C ASN A 726 18.02 6.68 33.98
N GLU A 727 18.20 7.95 34.35
CA GLU A 727 19.51 8.57 34.23
C GLU A 727 20.53 7.86 35.12
N LYS A 728 20.12 7.46 36.33
CA LYS A 728 21.05 6.85 37.26
C LYS A 728 21.73 5.62 36.65
N ARG A 729 20.93 4.69 36.13
CA ARG A 729 21.50 3.47 35.55
C ARG A 729 22.13 3.75 34.20
N TYR A 730 21.62 4.74 33.47
CA TYR A 730 22.13 5.02 32.13
C TYR A 730 23.63 5.30 32.16
N GLN A 731 24.06 6.16 33.08
CA GLN A 731 25.47 6.51 33.14
C GLN A 731 26.33 5.30 33.51
N GLN A 732 25.81 4.41 34.36
CA GLN A 732 26.57 3.21 34.70
C GLN A 732 26.89 2.39 33.46
N VAL A 733 25.87 2.09 32.66
CA VAL A 733 26.07 1.25 31.48
C VAL A 733 27.01 1.93 30.50
N LEU A 734 26.76 3.21 30.23
CA LEU A 734 27.62 3.94 29.30
C LEU A 734 29.06 3.98 29.78
N GLU A 735 29.26 4.21 31.07
CA GLU A 735 30.61 4.18 31.62
C GLU A 735 31.11 2.74 31.76
N ALA A 736 30.27 1.83 32.22
CA ALA A 736 30.71 0.45 32.43
C ALA A 736 31.16 -0.18 31.12
N CYS A 737 30.31 -0.12 30.11
CA CYS A 737 30.72 -0.53 28.77
C CYS A 737 31.50 0.61 28.12
N ALA A 738 32.62 0.28 27.50
CA ALA A 738 33.55 1.30 27.01
C ALA A 738 32.90 1.97 25.79
N LEU A 739 32.00 2.90 26.08
CA LEU A 739 31.31 3.66 25.05
C LEU A 739 31.64 5.14 25.06
N LEU A 740 31.96 5.72 26.21
CA LEU A 740 32.25 7.14 26.29
C LEU A 740 33.27 7.59 25.25
N PRO A 741 34.41 6.91 25.07
CA PRO A 741 35.31 7.30 23.98
C PRO A 741 34.63 7.28 22.63
N ASP A 742 33.75 6.31 22.39
CA ASP A 742 33.04 6.25 21.12
C ASP A 742 32.04 7.39 20.98
N LEU A 743 31.41 7.82 22.07
CA LEU A 743 30.48 8.93 22.00
C LEU A 743 31.17 10.25 21.71
N GLU A 744 32.50 10.33 21.87
CA GLU A 744 33.19 11.58 21.68
C GLU A 744 33.15 12.03 20.22
N MET A 745 33.53 11.15 19.29
CA MET A 745 33.69 11.56 17.91
C MET A 745 32.37 11.63 17.15
N LEU A 746 31.33 10.96 17.63
CA LEU A 746 30.05 11.00 16.93
C LEU A 746 29.53 12.44 16.92
N PRO A 747 29.02 12.93 15.79
CA PRO A 747 28.65 14.35 15.70
C PRO A 747 27.80 14.84 16.87
N GLY A 748 26.64 14.22 17.06
CA GLY A 748 25.72 14.64 18.10
C GLY A 748 25.96 14.01 19.45
N GLY A 749 27.03 13.24 19.61
CA GLY A 749 27.23 12.50 20.83
C GLY A 749 26.14 11.48 21.06
N ASP A 750 25.50 11.53 22.23
CA ASP A 750 24.48 10.53 22.56
C ASP A 750 23.38 10.52 21.49
N LEU A 751 22.85 11.70 21.15
CA LEU A 751 21.77 11.79 20.19
C LEU A 751 22.29 11.90 18.76
N ALA A 752 23.18 10.99 18.39
CA ALA A 752 23.72 10.93 17.04
C ALA A 752 22.99 9.86 16.26
N GLU A 753 22.17 10.28 15.30
CA GLU A 753 21.29 9.38 14.58
C GLU A 753 22.11 8.26 13.96
N ILE A 754 21.65 7.03 14.12
CA ILE A 754 22.34 5.86 13.57
C ILE A 754 21.51 5.34 12.40
N GLY A 755 22.17 5.14 11.27
CA GLY A 755 21.96 4.66 9.92
C GLY A 755 21.41 3.25 9.95
N GLU A 756 20.48 2.93 9.05
CA GLU A 756 19.86 1.61 9.06
C GLU A 756 20.93 0.54 8.99
N LYS A 757 20.82 -0.46 9.87
CA LYS A 757 21.81 -1.53 9.96
C LYS A 757 23.19 -0.96 10.30
N GLY A 758 23.21 0.17 11.02
CA GLY A 758 24.47 0.67 11.55
C GLY A 758 25.52 1.00 10.51
N ILE A 759 25.12 1.74 9.46
CA ILE A 759 26.11 2.15 8.47
C ILE A 759 27.19 3.02 9.10
N ASN A 760 26.80 3.93 9.99
CA ASN A 760 27.76 4.83 10.61
C ASN A 760 28.83 4.05 11.35
N LEU A 761 28.43 3.28 12.36
CA LEU A 761 29.39 2.58 13.20
C LEU A 761 30.07 1.48 12.39
N SER A 762 30.96 0.75 13.07
CA SER A 762 31.71 -0.32 12.40
C SER A 762 32.18 -1.30 13.47
N GLY A 763 31.68 -2.54 13.38
CA GLY A 763 32.15 -3.61 14.24
C GLY A 763 32.11 -3.28 15.72
N GLY A 764 33.28 -3.12 16.32
CA GLY A 764 33.39 -2.89 17.75
C GLY A 764 32.36 -1.91 18.29
N GLN A 765 32.14 -0.81 17.57
CA GLN A 765 31.13 0.15 18.01
C GLN A 765 29.75 -0.50 18.07
N LYS A 766 29.39 -1.27 17.04
CA LYS A 766 28.09 -1.90 17.02
C LYS A 766 27.94 -2.89 18.17
N GLN A 767 28.98 -3.69 18.43
CA GLN A 767 28.87 -4.71 19.46
C GLN A 767 28.67 -4.09 20.84
N ARG A 768 29.35 -2.98 21.12
CA ARG A 768 29.17 -2.31 22.40
C ARG A 768 27.71 -1.90 22.59
N ILE A 769 27.10 -1.37 21.53
CA ILE A 769 25.69 -0.98 21.62
C ILE A 769 24.84 -2.21 21.93
N SER A 770 25.08 -3.31 21.22
CA SER A 770 24.31 -4.53 21.48
C SER A 770 24.48 -4.99 22.91
N LEU A 771 25.74 -5.01 23.38
CA LEU A 771 25.99 -5.47 24.74
C LEU A 771 25.34 -4.56 25.76
N ALA A 772 25.44 -3.24 25.56
CA ALA A 772 24.84 -2.30 26.50
C ALA A 772 23.34 -2.49 26.57
N ARG A 773 22.69 -2.71 25.42
CA ARG A 773 21.24 -2.84 25.41
C ARG A 773 20.78 -3.95 26.34
N ALA A 774 21.45 -5.11 26.29
CA ALA A 774 21.07 -6.20 27.18
C ALA A 774 21.35 -5.85 28.64
N THR A 775 22.51 -5.26 28.92
CA THR A 775 22.87 -4.97 30.30
C THR A 775 21.89 -3.98 30.92
N TYR A 776 21.53 -2.94 30.19
CA TYR A 776 20.62 -1.94 30.72
C TYR A 776 19.27 -2.56 31.06
N GLN A 777 18.81 -3.48 30.22
CA GLN A 777 17.48 -4.04 30.39
C GLN A 777 17.34 -4.77 31.71
N ASN A 778 18.43 -5.32 32.24
CA ASN A 778 18.44 -5.95 33.56
C ASN A 778 17.44 -7.11 33.62
N LEU A 779 17.70 -8.15 32.83
CA LEU A 779 16.89 -9.35 32.85
C LEU A 779 17.56 -10.41 33.74
N ASP A 780 17.05 -11.63 33.70
CA ASP A 780 17.56 -12.68 34.59
C ASP A 780 18.73 -13.43 33.95
N ILE A 781 18.50 -14.04 32.78
CA ILE A 781 19.50 -14.84 32.10
C ILE A 781 20.02 -14.05 30.92
N TYR A 782 21.35 -14.01 30.77
CA TYR A 782 22.00 -13.30 29.68
C TYR A 782 22.66 -14.33 28.76
N LEU A 783 22.33 -14.27 27.48
CA LEU A 783 22.92 -15.15 26.48
C LEU A 783 23.79 -14.29 25.56
N LEU A 784 25.09 -14.32 25.80
CA LEU A 784 26.04 -13.53 25.04
C LEU A 784 26.76 -14.44 24.07
N ASP A 785 26.50 -14.27 22.78
CA ASP A 785 27.07 -15.11 21.73
C ASP A 785 28.16 -14.26 21.05
N ASP A 786 29.40 -14.45 21.50
CA ASP A 786 30.54 -13.74 20.93
C ASP A 786 30.26 -12.24 20.90
N PRO A 787 30.24 -11.58 22.05
CA PRO A 787 29.84 -10.18 22.07
C PRO A 787 30.97 -9.20 21.82
N LEU A 788 32.21 -9.62 22.09
CA LEU A 788 33.35 -8.70 22.10
C LEU A 788 34.47 -9.14 21.18
N SER A 789 34.17 -9.94 20.15
CA SER A 789 35.20 -10.28 19.18
C SER A 789 35.69 -9.05 18.43
N ALA A 790 34.77 -8.17 18.04
CA ALA A 790 35.13 -7.01 17.23
C ALA A 790 36.06 -6.08 17.99
N VAL A 791 35.77 -5.83 19.27
CA VAL A 791 36.55 -4.85 20.03
C VAL A 791 37.99 -5.35 20.17
N ASP A 792 38.87 -4.41 20.49
CA ASP A 792 40.29 -4.71 20.62
C ASP A 792 40.56 -5.46 21.92
N ALA A 793 41.83 -5.83 22.12
CA ALA A 793 42.20 -6.57 23.31
C ALA A 793 42.09 -5.73 24.56
N HIS A 794 42.61 -4.50 24.52
CA HIS A 794 42.61 -3.66 25.72
C HIS A 794 41.18 -3.40 26.20
N VAL A 795 40.29 -3.03 25.27
CA VAL A 795 38.90 -2.80 25.65
C VAL A 795 38.27 -4.08 26.16
N GLY A 796 38.53 -5.21 25.51
CA GLY A 796 37.92 -6.46 25.93
C GLY A 796 38.20 -6.77 27.39
N LYS A 797 39.44 -6.56 27.83
CA LYS A 797 39.76 -6.75 29.24
C LYS A 797 38.91 -5.83 30.11
N HIS A 798 38.79 -4.57 29.71
CA HIS A 798 37.96 -3.63 30.47
C HIS A 798 36.50 -4.07 30.46
N ILE A 799 36.00 -4.50 29.31
CA ILE A 799 34.60 -4.91 29.23
C ILE A 799 34.34 -6.11 30.14
N PHE A 800 35.19 -7.12 30.08
CA PHE A 800 34.91 -8.36 30.78
C PHE A 800 34.84 -8.13 32.29
N ASN A 801 35.87 -7.52 32.86
CA ASN A 801 35.90 -7.36 34.31
C ASN A 801 34.80 -6.43 34.80
N LYS A 802 34.56 -5.33 34.10
CA LYS A 802 33.62 -4.34 34.59
C LYS A 802 32.18 -4.80 34.38
N VAL A 803 31.90 -5.49 33.27
CA VAL A 803 30.53 -5.84 32.91
C VAL A 803 30.26 -7.29 33.28
N LEU A 804 31.01 -8.21 32.67
CA LEU A 804 30.72 -9.63 32.81
C LEU A 804 31.54 -10.31 33.90
N GLY A 805 32.58 -9.64 34.40
CA GLY A 805 33.45 -10.22 35.39
C GLY A 805 32.69 -10.64 36.63
N PRO A 806 33.37 -11.35 37.54
CA PRO A 806 32.70 -11.77 38.78
C PRO A 806 32.18 -10.62 39.60
N ASN A 807 32.86 -9.47 39.56
CA ASN A 807 32.43 -8.28 40.28
C ASN A 807 31.87 -7.22 39.32
N GLY A 808 31.37 -7.65 38.16
CA GLY A 808 30.80 -6.74 37.20
C GLY A 808 29.33 -6.49 37.45
N LEU A 809 28.71 -5.77 36.51
CA LEU A 809 27.30 -5.42 36.67
C LEU A 809 26.43 -6.66 36.78
N LEU A 810 26.71 -7.67 35.95
CA LEU A 810 25.98 -8.94 36.02
C LEU A 810 26.55 -9.84 37.10
N LYS A 811 26.63 -9.32 38.31
CA LYS A 811 27.26 -10.06 39.40
C LYS A 811 26.51 -11.34 39.70
N GLY A 812 25.18 -11.28 39.73
CA GLY A 812 24.38 -12.44 40.12
C GLY A 812 23.67 -13.10 38.97
N LYS A 813 23.36 -12.33 37.92
CA LYS A 813 22.61 -12.88 36.80
C LYS A 813 23.41 -13.98 36.12
N THR A 814 22.72 -15.08 35.77
CA THR A 814 23.36 -16.11 34.98
C THR A 814 23.76 -15.51 33.65
N ARG A 815 24.84 -15.98 33.04
CA ARG A 815 25.30 -15.38 31.80
C ARG A 815 26.06 -16.44 31.00
N LEU A 816 25.38 -17.04 30.02
CA LEU A 816 26.06 -17.87 29.04
C LEU A 816 26.96 -17.00 28.19
N LEU A 817 28.07 -17.59 27.74
CA LEU A 817 29.05 -16.84 26.97
C LEU A 817 29.59 -17.75 25.87
N VAL A 818 29.88 -17.16 24.71
CA VAL A 818 30.42 -17.89 23.57
C VAL A 818 31.65 -17.09 23.12
N THR A 819 32.83 -17.54 23.54
CA THR A 819 34.07 -16.84 23.26
C THR A 819 34.94 -17.67 22.33
N HIS A 820 35.43 -17.03 21.27
CA HIS A 820 36.44 -17.61 20.41
C HIS A 820 37.85 -17.32 20.87
N SER A 821 38.01 -16.43 21.85
CA SER A 821 39.32 -16.09 22.40
C SER A 821 39.49 -16.72 23.77
N MET A 822 40.58 -17.44 23.95
CA MET A 822 40.88 -18.13 25.20
C MET A 822 41.35 -17.19 26.30
N HIS A 823 41.18 -15.88 26.15
CA HIS A 823 41.74 -14.94 27.11
C HIS A 823 41.16 -15.13 28.51
N PHE A 824 39.84 -15.28 28.60
CA PHE A 824 39.15 -15.17 29.89
C PHE A 824 38.79 -16.52 30.50
N LEU A 825 39.34 -17.61 29.99
CA LEU A 825 39.01 -18.92 30.55
C LEU A 825 39.26 -19.03 32.04
N PRO A 826 40.36 -18.52 32.59
CA PRO A 826 40.59 -18.69 34.04
C PRO A 826 39.46 -18.17 34.91
N GLN A 827 38.78 -17.11 34.48
CA GLN A 827 37.75 -16.47 35.30
C GLN A 827 36.36 -17.07 35.11
N VAL A 828 36.22 -18.08 34.26
CA VAL A 828 34.90 -18.66 34.00
C VAL A 828 34.55 -19.62 35.12
N ASP A 829 33.25 -19.69 35.43
CA ASP A 829 32.80 -20.62 36.45
C ASP A 829 32.76 -22.05 35.94
N GLU A 830 32.42 -22.24 34.66
CA GLU A 830 32.35 -23.56 34.07
C GLU A 830 32.48 -23.42 32.56
N ILE A 831 32.93 -24.50 31.91
CA ILE A 831 33.16 -24.52 30.48
C ILE A 831 32.45 -25.71 29.88
N VAL A 832 31.99 -25.55 28.64
CA VAL A 832 31.35 -26.64 27.91
C VAL A 832 31.92 -26.70 26.50
N VAL A 833 32.96 -27.51 26.31
CA VAL A 833 33.54 -27.67 24.98
C VAL A 833 32.65 -28.59 24.17
N LEU A 834 32.07 -28.06 23.09
CA LEU A 834 31.14 -28.82 22.27
C LEU A 834 31.58 -28.77 20.81
N GLY A 835 31.52 -29.93 20.16
CA GLY A 835 31.84 -30.02 18.75
C GLY A 835 30.84 -30.89 18.01
N ASN A 836 30.28 -30.37 16.92
CA ASN A 836 29.28 -31.09 16.13
C ASN A 836 28.05 -31.41 16.97
N GLY A 837 27.59 -30.41 17.71
CA GLY A 837 26.36 -30.57 18.49
C GLY A 837 26.45 -31.62 19.57
N THR A 838 27.58 -31.72 20.26
CA THR A 838 27.74 -32.66 21.36
C THR A 838 28.70 -32.05 22.38
N ILE A 839 28.45 -32.33 23.65
CA ILE A 839 29.33 -31.84 24.72
C ILE A 839 30.48 -32.81 24.89
N VAL A 840 31.56 -32.61 24.12
CA VAL A 840 32.70 -33.51 24.20
C VAL A 840 33.33 -33.46 25.58
N GLU A 841 33.47 -32.27 26.15
CA GLU A 841 34.06 -32.10 27.46
C GLU A 841 33.28 -31.03 28.22
N LYS A 842 33.35 -31.10 29.55
CA LYS A 842 32.65 -30.14 30.39
C LYS A 842 33.33 -30.12 31.76
N GLY A 843 33.92 -28.98 32.11
CA GLY A 843 34.58 -28.85 33.38
C GLY A 843 35.10 -27.45 33.58
N SER A 844 35.52 -27.17 34.81
CA SER A 844 36.12 -25.88 35.11
C SER A 844 37.47 -25.75 34.41
N TYR A 845 38.05 -24.56 34.50
CA TYR A 845 39.33 -24.31 33.84
C TYR A 845 40.41 -25.27 34.35
N SER A 846 40.56 -25.36 35.66
CA SER A 846 41.57 -26.26 36.22
C SER A 846 41.23 -27.72 35.95
N ALA A 847 39.95 -28.09 36.07
CA ALA A 847 39.57 -29.48 35.91
C ALA A 847 39.89 -29.99 34.51
N LEU A 848 39.57 -29.20 33.48
CA LEU A 848 39.78 -29.67 32.11
C LEU A 848 41.26 -29.81 31.80
N LEU A 849 42.06 -28.80 32.10
CA LEU A 849 43.47 -28.83 31.75
C LEU A 849 44.20 -29.97 32.45
N ALA A 850 43.65 -30.52 33.53
CA ALA A 850 44.28 -31.65 34.19
C ALA A 850 44.36 -32.85 33.24
N LYS A 851 43.29 -33.11 32.50
CA LYS A 851 43.27 -34.20 31.54
C LYS A 851 43.97 -33.78 30.26
N LYS A 852 44.89 -34.60 29.79
CA LYS A 852 45.53 -34.34 28.50
C LYS A 852 44.52 -34.56 27.38
N GLY A 853 44.43 -33.59 26.48
CA GLY A 853 43.46 -33.68 25.41
C GLY A 853 43.50 -32.45 24.53
N GLU A 854 42.46 -32.30 23.73
CA GLU A 854 42.43 -31.20 22.77
C GLU A 854 42.49 -29.85 23.47
N PHE A 855 41.74 -29.70 24.58
CA PHE A 855 41.71 -28.42 25.27
C PHE A 855 43.10 -28.03 25.75
N ALA A 856 43.86 -29.01 26.27
CA ALA A 856 45.21 -28.73 26.73
C ALA A 856 46.06 -28.17 25.59
N LYS A 857 45.97 -28.79 24.42
CA LYS A 857 46.67 -28.26 23.25
C LYS A 857 45.98 -27.02 22.72
N ASN A 858 44.67 -26.91 22.92
CA ASN A 858 43.92 -25.76 22.43
C ASN A 858 44.48 -24.46 23.03
N LEU A 859 44.73 -24.47 24.33
CA LEU A 859 45.35 -23.30 24.96
C LEU A 859 46.79 -23.13 24.51
N LYS A 860 47.50 -24.24 24.29
CA LYS A 860 48.91 -24.15 23.93
C LYS A 860 49.10 -23.36 22.64
N THR A 861 48.25 -23.60 21.65
CA THR A 861 48.35 -22.84 20.40
C THR A 861 48.17 -21.35 20.67
N PHE A 862 47.25 -20.98 21.57
CA PHE A 862 47.06 -19.58 21.90
C PHE A 862 48.32 -18.98 22.49
N LEU A 863 49.01 -19.70 23.37
CA LEU A 863 50.24 -19.22 23.97
C LEU A 863 51.44 -19.50 23.06
N LYS A 947 24.85 20.55 12.89
CA LYS A 947 25.63 19.71 13.78
C LYS A 947 26.23 18.53 13.04
N GLY A 948 25.55 18.10 11.98
CA GLY A 948 25.97 16.94 11.21
C GLY A 948 25.54 15.60 11.78
N GLN A 949 24.70 15.59 12.80
CA GLN A 949 24.26 14.36 13.45
C GLN A 949 23.00 13.79 12.81
N LYS A 950 22.46 14.43 11.78
CA LYS A 950 21.23 14.00 11.13
C LYS A 950 21.56 13.48 9.74
N LEU A 951 21.26 12.21 9.50
CA LEU A 951 21.53 11.58 8.21
C LEU A 951 20.29 11.49 7.34
N ILE A 952 19.24 10.83 7.82
CA ILE A 952 18.05 10.60 7.01
C ILE A 952 17.22 11.88 6.98
N LYS A 953 16.85 12.32 5.78
CA LYS A 953 16.10 13.54 5.60
C LYS A 953 14.73 13.22 5.02
N LYS A 954 13.76 14.08 5.34
CA LYS A 954 12.39 13.86 4.89
C LYS A 954 12.31 13.88 3.37
N GLU A 955 11.42 13.05 2.83
CA GLU A 955 11.20 13.04 1.39
C GLU A 955 10.78 14.42 0.92
N PHE A 956 11.39 14.89 -0.16
CA PHE A 956 11.01 16.17 -0.75
C PHE A 956 9.84 15.93 -1.70
N ILE A 957 8.67 16.47 -1.35
CA ILE A 957 7.46 16.28 -2.14
C ILE A 957 7.25 17.51 -3.00
N GLU A 958 7.09 17.30 -4.31
CA GLU A 958 6.77 18.40 -5.20
C GLU A 958 5.44 19.01 -4.80
N THR A 959 5.40 20.35 -4.76
CA THR A 959 4.25 21.07 -4.24
C THR A 959 3.34 21.61 -5.34
N GLY A 960 3.89 22.42 -6.24
CA GLY A 960 3.08 23.13 -7.20
C GLY A 960 2.17 22.26 -8.04
N LYS A 961 2.75 21.45 -8.91
CA LYS A 961 1.99 20.62 -9.83
C LYS A 961 2.96 19.82 -10.68
N VAL A 962 2.45 18.75 -11.28
CA VAL A 962 3.28 17.90 -12.13
C VAL A 962 3.74 18.72 -13.32
N LYS A 963 5.04 18.95 -13.40
CA LYS A 963 5.58 19.70 -14.53
C LYS A 963 5.30 18.95 -15.81
N PHE A 964 4.97 19.69 -16.87
CA PHE A 964 4.65 19.05 -18.14
C PHE A 964 5.81 18.22 -18.67
N SER A 965 7.04 18.50 -18.23
CA SER A 965 8.16 17.69 -18.67
C SER A 965 8.02 16.24 -18.24
N ILE A 966 7.26 15.97 -17.18
CA ILE A 966 7.04 14.59 -16.76
C ILE A 966 6.16 13.86 -17.76
N TYR A 967 5.07 14.50 -18.20
CA TYR A 967 4.22 13.87 -19.20
C TYR A 967 4.99 13.57 -20.47
N LEU A 968 5.74 14.56 -20.97
CA LEU A 968 6.49 14.35 -22.19
C LEU A 968 7.45 13.19 -22.03
N GLU A 969 8.08 13.06 -20.87
CA GLU A 969 8.99 11.95 -20.64
C GLU A 969 8.26 10.62 -20.76
N TYR A 970 7.09 10.51 -20.14
CA TYR A 970 6.33 9.28 -20.25
C TYR A 970 5.88 9.03 -21.68
N LEU A 971 5.39 10.07 -22.35
CA LEU A 971 4.96 9.91 -23.73
C LEU A 971 6.13 9.52 -24.64
N GLN A 972 7.31 10.08 -24.37
CA GLN A 972 8.48 9.67 -25.15
C GLN A 972 8.76 8.19 -24.95
N ALA A 973 8.62 7.69 -23.73
CA ALA A 973 8.79 6.27 -23.48
C ALA A 973 7.88 5.46 -24.39
N ILE A 974 6.59 5.81 -24.42
CA ILE A 974 5.71 5.24 -25.43
C ILE A 974 6.22 5.67 -26.81
N GLY A 975 6.08 4.79 -27.78
CA GLY A 975 6.51 5.13 -29.13
C GLY A 975 5.73 6.29 -29.69
N LEU A 976 6.42 7.40 -29.98
CA LEU A 976 5.75 8.52 -30.63
C LEU A 976 5.12 8.09 -31.94
N PHE A 977 5.68 7.06 -32.58
CA PHE A 977 5.02 6.43 -33.70
C PHE A 977 3.71 5.79 -33.26
N SER A 978 3.72 5.14 -32.10
CA SER A 978 2.53 4.42 -31.65
C SER A 978 1.43 5.37 -31.21
N ILE A 979 1.78 6.41 -30.45
CA ILE A 979 0.75 7.32 -29.93
C ILE A 979 -0.02 7.92 -31.08
N PHE A 980 0.66 8.25 -32.18
CA PHE A 980 -0.03 8.80 -33.35
C PHE A 980 -1.05 7.81 -33.89
N PHE A 981 -0.68 6.53 -33.98
CA PHE A 981 -1.61 5.53 -34.48
C PHE A 981 -2.72 5.25 -33.46
N ILE A 982 -2.39 5.25 -32.17
CA ILE A 982 -3.42 5.01 -31.16
C ILE A 982 -4.47 6.10 -31.22
N ILE A 983 -4.05 7.36 -31.32
CA ILE A 983 -5.01 8.44 -31.49
C ILE A 983 -5.75 8.28 -32.81
N LEU A 984 -5.02 7.91 -33.87
CA LEU A 984 -5.67 7.72 -35.16
C LEU A 984 -6.81 6.72 -35.08
N ALA A 985 -6.56 5.58 -34.44
CA ALA A 985 -7.60 4.55 -34.37
C ALA A 985 -8.82 5.06 -33.62
N PHE A 986 -8.61 5.74 -32.51
CA PHE A 986 -9.75 6.21 -31.71
C PHE A 986 -10.55 7.26 -32.48
N VAL A 987 -9.88 8.28 -33.02
CA VAL A 987 -10.59 9.28 -33.80
C VAL A 987 -11.22 8.65 -35.03
N MET A 988 -10.50 7.75 -35.69
CA MET A 988 -11.02 7.00 -36.82
C MET A 988 -12.03 5.95 -36.38
N ASN A 989 -12.13 5.70 -35.07
CA ASN A 989 -13.26 4.94 -34.54
C ASN A 989 -14.49 5.82 -34.39
N SER A 990 -14.34 6.96 -33.71
CA SER A 990 -15.50 7.80 -33.40
C SER A 990 -16.28 8.14 -34.66
N VAL A 991 -15.58 8.36 -35.78
CA VAL A 991 -16.27 8.67 -37.03
C VAL A 991 -17.25 7.54 -37.36
N ALA A 992 -16.81 6.30 -37.17
CA ALA A 992 -17.72 5.18 -37.40
C ALA A 992 -18.93 5.27 -36.48
N PHE A 993 -18.71 5.60 -35.21
CA PHE A 993 -19.83 5.77 -34.30
C PHE A 993 -20.74 6.89 -34.77
N ILE A 994 -20.16 7.97 -35.29
CA ILE A 994 -20.97 9.06 -35.82
C ILE A 994 -21.83 8.56 -36.97
N GLY A 995 -21.24 7.81 -37.90
CA GLY A 995 -22.00 7.32 -39.04
C GLY A 995 -23.17 6.45 -38.62
N SER A 996 -22.93 5.56 -37.66
CA SER A 996 -24.00 4.67 -37.20
C SER A 996 -25.25 5.45 -36.85
N ASN A 997 -25.14 6.36 -35.87
CA ASN A 997 -26.31 7.13 -35.47
C ASN A 997 -26.81 7.99 -36.63
N LEU A 998 -25.90 8.60 -37.38
CA LEU A 998 -26.31 9.37 -38.55
C LEU A 998 -27.10 8.50 -39.52
N TRP A 999 -26.77 7.21 -39.60
CA TRP A 999 -27.53 6.31 -40.45
C TRP A 999 -28.98 6.20 -39.98
N LEU A 1000 -29.19 6.10 -38.67
CA LEU A 1000 -30.53 5.97 -38.13
C LEU A 1000 -31.38 7.18 -38.51
N SER A 1001 -30.81 8.38 -38.38
CA SER A 1001 -31.54 9.58 -38.78
C SER A 1001 -31.92 9.50 -40.25
N ALA A 1002 -30.98 9.07 -41.09
CA ALA A 1002 -31.29 8.86 -42.50
C ALA A 1002 -32.19 7.65 -42.72
N TRP A 1003 -32.41 6.84 -41.69
CA TRP A 1003 -33.26 5.67 -41.77
C TRP A 1003 -34.62 5.88 -41.12
N THR A 1004 -34.68 6.62 -40.01
CA THR A 1004 -35.95 6.88 -39.36
C THR A 1004 -36.88 7.66 -40.27
N SER A 1005 -36.33 8.50 -41.15
CA SER A 1005 -37.16 9.27 -42.07
C SER A 1005 -37.79 8.42 -43.15
N ASP A 1006 -37.38 7.16 -43.28
CA ASP A 1006 -37.91 6.31 -44.35
C ASP A 1006 -39.42 6.14 -44.22
N SER A 1007 -39.92 6.00 -43.00
CA SER A 1007 -41.34 5.70 -42.82
C SER A 1007 -42.23 6.79 -43.39
N LYS A 1008 -41.88 8.06 -43.15
CA LYS A 1008 -42.74 9.14 -43.62
C LYS A 1008 -42.83 9.17 -45.13
N ILE A 1009 -41.69 9.03 -45.82
CA ILE A 1009 -41.69 9.06 -47.27
C ILE A 1009 -42.34 7.80 -47.83
N PHE A 1010 -42.02 6.64 -47.28
CA PHE A 1010 -42.56 5.38 -47.74
C PHE A 1010 -43.83 5.05 -46.96
N ASN A 1011 -44.33 3.83 -47.14
CA ASN A 1011 -45.51 3.36 -46.42
C ASN A 1011 -45.36 1.86 -46.18
N SER A 1012 -46.36 1.29 -45.51
CA SER A 1012 -46.29 -0.14 -45.19
C SER A 1012 -46.24 -0.98 -46.45
N THR A 1013 -47.11 -0.68 -47.42
CA THR A 1013 -47.09 -1.41 -48.68
C THR A 1013 -45.96 -0.96 -49.58
N ASP A 1014 -45.65 0.33 -49.59
CA ASP A 1014 -44.63 0.87 -50.49
C ASP A 1014 -43.22 0.52 -50.05
N TYR A 1015 -43.02 0.17 -48.78
CA TYR A 1015 -41.69 -0.15 -48.29
C TYR A 1015 -41.27 -1.53 -48.79
N PRO A 1016 -40.19 -1.64 -49.56
CA PRO A 1016 -39.74 -2.96 -50.02
C PRO A 1016 -38.82 -3.63 -49.01
N ALA A 1017 -38.53 -4.91 -49.27
CA ALA A 1017 -37.67 -5.71 -48.41
C ALA A 1017 -36.32 -5.97 -49.05
N SER A 1018 -36.28 -6.42 -50.30
CA SER A 1018 -35.01 -6.72 -50.96
C SER A 1018 -34.13 -5.48 -51.08
N GLN A 1019 -34.73 -4.29 -51.23
CA GLN A 1019 -33.96 -3.07 -51.41
C GLN A 1019 -33.70 -2.32 -50.12
N ARG A 1020 -34.44 -2.60 -49.05
CA ARG A 1020 -34.27 -1.92 -47.79
C ARG A 1020 -33.62 -2.80 -46.72
N ASP A 1021 -33.32 -4.05 -47.04
CA ASP A 1021 -32.47 -4.83 -46.14
C ASP A 1021 -31.04 -4.28 -46.10
N MET A 1022 -30.66 -3.47 -47.08
CA MET A 1022 -29.37 -2.80 -47.03
C MET A 1022 -29.29 -1.85 -45.84
N ARG A 1023 -30.43 -1.23 -45.48
CA ARG A 1023 -30.43 -0.30 -44.36
C ARG A 1023 -29.98 -0.99 -43.08
N VAL A 1024 -30.53 -2.16 -42.79
CA VAL A 1024 -30.07 -2.92 -41.64
C VAL A 1024 -28.65 -3.44 -41.88
N GLY A 1025 -28.37 -3.86 -43.11
CA GLY A 1025 -27.05 -4.38 -43.41
C GLY A 1025 -25.95 -3.37 -43.13
N VAL A 1026 -26.16 -2.13 -43.57
CA VAL A 1026 -25.16 -1.09 -43.31
C VAL A 1026 -24.97 -0.92 -41.81
N TYR A 1027 -26.07 -0.87 -41.07
CA TYR A 1027 -25.97 -0.69 -39.61
C TYR A 1027 -25.16 -1.82 -39.00
N GLY A 1028 -25.40 -3.05 -39.43
CA GLY A 1028 -24.65 -4.18 -38.92
C GLY A 1028 -23.18 -4.12 -39.27
N ALA A 1029 -22.88 -3.92 -40.55
CA ALA A 1029 -21.48 -3.80 -40.97
C ALA A 1029 -20.83 -2.58 -40.33
N LEU A 1030 -21.55 -1.46 -40.33
CA LEU A 1030 -21.03 -0.27 -39.67
C LEU A 1030 -20.83 -0.51 -38.18
N GLY A 1031 -21.77 -1.24 -37.56
CA GLY A 1031 -21.59 -1.59 -36.16
C GLY A 1031 -20.33 -2.37 -35.91
N LEU A 1032 -20.04 -3.34 -36.77
CA LEU A 1032 -18.81 -4.11 -36.64
C LEU A 1032 -17.59 -3.22 -36.79
N ALA A 1033 -17.61 -2.31 -37.77
CA ALA A 1033 -16.46 -1.44 -38.00
C ALA A 1033 -16.05 -0.75 -36.70
N GLN A 1034 -17.02 -0.26 -35.94
CA GLN A 1034 -16.71 0.31 -34.64
C GLN A 1034 -16.07 -0.71 -33.72
N GLY A 1035 -16.57 -1.94 -33.73
CA GLY A 1035 -16.01 -2.95 -32.83
C GLY A 1035 -14.56 -3.28 -33.14
N ILE A 1036 -14.24 -3.50 -34.42
CA ILE A 1036 -12.86 -3.77 -34.80
C ILE A 1036 -12.00 -2.55 -34.51
N PHE A 1037 -12.51 -1.36 -34.81
CA PHE A 1037 -11.67 -0.16 -34.76
C PHE A 1037 -11.20 0.11 -33.35
N VAL A 1038 -12.07 -0.08 -32.35
CA VAL A 1038 -11.65 0.08 -30.97
C VAL A 1038 -10.69 -1.04 -30.58
N PHE A 1039 -10.91 -2.25 -31.09
CA PHE A 1039 -10.04 -3.37 -30.74
C PHE A 1039 -8.60 -3.09 -31.16
N ILE A 1040 -8.41 -2.58 -32.36
CA ILE A 1040 -7.06 -2.25 -32.81
C ILE A 1040 -6.45 -1.18 -31.92
N ALA A 1041 -7.24 -0.17 -31.57
CA ALA A 1041 -6.74 0.88 -30.70
C ALA A 1041 -6.27 0.30 -29.37
N HIS A 1042 -7.05 -0.61 -28.80
CA HIS A 1042 -6.65 -1.24 -27.55
C HIS A 1042 -5.42 -2.11 -27.71
N PHE A 1043 -5.11 -2.55 -28.93
CA PHE A 1043 -3.99 -3.46 -29.16
C PHE A 1043 -2.66 -2.72 -29.23
N TRP A 1044 -2.58 -1.69 -30.07
CA TRP A 1044 -1.39 -0.84 -30.06
C TRP A 1044 -1.13 -0.28 -28.67
N SER A 1045 -2.20 -0.16 -27.87
CA SER A 1045 -2.03 0.30 -26.50
C SER A 1045 -1.15 -0.66 -25.71
N ALA A 1046 -1.43 -1.97 -25.80
CA ALA A 1046 -0.66 -2.93 -25.03
C ALA A 1046 0.83 -2.84 -25.37
N PHE A 1047 1.16 -2.91 -26.66
CA PHE A 1047 2.55 -2.77 -27.05
C PHE A 1047 3.10 -1.40 -26.68
N GLY A 1048 2.29 -0.36 -26.87
CA GLY A 1048 2.76 0.99 -26.57
C GLY A 1048 3.09 1.17 -25.11
N PHE A 1049 2.25 0.62 -24.22
CA PHE A 1049 2.43 0.84 -22.79
C PHE A 1049 3.49 -0.10 -22.23
N VAL A 1050 3.40 -1.39 -22.54
CA VAL A 1050 4.34 -2.35 -21.98
C VAL A 1050 5.76 -1.93 -22.30
N HIS A 1051 6.01 -1.54 -23.56
CA HIS A 1051 7.34 -1.06 -23.91
C HIS A 1051 7.69 0.17 -23.09
N ALA A 1052 6.73 1.08 -22.90
CA ALA A 1052 7.01 2.29 -22.15
C ALA A 1052 7.38 1.97 -20.71
N SER A 1053 6.64 1.05 -20.08
CA SER A 1053 6.99 0.65 -18.73
C SER A 1053 8.33 -0.05 -18.66
N ASN A 1054 8.81 -0.57 -19.79
CA ASN A 1054 10.12 -1.21 -19.80
C ASN A 1054 11.25 -0.18 -19.77
N ILE A 1055 11.07 0.94 -20.48
CA ILE A 1055 12.14 1.93 -20.57
C ILE A 1055 12.22 2.82 -19.34
N LEU A 1056 11.20 2.83 -18.49
CA LEU A 1056 11.33 3.53 -17.23
C LEU A 1056 12.17 2.72 -16.25
N HIS A 1057 11.84 1.44 -16.09
CA HIS A 1057 12.60 0.59 -15.17
C HIS A 1057 14.05 0.47 -15.63
N LYS A 1058 14.27 0.26 -16.92
CA LYS A 1058 15.63 0.13 -17.41
C LYS A 1058 16.45 1.39 -17.20
N GLN A 1059 15.80 2.53 -17.05
CA GLN A 1059 16.52 3.77 -16.76
C GLN A 1059 16.75 3.94 -15.26
N LEU A 1060 15.69 3.77 -14.47
CA LEU A 1060 15.82 3.96 -13.02
C LEU A 1060 16.85 2.99 -12.45
N LEU A 1061 16.76 1.71 -12.82
CA LEU A 1061 17.70 0.73 -12.31
C LEU A 1061 19.12 1.05 -12.78
N ASN A 1062 19.27 1.45 -14.04
CA ASN A 1062 20.60 1.76 -14.56
C ASN A 1062 21.18 3.02 -13.93
N ASN A 1063 20.40 3.79 -13.18
CA ASN A 1063 20.90 4.98 -12.50
C ASN A 1063 21.04 4.79 -11.00
N ILE A 1064 20.07 4.13 -10.35
CA ILE A 1064 20.18 3.88 -8.92
C ILE A 1064 21.32 2.96 -8.58
N LEU A 1065 21.89 2.26 -9.55
CA LEU A 1065 23.08 1.46 -9.35
C LEU A 1065 24.37 2.25 -9.55
N ARG A 1066 24.26 3.54 -9.86
CA ARG A 1066 25.43 4.37 -10.06
C ARG A 1066 25.52 5.52 -9.07
N ALA A 1067 24.54 5.68 -8.17
CA ALA A 1067 24.59 6.76 -7.21
C ALA A 1067 25.73 6.54 -6.22
N PRO A 1068 26.32 7.61 -5.71
CA PRO A 1068 27.42 7.44 -4.76
C PRO A 1068 26.93 6.83 -3.46
N MET A 1069 27.85 6.23 -2.72
CA MET A 1069 27.49 5.62 -1.44
C MET A 1069 26.78 6.62 -0.54
N ARG A 1070 27.11 7.91 -0.68
CA ARG A 1070 26.44 8.93 0.11
C ARG A 1070 24.92 8.81 -0.01
N PHE A 1071 24.43 8.67 -1.24
CA PHE A 1071 22.98 8.60 -1.43
C PHE A 1071 22.38 7.44 -0.66
N PHE A 1072 23.06 6.29 -0.65
CA PHE A 1072 22.51 5.13 0.03
C PHE A 1072 22.53 5.31 1.54
N ASP A 1073 23.60 5.88 2.07
CA ASP A 1073 23.73 6.01 3.52
C ASP A 1073 22.61 6.88 4.09
N THR A 1074 22.33 8.01 3.45
CA THR A 1074 21.30 8.91 3.97
C THR A 1074 19.90 8.37 3.68
N THR A 1075 19.68 7.80 2.50
CA THR A 1075 18.35 7.37 2.10
C THR A 1075 18.08 5.97 2.65
N PRO A 1076 17.06 5.78 3.48
CA PRO A 1076 16.77 4.42 3.97
C PRO A 1076 16.33 3.51 2.84
N THR A 1077 16.50 2.22 3.07
CA THR A 1077 16.03 1.24 2.08
C THR A 1077 14.54 1.32 1.85
N GLY A 1078 13.79 1.89 2.80
CA GLY A 1078 12.36 1.99 2.61
C GLY A 1078 11.98 2.80 1.39
N ARG A 1079 12.61 3.94 1.21
CA ARG A 1079 12.27 4.80 0.08
C ARG A 1079 12.50 4.07 -1.25
N ILE A 1080 13.68 3.52 -1.45
CA ILE A 1080 14.03 2.97 -2.75
C ILE A 1080 13.14 1.79 -3.08
N VAL A 1081 12.99 0.85 -2.13
CA VAL A 1081 12.20 -0.33 -2.40
C VAL A 1081 10.76 0.04 -2.72
N ASN A 1082 10.28 1.13 -2.13
CA ASN A 1082 8.91 1.56 -2.40
C ASN A 1082 8.74 1.94 -3.87
N ARG A 1083 9.72 2.63 -4.44
CA ARG A 1083 9.62 3.05 -5.84
C ARG A 1083 9.71 1.90 -6.83
N PHE A 1084 9.91 0.67 -6.36
CA PHE A 1084 9.98 -0.48 -7.24
C PHE A 1084 8.85 -1.47 -7.05
N ALA A 1085 8.02 -1.31 -6.01
CA ALA A 1085 6.82 -2.11 -5.85
C ALA A 1085 5.56 -1.25 -5.84
N GLY A 1086 5.50 -0.23 -5.00
CA GLY A 1086 4.29 0.58 -4.92
C GLY A 1086 4.04 1.38 -6.19
N ASP A 1087 5.08 2.00 -6.74
CA ASP A 1087 4.91 2.95 -7.83
C ASP A 1087 5.05 2.28 -9.20
N ILE A 1088 6.21 1.69 -9.47
CA ILE A 1088 6.44 1.08 -10.78
C ILE A 1088 5.37 0.07 -11.14
N SER A 1089 4.60 -0.41 -10.16
CA SER A 1089 3.44 -1.22 -10.47
C SER A 1089 2.29 -0.36 -10.98
N THR A 1090 2.14 0.85 -10.46
CA THR A 1090 1.08 1.73 -10.93
C THR A 1090 1.24 2.03 -12.40
N VAL A 1091 2.47 2.26 -12.86
CA VAL A 1091 2.75 2.49 -14.26
C VAL A 1091 2.44 1.28 -15.12
N ASP A 1092 2.25 0.11 -14.50
CA ASP A 1092 1.99 -1.12 -15.24
C ASP A 1092 0.53 -1.50 -15.29
N ASP A 1093 -0.25 -1.21 -14.25
CA ASP A 1093 -1.63 -1.68 -14.14
C ASP A 1093 -2.65 -0.55 -14.18
N THR A 1094 -2.47 0.50 -13.37
CA THR A 1094 -3.48 1.54 -13.26
C THR A 1094 -3.30 2.63 -14.31
N LEU A 1095 -2.14 3.27 -14.34
CA LEU A 1095 -1.92 4.39 -15.26
C LEU A 1095 -2.19 4.01 -16.71
N PRO A 1096 -1.71 2.89 -17.24
CA PRO A 1096 -2.02 2.56 -18.63
C PRO A 1096 -3.49 2.43 -18.90
N GLN A 1097 -4.26 1.92 -17.94
CA GLN A 1097 -5.70 1.79 -18.15
C GLN A 1097 -6.37 3.16 -18.19
N SER A 1098 -6.00 4.05 -17.26
CA SER A 1098 -6.63 5.36 -17.22
C SER A 1098 -6.35 6.14 -18.50
N LEU A 1099 -5.13 6.08 -19.01
CA LEU A 1099 -4.81 6.81 -20.23
C LEU A 1099 -5.66 6.34 -21.41
N ARG A 1100 -6.26 5.16 -21.32
CA ARG A 1100 -7.17 4.71 -22.36
C ARG A 1100 -8.55 5.32 -22.19
N SER A 1101 -9.05 5.36 -20.94
CA SER A 1101 -10.39 5.88 -20.71
C SER A 1101 -10.48 7.35 -21.10
N TRP A 1102 -9.46 8.13 -20.76
CA TRP A 1102 -9.51 9.56 -21.03
C TRP A 1102 -9.65 9.83 -22.52
N ILE A 1103 -8.90 9.10 -23.35
CA ILE A 1103 -9.02 9.30 -24.78
C ILE A 1103 -10.41 8.95 -25.26
N THR A 1104 -10.97 7.85 -24.78
CA THR A 1104 -12.30 7.44 -25.20
C THR A 1104 -13.34 8.50 -24.83
N CYS A 1105 -13.25 9.03 -23.60
CA CYS A 1105 -14.21 10.04 -23.18
C CYS A 1105 -14.10 11.30 -24.04
N PHE A 1106 -12.87 11.77 -24.26
CA PHE A 1106 -12.69 13.01 -25.01
C PHE A 1106 -13.28 12.90 -26.40
N LEU A 1107 -13.00 11.79 -27.09
CA LEU A 1107 -13.61 11.59 -28.40
C LEU A 1107 -15.10 11.36 -28.30
N GLY A 1108 -15.60 11.00 -27.11
CA GLY A 1108 -17.04 11.00 -26.89
C GLY A 1108 -17.61 12.41 -26.94
N ILE A 1109 -16.88 13.37 -26.38
CA ILE A 1109 -17.33 14.76 -26.42
C ILE A 1109 -17.32 15.27 -27.86
N ILE A 1110 -16.22 15.04 -28.57
CA ILE A 1110 -16.12 15.53 -29.94
C ILE A 1110 -17.21 14.93 -30.80
N SER A 1111 -17.45 13.62 -30.64
CA SER A 1111 -18.50 12.98 -31.41
C SER A 1111 -19.85 13.63 -31.13
N THR A 1112 -20.19 13.81 -29.85
CA THR A 1112 -21.48 14.40 -29.52
C THR A 1112 -21.60 15.81 -30.05
N LEU A 1113 -20.54 16.62 -29.91
CA LEU A 1113 -20.60 17.99 -30.39
C LEU A 1113 -20.82 18.04 -31.89
N VAL A 1114 -20.14 17.17 -32.64
CA VAL A 1114 -20.31 17.15 -34.09
C VAL A 1114 -21.76 16.81 -34.42
N MET A 1115 -22.37 15.89 -33.69
CA MET A 1115 -23.77 15.56 -33.92
C MET A 1115 -24.63 16.80 -33.83
N ILE A 1116 -24.50 17.56 -32.74
CA ILE A 1116 -25.31 18.76 -32.57
C ILE A 1116 -24.94 19.79 -33.63
N CYS A 1117 -23.65 19.97 -33.90
CA CYS A 1117 -23.21 20.99 -34.84
C CYS A 1117 -23.87 20.80 -36.20
N MET A 1118 -23.93 19.56 -36.68
CA MET A 1118 -24.62 19.29 -37.94
C MET A 1118 -26.10 19.63 -37.82
N ALA A 1119 -26.73 19.24 -36.71
CA ALA A 1119 -28.16 19.47 -36.55
C ALA A 1119 -28.49 20.95 -36.50
N THR A 1120 -27.71 21.73 -35.77
CA THR A 1120 -27.98 23.14 -35.59
C THR A 1120 -26.74 23.97 -35.85
N PRO A 1121 -26.89 25.18 -36.41
CA PRO A 1121 -25.70 25.96 -36.79
C PRO A 1121 -24.82 26.38 -35.62
N VAL A 1122 -25.39 27.13 -34.67
CA VAL A 1122 -24.59 27.76 -33.63
C VAL A 1122 -25.20 27.55 -32.26
N PHE A 1123 -26.14 26.61 -32.13
CA PHE A 1123 -26.67 26.29 -30.81
C PHE A 1123 -25.73 25.41 -30.01
N THR A 1124 -24.65 24.91 -30.61
CA THR A 1124 -23.66 24.16 -29.85
C THR A 1124 -22.96 25.04 -28.83
N ILE A 1125 -23.10 26.36 -28.93
CA ILE A 1125 -22.49 27.28 -27.98
C ILE A 1125 -22.90 26.99 -26.55
N ILE A 1126 -23.94 26.17 -26.34
CA ILE A 1126 -24.28 25.71 -25.00
C ILE A 1126 -23.05 25.13 -24.31
N VAL A 1127 -22.11 24.60 -25.09
CA VAL A 1127 -20.88 24.05 -24.51
C VAL A 1127 -20.07 25.13 -23.83
N ILE A 1128 -20.07 26.34 -24.38
CA ILE A 1128 -19.22 27.40 -23.84
C ILE A 1128 -19.48 27.66 -22.36
N PRO A 1129 -20.71 27.90 -21.92
CA PRO A 1129 -20.93 28.10 -20.48
C PRO A 1129 -20.66 26.83 -19.69
N LEU A 1130 -21.16 25.70 -20.19
CA LEU A 1130 -20.97 24.44 -19.48
C LEU A 1130 -19.50 24.10 -19.36
N GLY A 1131 -18.72 24.31 -20.42
CA GLY A 1131 -17.30 24.02 -20.34
C GLY A 1131 -16.62 24.78 -19.22
N ILE A 1132 -16.92 26.08 -19.11
CA ILE A 1132 -16.32 26.87 -18.05
C ILE A 1132 -16.75 26.38 -16.68
N ILE A 1133 -18.04 26.06 -16.53
CA ILE A 1133 -18.52 25.58 -15.23
C ILE A 1133 -17.81 24.31 -14.83
N TYR A 1134 -17.55 23.40 -15.76
CA TYR A 1134 -16.85 22.16 -15.45
C TYR A 1134 -15.35 22.40 -15.31
N VAL A 1135 -14.76 23.15 -16.24
CA VAL A 1135 -13.33 23.43 -16.15
C VAL A 1135 -13.03 24.19 -14.87
N SER A 1136 -13.92 25.08 -14.47
CA SER A 1136 -13.70 25.85 -13.25
C SER A 1136 -13.60 24.94 -12.04
N VAL A 1137 -14.59 24.06 -11.84
CA VAL A 1137 -14.57 23.20 -10.67
C VAL A 1137 -13.38 22.26 -10.72
N GLN A 1138 -13.11 21.67 -11.89
CA GLN A 1138 -12.01 20.72 -12.00
C GLN A 1138 -10.69 21.36 -11.59
N MET A 1139 -10.39 22.54 -12.13
CA MET A 1139 -9.15 23.22 -11.75
C MET A 1139 -9.15 23.56 -10.27
N PHE A 1140 -10.33 23.71 -9.66
CA PHE A 1140 -10.43 24.01 -8.25
C PHE A 1140 -10.18 22.81 -7.36
N TYR A 1141 -10.31 21.60 -7.89
CA TYR A 1141 -10.23 20.39 -7.09
C TYR A 1141 -8.98 19.57 -7.32
N VAL A 1142 -8.36 19.67 -8.49
CA VAL A 1142 -7.16 18.87 -8.76
C VAL A 1142 -6.10 19.13 -7.71
N SER A 1143 -5.88 20.40 -7.38
CA SER A 1143 -4.81 20.73 -6.44
C SER A 1143 -5.07 20.22 -5.04
N THR A 1144 -6.17 19.52 -4.79
CA THR A 1144 -6.40 18.89 -3.50
C THR A 1144 -6.37 17.38 -3.55
N SER A 1145 -6.59 16.77 -4.72
CA SER A 1145 -6.39 15.34 -4.87
C SER A 1145 -4.95 15.01 -5.17
N ARG A 1146 -4.27 15.85 -5.93
CA ARG A 1146 -2.86 15.61 -6.22
C ARG A 1146 -2.05 15.57 -4.93
N GLN A 1147 -2.29 16.53 -4.03
CA GLN A 1147 -1.54 16.58 -2.79
C GLN A 1147 -1.98 15.56 -1.78
N LEU A 1148 -3.08 14.82 -2.03
CA LEU A 1148 -3.45 13.68 -1.21
C LEU A 1148 -3.01 12.37 -1.84
N ARG A 1149 -2.26 12.42 -2.93
CA ARG A 1149 -1.64 11.23 -3.50
C ARG A 1149 -0.14 11.19 -3.26
N ARG A 1150 0.55 12.33 -3.32
CA ARG A 1150 1.95 12.34 -2.91
C ARG A 1150 2.08 11.97 -1.45
N LEU A 1151 1.18 12.48 -0.60
CA LEU A 1151 1.19 12.06 0.80
C LEU A 1151 0.87 10.58 0.94
N ASP A 1152 0.03 10.02 0.06
CA ASP A 1152 -0.26 8.60 0.16
C ASP A 1152 1.01 7.79 -0.02
N SER A 1153 1.84 8.15 -0.99
CA SER A 1153 3.05 7.40 -1.27
C SER A 1153 4.26 7.94 -0.52
N VAL A 1154 4.12 9.00 0.26
CA VAL A 1154 5.21 9.52 1.06
C VAL A 1154 5.16 9.02 2.50
N THR A 1155 3.97 8.76 3.03
CA THR A 1155 3.82 8.11 4.33
C THR A 1155 3.75 6.60 4.22
N ARG A 1156 3.87 6.04 3.02
CA ARG A 1156 3.94 4.61 2.84
C ARG A 1156 5.36 4.07 2.96
N SER A 1157 6.37 4.90 2.72
CA SER A 1157 7.74 4.43 2.82
C SER A 1157 8.08 3.93 4.21
N PRO A 1158 7.73 4.62 5.30
CA PRO A 1158 8.08 4.11 6.62
C PRO A 1158 7.56 2.72 6.91
N ILE A 1159 6.40 2.35 6.34
CA ILE A 1159 5.85 1.03 6.61
C ILE A 1159 6.85 -0.05 6.20
N TYR A 1160 7.35 0.04 4.97
CA TYR A 1160 8.33 -0.93 4.51
C TYR A 1160 9.67 -0.75 5.21
N SER A 1161 10.06 0.49 5.48
CA SER A 1161 11.28 0.72 6.23
C SER A 1161 11.23 0.03 7.58
N HIS A 1162 10.14 0.23 8.32
CA HIS A 1162 10.02 -0.40 9.62
C HIS A 1162 9.90 -1.91 9.49
N PHE A 1163 9.14 -2.38 8.50
CA PHE A 1163 8.95 -3.82 8.36
C PHE A 1163 10.27 -4.54 8.15
N SER A 1164 11.13 -3.99 7.30
CA SER A 1164 12.45 -4.58 7.11
C SER A 1164 13.25 -4.54 8.40
N GLU A 1165 13.12 -3.44 9.16
CA GLU A 1165 13.85 -3.33 10.42
C GLU A 1165 13.45 -4.44 11.38
N THR A 1166 12.16 -4.75 11.46
CA THR A 1166 11.70 -5.83 12.31
C THR A 1166 12.30 -7.15 11.86
N VAL A 1167 12.00 -7.57 10.62
CA VAL A 1167 12.46 -8.85 10.14
C VAL A 1167 13.98 -8.91 10.12
N SER A 1168 14.64 -7.76 10.03
CA SER A 1168 16.10 -7.76 9.97
C SER A 1168 16.65 -8.50 11.18
N GLY A 1169 16.45 -7.95 12.37
CA GLY A 1169 16.72 -8.70 13.58
C GLY A 1169 15.43 -9.15 14.22
N LEU A 1170 15.04 -10.38 13.96
CA LEU A 1170 13.87 -10.95 14.62
C LEU A 1170 14.24 -11.55 15.96
N PRO A 1171 15.29 -12.37 16.05
CA PRO A 1171 15.53 -13.10 17.30
C PRO A 1171 15.68 -12.19 18.51
N VAL A 1172 16.29 -11.02 18.34
CA VAL A 1172 16.44 -10.10 19.46
C VAL A 1172 15.08 -9.74 20.03
N ILE A 1173 14.12 -9.44 19.15
CA ILE A 1173 12.81 -9.01 19.62
C ILE A 1173 12.16 -10.12 20.44
N ARG A 1174 12.13 -11.34 19.90
CA ARG A 1174 11.50 -12.43 20.62
C ARG A 1174 12.27 -12.83 21.87
N ALA A 1175 13.53 -12.40 22.00
CA ALA A 1175 14.27 -12.70 23.21
C ALA A 1175 13.79 -11.85 24.38
N PHE A 1176 13.50 -10.58 24.12
CA PHE A 1176 13.00 -9.67 25.15
C PHE A 1176 11.48 -9.65 25.22
N GLU A 1177 10.80 -10.47 24.41
CA GLU A 1177 9.34 -10.52 24.41
C GLU A 1177 8.73 -9.14 24.18
N HIS A 1178 9.42 -8.30 23.40
CA HIS A 1178 8.96 -6.96 23.10
C HIS A 1178 8.06 -6.93 21.87
N GLN A 1179 7.43 -8.04 21.53
CA GLN A 1179 6.57 -8.06 20.35
C GLN A 1179 5.43 -7.07 20.50
N GLN A 1180 4.80 -7.05 21.67
CA GLN A 1180 3.62 -6.21 21.86
C GLN A 1180 3.92 -4.75 21.59
N ARG A 1181 5.12 -4.26 21.93
CA ARG A 1181 5.45 -2.88 21.63
C ARG A 1181 5.64 -2.67 20.14
N PHE A 1182 6.25 -3.62 19.44
CA PHE A 1182 6.49 -3.43 18.01
C PHE A 1182 5.19 -3.40 17.23
N LEU A 1183 4.22 -4.23 17.61
CA LEU A 1183 2.91 -4.16 16.97
C LEU A 1183 2.38 -2.73 16.99
N LYS A 1184 2.55 -2.05 18.12
CA LYS A 1184 2.02 -0.70 18.25
C LYS A 1184 2.56 0.22 17.17
N HIS A 1185 3.86 0.12 16.86
CA HIS A 1185 4.44 0.97 15.84
C HIS A 1185 3.76 0.74 14.51
N ASN A 1186 3.87 -0.46 13.96
CA ASN A 1186 3.23 -0.75 12.68
C ASN A 1186 1.73 -0.48 12.76
N GLU A 1187 1.11 -0.70 13.92
CA GLU A 1187 -0.28 -0.35 14.12
C GLU A 1187 -0.51 1.15 14.16
N VAL A 1188 0.53 1.95 14.29
CA VAL A 1188 0.42 3.40 14.26
C VAL A 1188 0.84 3.96 12.91
N ARG A 1189 1.88 3.39 12.31
CA ARG A 1189 2.31 3.86 11.00
C ARG A 1189 1.20 3.70 9.97
N ILE A 1190 0.48 2.57 10.02
CA ILE A 1190 -0.61 2.36 9.08
C ILE A 1190 -1.69 3.43 9.28
N ASP A 1191 -2.04 3.70 10.54
CA ASP A 1191 -3.01 4.76 10.82
C ASP A 1191 -2.57 6.10 10.26
N THR A 1192 -1.27 6.34 10.17
CA THR A 1192 -0.80 7.57 9.53
C THR A 1192 -0.94 7.51 8.03
N ASN A 1193 -1.05 6.32 7.45
CA ASN A 1193 -1.23 6.16 6.01
C ASN A 1193 -2.70 6.03 5.62
N GLN A 1194 -3.53 5.43 6.48
CA GLN A 1194 -4.97 5.43 6.22
C GLN A 1194 -5.52 6.85 6.22
N LYS A 1195 -5.07 7.67 7.18
CA LYS A 1195 -5.58 9.02 7.29
C LYS A 1195 -5.40 9.80 5.99
N CYS A 1196 -4.36 9.49 5.23
CA CYS A 1196 -4.08 10.19 3.99
C CYS A 1196 -4.63 9.49 2.76
N VAL A 1197 -5.28 8.34 2.92
CA VAL A 1197 -5.96 7.69 1.80
C VAL A 1197 -7.47 7.69 1.97
N PHE A 1198 -7.97 7.54 3.19
CA PHE A 1198 -9.41 7.72 3.41
C PHE A 1198 -9.84 9.14 3.10
N SER A 1199 -9.01 10.11 3.47
CA SER A 1199 -9.31 11.49 3.10
C SER A 1199 -9.18 11.72 1.60
N TRP A 1200 -8.63 10.78 0.85
CA TRP A 1200 -8.58 10.91 -0.60
C TRP A 1200 -9.92 10.50 -1.21
N ILE A 1201 -10.38 9.29 -0.90
CA ILE A 1201 -11.62 8.81 -1.53
C ILE A 1201 -12.76 9.76 -1.23
N THR A 1202 -12.85 10.26 0.01
CA THR A 1202 -13.84 11.28 0.29
C THR A 1202 -13.63 12.51 -0.56
N SER A 1203 -12.38 12.93 -0.72
CA SER A 1203 -12.10 14.06 -1.60
C SER A 1203 -12.50 13.77 -3.03
N ASN A 1204 -12.68 12.51 -3.40
CA ASN A 1204 -13.18 12.16 -4.71
C ASN A 1204 -14.70 12.15 -4.77
N ARG A 1205 -15.35 11.66 -3.72
CA ARG A 1205 -16.81 11.70 -3.68
C ARG A 1205 -17.32 13.14 -3.67
N TRP A 1206 -16.65 14.02 -2.92
CA TRP A 1206 -17.09 15.41 -2.90
C TRP A 1206 -17.14 15.98 -4.29
N LEU A 1207 -16.28 15.52 -5.19
CA LEU A 1207 -16.35 15.98 -6.57
C LEU A 1207 -17.61 15.50 -7.25
N ALA A 1208 -17.94 14.22 -7.11
CA ALA A 1208 -19.09 13.69 -7.81
C ALA A 1208 -20.36 14.44 -7.42
N ILE A 1209 -20.58 14.65 -6.13
CA ILE A 1209 -21.79 15.32 -5.68
C ILE A 1209 -21.83 16.74 -6.22
N ARG A 1210 -20.87 17.57 -5.80
CA ARG A 1210 -20.88 18.96 -6.23
C ARG A 1210 -20.57 19.11 -7.72
N LEU A 1211 -20.51 18.01 -8.47
CA LEU A 1211 -20.42 18.05 -9.93
C LEU A 1211 -21.67 17.50 -10.59
N GLU A 1212 -22.16 16.33 -10.16
CA GLU A 1212 -23.39 15.81 -10.71
C GLU A 1212 -24.55 16.77 -10.49
N LEU A 1213 -24.60 17.39 -9.30
CA LEU A 1213 -25.61 18.40 -9.04
C LEU A 1213 -25.62 19.45 -10.14
N VAL A 1214 -24.44 19.84 -10.63
CA VAL A 1214 -24.39 20.73 -11.77
C VAL A 1214 -24.94 20.04 -13.01
N GLY A 1215 -24.79 18.73 -13.13
CA GLY A 1215 -25.35 18.01 -14.26
C GLY A 1215 -26.86 17.99 -14.22
N ASN A 1216 -27.44 17.41 -13.17
CA ASN A 1216 -28.88 17.33 -13.08
C ASN A 1216 -29.51 18.71 -13.18
N LEU A 1217 -28.87 19.72 -12.60
CA LEU A 1217 -29.39 21.07 -12.69
C LEU A 1217 -29.46 21.54 -14.13
N THR A 1218 -28.45 21.24 -14.94
CA THR A 1218 -28.47 21.65 -16.34
C THR A 1218 -29.62 20.99 -17.08
N VAL A 1219 -29.83 19.69 -16.88
CA VAL A 1219 -30.93 19.00 -17.55
C VAL A 1219 -32.26 19.60 -17.11
N PHE A 1220 -32.43 19.82 -15.81
CA PHE A 1220 -33.69 20.37 -15.32
C PHE A 1220 -33.93 21.75 -15.88
N PHE A 1221 -32.89 22.59 -15.93
CA PHE A 1221 -33.05 23.91 -16.51
C PHE A 1221 -33.49 23.85 -17.96
N SER A 1222 -32.90 22.94 -18.75
CA SER A 1222 -33.36 22.76 -20.12
C SER A 1222 -34.80 22.27 -20.14
N ALA A 1223 -35.14 21.33 -19.25
CA ALA A 1223 -36.48 20.76 -19.25
C ALA A 1223 -37.53 21.86 -19.06
N LEU A 1224 -37.33 22.73 -18.08
CA LEU A 1224 -38.26 23.83 -17.88
C LEU A 1224 -38.31 24.72 -19.11
N MET A 1225 -37.13 25.14 -19.61
CA MET A 1225 -37.09 26.00 -20.79
C MET A 1225 -37.89 25.39 -21.92
N MET A 1226 -37.92 24.06 -21.99
CA MET A 1226 -38.63 23.40 -23.08
C MET A 1226 -40.14 23.64 -22.97
N VAL A 1227 -40.68 23.46 -21.76
CA VAL A 1227 -42.14 23.53 -21.61
C VAL A 1227 -42.64 24.95 -21.77
N ILE A 1228 -41.94 25.94 -21.20
CA ILE A 1228 -42.44 27.31 -21.26
C ILE A 1228 -42.58 27.77 -22.69
N TYR A 1229 -41.84 27.16 -23.62
CA TYR A 1229 -41.92 27.50 -25.04
C TYR A 1229 -42.53 26.34 -25.83
N ARG A 1230 -43.37 25.53 -25.17
CA ARG A 1230 -43.96 24.39 -25.85
C ARG A 1230 -44.86 24.81 -27.02
N ASP A 1231 -45.35 26.04 -27.01
CA ASP A 1231 -46.30 26.46 -28.04
C ASP A 1231 -45.70 26.30 -29.43
N THR A 1232 -44.53 26.89 -29.66
CA THR A 1232 -43.87 26.85 -30.96
C THR A 1232 -42.87 25.70 -31.04
N LEU A 1233 -41.86 25.72 -30.17
CA LEU A 1233 -40.87 24.65 -30.14
C LEU A 1233 -41.58 23.33 -29.88
N SER A 1234 -41.43 22.38 -30.80
CA SER A 1234 -42.11 21.10 -30.65
C SER A 1234 -41.52 20.10 -31.64
N GLY A 1235 -41.83 18.84 -31.41
CA GLY A 1235 -41.40 17.77 -32.30
C GLY A 1235 -40.21 17.00 -31.75
N ASP A 1236 -39.51 16.34 -32.67
CA ASP A 1236 -38.32 15.58 -32.32
C ASP A 1236 -37.27 16.46 -31.68
N THR A 1237 -37.29 17.77 -31.94
CA THR A 1237 -36.31 18.67 -31.35
C THR A 1237 -36.26 18.50 -29.84
N VAL A 1238 -37.42 18.32 -29.20
CA VAL A 1238 -37.44 18.13 -27.76
C VAL A 1238 -36.69 16.87 -27.38
N GLY A 1239 -36.94 15.77 -28.09
CA GLY A 1239 -36.19 14.56 -27.84
C GLY A 1239 -34.72 14.71 -28.21
N PHE A 1240 -34.45 15.42 -29.30
CA PHE A 1240 -33.07 15.62 -29.74
C PHE A 1240 -32.27 16.42 -28.72
N VAL A 1241 -32.90 17.40 -28.08
CA VAL A 1241 -32.19 18.26 -27.14
C VAL A 1241 -32.09 17.62 -25.76
N LEU A 1242 -33.19 17.07 -25.25
CA LEU A 1242 -33.13 16.38 -23.95
C LEU A 1242 -32.18 15.20 -24.00
N SER A 1243 -32.25 14.40 -25.07
CA SER A 1243 -31.38 13.23 -25.16
C SER A 1243 -29.91 13.63 -25.21
N ASN A 1244 -29.58 14.66 -25.99
CA ASN A 1244 -28.20 15.11 -26.07
C ASN A 1244 -27.80 15.92 -24.86
N ALA A 1245 -28.70 16.78 -24.36
CA ALA A 1245 -28.39 17.53 -23.15
C ALA A 1245 -28.13 16.60 -21.97
N LEU A 1246 -28.76 15.42 -21.98
CA LEU A 1246 -28.50 14.41 -20.96
C LEU A 1246 -27.32 13.52 -21.30
N ASN A 1247 -26.71 13.71 -22.46
CA ASN A 1247 -25.55 12.93 -22.88
C ASN A 1247 -24.24 13.70 -22.72
N ILE A 1248 -24.16 14.91 -23.25
CA ILE A 1248 -22.93 15.69 -23.08
C ILE A 1248 -22.65 15.94 -21.61
N THR A 1249 -23.70 16.20 -20.83
CA THR A 1249 -23.51 16.36 -19.39
C THR A 1249 -23.00 15.10 -18.73
N GLN A 1250 -23.17 13.94 -19.36
CA GLN A 1250 -22.65 12.71 -18.80
C GLN A 1250 -21.15 12.58 -19.06
N THR A 1251 -20.74 12.69 -20.33
CA THR A 1251 -19.33 12.51 -20.64
C THR A 1251 -18.47 13.58 -19.96
N LEU A 1252 -18.91 14.83 -19.99
CA LEU A 1252 -18.17 15.87 -19.29
C LEU A 1252 -17.99 15.51 -17.82
N ASN A 1253 -19.06 15.02 -17.20
CA ASN A 1253 -18.92 14.51 -15.84
C ASN A 1253 -17.95 13.35 -15.81
N TRP A 1254 -18.01 12.47 -16.81
CA TRP A 1254 -17.11 11.33 -16.90
C TRP A 1254 -15.76 11.69 -17.50
N LEU A 1255 -15.56 12.93 -17.91
CA LEU A 1255 -14.28 13.39 -18.41
C LEU A 1255 -13.55 14.31 -17.44
N VAL A 1256 -14.26 14.96 -16.52
CA VAL A 1256 -13.59 15.74 -15.49
C VAL A 1256 -13.07 14.84 -14.38
N ARG A 1257 -13.75 13.73 -14.09
CA ARG A 1257 -13.23 12.77 -13.13
C ARG A 1257 -12.00 12.07 -13.69
N MET A 1258 -12.08 11.59 -14.93
CA MET A 1258 -10.96 10.87 -15.52
C MET A 1258 -9.75 11.78 -15.71
N THR A 1259 -9.98 12.99 -16.22
CA THR A 1259 -8.86 13.91 -16.40
C THR A 1259 -8.23 14.30 -15.08
N SER A 1260 -8.94 14.15 -13.97
CA SER A 1260 -8.36 14.29 -12.65
C SER A 1260 -7.81 12.98 -12.12
N GLU A 1261 -8.04 11.88 -12.81
CA GLU A 1261 -7.45 10.59 -12.45
C GLU A 1261 -6.09 10.37 -13.08
N ILE A 1262 -5.90 10.81 -14.32
CA ILE A 1262 -4.56 10.80 -14.90
C ILE A 1262 -3.69 11.83 -14.20
N GLU A 1263 -4.25 13.01 -13.91
CA GLU A 1263 -3.48 14.04 -13.24
C GLU A 1263 -3.04 13.61 -11.85
N THR A 1264 -3.70 12.61 -11.25
CA THR A 1264 -3.28 12.10 -9.97
C THR A 1264 -2.31 10.92 -10.13
N ASN A 1265 -2.74 9.89 -10.87
CA ASN A 1265 -1.91 8.69 -10.99
C ASN A 1265 -0.55 9.00 -11.59
N ILE A 1266 -0.46 10.04 -12.43
CA ILE A 1266 0.82 10.40 -13.01
C ILE A 1266 1.82 10.86 -11.96
N VAL A 1267 1.39 11.01 -10.71
CA VAL A 1267 2.33 11.29 -9.64
C VAL A 1267 3.33 10.14 -9.52
N ALA A 1268 2.86 8.90 -9.73
CA ALA A 1268 3.74 7.75 -9.66
C ALA A 1268 4.95 7.93 -10.57
N VAL A 1269 4.71 8.33 -11.82
CA VAL A 1269 5.82 8.53 -12.75
C VAL A 1269 6.71 9.65 -12.26
N GLU A 1270 6.15 10.68 -11.64
CA GLU A 1270 6.98 11.77 -11.14
C GLU A 1270 8.00 11.27 -10.13
N ARG A 1271 7.59 10.41 -9.21
CA ARG A 1271 8.52 9.88 -8.22
C ARG A 1271 9.56 8.98 -8.88
N ILE A 1272 9.13 8.10 -9.78
CA ILE A 1272 10.09 7.23 -10.46
C ILE A 1272 11.12 8.06 -11.21
N THR A 1273 10.66 9.12 -11.88
CA THR A 1273 11.59 10.01 -12.57
C THR A 1273 12.47 10.78 -11.59
N GLU A 1274 12.07 10.89 -10.33
CA GLU A 1274 12.86 11.68 -9.38
C GLU A 1274 14.24 11.07 -9.18
N TYR A 1275 14.32 9.75 -9.04
CA TYR A 1275 15.61 9.10 -8.81
C TYR A 1275 16.40 8.90 -10.09
N THR A 1276 15.77 9.00 -11.27
CA THR A 1276 16.54 8.88 -12.50
C THR A 1276 17.48 10.05 -12.72
N LYS A 1277 17.35 11.13 -11.94
CA LYS A 1277 18.14 12.35 -12.13
C LYS A 1277 19.04 12.65 -10.95
N VAL A 1278 19.28 11.68 -10.06
CA VAL A 1278 20.17 11.89 -8.93
C VAL A 1278 21.60 11.98 -9.44
N GLU A 1279 22.50 12.49 -8.61
CA GLU A 1279 23.90 12.58 -8.99
C GLU A 1279 24.45 11.20 -9.30
N ASN A 1280 25.67 11.16 -9.83
CA ASN A 1280 26.30 9.91 -10.21
C ASN A 1280 27.78 9.97 -9.87
N GLU A 1281 28.37 8.81 -9.66
CA GLU A 1281 29.81 8.71 -9.52
C GLU A 1281 30.47 8.96 -10.87
N ALA A 1282 31.80 8.96 -10.87
CA ALA A 1282 32.53 9.12 -12.12
C ALA A 1282 32.25 7.93 -13.03
N PRO A 1283 32.41 8.08 -14.33
CA PRO A 1283 32.04 7.01 -15.25
C PRO A 1283 32.80 5.73 -14.94
N TRP A 1284 32.12 4.60 -15.10
CA TRP A 1284 32.77 3.31 -14.87
C TRP A 1284 34.02 3.17 -15.72
N VAL A 1285 33.88 3.42 -17.02
CA VAL A 1285 35.00 3.35 -17.97
C VAL A 1285 35.04 4.66 -18.73
N THR A 1286 36.22 5.28 -18.76
CA THR A 1286 36.43 6.55 -19.45
C THR A 1286 37.31 6.32 -20.67
N ASP A 1287 37.63 7.43 -21.34
CA ASP A 1287 38.49 7.35 -22.52
C ASP A 1287 39.86 6.79 -22.17
N LYS A 1288 40.44 7.25 -21.06
CA LYS A 1288 41.75 6.79 -20.64
C LYS A 1288 41.65 5.34 -20.20
N ARG A 1289 42.44 4.48 -20.84
CA ARG A 1289 42.46 3.06 -20.52
C ARG A 1289 43.82 2.67 -19.97
N PRO A 1290 43.93 2.17 -18.75
CA PRO A 1290 45.24 1.78 -18.22
C PRO A 1290 45.82 0.66 -19.06
N PRO A 1291 47.15 0.57 -19.12
CA PRO A 1291 47.77 -0.52 -19.87
C PRO A 1291 47.25 -1.87 -19.42
N PRO A 1292 47.03 -2.82 -20.34
CA PRO A 1292 46.46 -4.12 -19.96
C PRO A 1292 47.06 -4.68 -18.68
N ASP A 1293 48.39 -4.74 -18.63
CA ASP A 1293 49.09 -5.19 -17.43
C ASP A 1293 49.50 -3.98 -16.58
N TRP A 1294 48.51 -3.20 -16.17
CA TRP A 1294 48.79 -2.03 -15.35
C TRP A 1294 49.32 -2.42 -13.98
N PRO A 1295 48.58 -3.15 -13.14
CA PRO A 1295 49.13 -3.56 -11.85
C PRO A 1295 50.19 -4.62 -12.03
N SER A 1296 51.45 -4.26 -11.84
CA SER A 1296 52.55 -5.18 -12.10
C SER A 1296 53.43 -5.36 -10.87
N LYS A 1297 53.63 -4.30 -10.12
CA LYS A 1297 54.50 -4.34 -8.95
C LYS A 1297 53.76 -4.14 -7.64
N GLY A 1298 52.94 -3.10 -7.53
CA GLY A 1298 52.17 -2.87 -6.33
C GLY A 1298 52.50 -1.57 -5.62
N LYS A 1299 53.07 -0.61 -6.35
CA LYS A 1299 53.35 0.69 -5.77
C LYS A 1299 52.07 1.34 -5.32
N ILE A 1300 52.07 1.87 -4.09
CA ILE A 1300 50.96 2.65 -3.56
C ILE A 1300 51.55 3.89 -2.92
N GLN A 1301 51.22 5.07 -3.45
CA GLN A 1301 51.74 6.33 -2.95
C GLN A 1301 50.58 7.19 -2.48
N PHE A 1302 50.68 7.68 -1.25
CA PHE A 1302 49.71 8.61 -0.68
C PHE A 1302 50.38 9.97 -0.56
N ASN A 1303 49.70 11.00 -1.08
CA ASN A 1303 50.23 12.37 -1.08
C ASN A 1303 49.24 13.25 -0.34
N ASN A 1304 49.38 13.32 0.98
CA ASN A 1304 48.57 14.20 1.82
C ASN A 1304 47.09 14.07 1.46
N TYR A 1305 46.62 12.84 1.43
CA TYR A 1305 45.24 12.59 1.04
C TYR A 1305 44.28 13.08 2.12
N GLN A 1306 43.16 13.64 1.67
CA GLN A 1306 42.11 14.12 2.56
C GLN A 1306 40.78 13.56 2.09
N VAL A 1307 39.95 13.14 3.04
CA VAL A 1307 38.69 12.48 2.75
C VAL A 1307 37.59 13.08 3.61
N ARG A 1308 36.38 13.13 3.06
CA ARG A 1308 35.21 13.64 3.76
C ARG A 1308 34.02 12.80 3.35
N TYR A 1309 33.40 12.11 4.32
CA TYR A 1309 32.32 11.20 3.99
C TYR A 1309 31.16 11.94 3.33
N ARG A 1310 30.77 13.09 3.88
CA ARG A 1310 29.73 13.91 3.29
C ARG A 1310 30.19 15.36 3.26
N PRO A 1311 29.72 16.14 2.28
CA PRO A 1311 30.19 17.53 2.18
C PRO A 1311 30.00 18.33 3.44
N GLU A 1312 28.96 18.03 4.22
CA GLU A 1312 28.67 18.74 5.46
C GLU A 1312 29.30 18.04 6.66
N LEU A 1313 30.60 17.79 6.59
CA LEU A 1313 31.30 17.13 7.68
C LEU A 1313 32.77 17.51 7.63
N ASP A 1314 33.46 17.29 8.74
CA ASP A 1314 34.89 17.55 8.80
C ASP A 1314 35.66 16.42 8.14
N LEU A 1315 36.94 16.70 7.86
CA LEU A 1315 37.80 15.73 7.20
C LEU A 1315 38.04 14.53 8.11
N VAL A 1316 37.43 13.38 7.79
CA VAL A 1316 37.63 12.18 8.57
C VAL A 1316 39.09 11.74 8.51
N LEU A 1317 39.66 11.76 7.31
CA LEU A 1317 41.07 11.48 7.10
C LEU A 1317 41.76 12.78 6.72
N ARG A 1318 42.75 13.18 7.53
CA ARG A 1318 43.35 14.51 7.44
C ARG A 1318 44.77 14.39 6.91
N GLY A 1319 44.95 14.66 5.63
CA GLY A 1319 46.27 14.78 5.04
C GLY A 1319 47.18 13.60 5.30
N ILE A 1320 46.87 12.46 4.70
CA ILE A 1320 47.66 11.25 4.87
C ILE A 1320 48.69 11.18 3.75
N THR A 1321 49.94 10.99 4.12
CA THR A 1321 51.04 10.82 3.17
C THR A 1321 51.84 9.59 3.57
N CYS A 1322 52.01 8.66 2.64
CA CYS A 1322 52.75 7.44 2.90
C CYS A 1322 53.00 6.73 1.57
N ASP A 1323 53.92 5.77 1.60
CA ASP A 1323 54.27 4.98 0.44
C ASP A 1323 54.35 3.51 0.83
N ILE A 1324 53.99 2.64 -0.11
CA ILE A 1324 54.04 1.21 0.08
C ILE A 1324 54.85 0.61 -1.06
N GLY A 1325 55.86 -0.20 -0.72
CA GLY A 1325 56.68 -0.81 -1.74
C GLY A 1325 55.98 -1.98 -2.41
N SER A 1326 56.59 -2.47 -3.48
CA SER A 1326 56.02 -3.56 -4.24
C SER A 1326 56.07 -4.86 -3.44
N MET A 1327 54.94 -5.58 -3.43
CA MET A 1327 54.84 -6.88 -2.77
C MET A 1327 55.08 -6.77 -1.26
N GLU A 1328 54.94 -5.58 -0.70
CA GLU A 1328 55.24 -5.37 0.72
C GLU A 1328 54.03 -5.77 1.54
N LYS A 1329 54.18 -6.83 2.33
CA LYS A 1329 53.16 -7.22 3.30
C LYS A 1329 53.07 -6.14 4.37
N ILE A 1330 52.03 -5.33 4.33
CA ILE A 1330 51.89 -4.16 5.18
C ILE A 1330 50.63 -4.30 6.02
N GLY A 1331 50.72 -3.88 7.28
CA GLY A 1331 49.58 -3.89 8.16
C GLY A 1331 49.37 -2.53 8.80
N VAL A 1332 48.15 -2.30 9.27
CA VAL A 1332 47.77 -1.05 9.90
C VAL A 1332 47.07 -1.35 11.21
N VAL A 1333 47.35 -0.53 12.22
CA VAL A 1333 46.76 -0.68 13.55
C VAL A 1333 46.38 0.72 14.05
N GLY A 1334 45.54 0.76 15.06
CA GLY A 1334 45.13 2.02 15.65
C GLY A 1334 43.90 1.83 16.51
N ARG A 1335 43.50 2.94 17.14
CA ARG A 1335 42.31 2.93 17.97
C ARG A 1335 41.07 2.75 17.13
N THR A 1336 40.02 2.22 17.75
CA THR A 1336 38.75 2.02 17.06
C THR A 1336 38.26 3.35 16.50
N GLY A 1337 37.81 3.33 15.26
CA GLY A 1337 37.35 4.53 14.61
C GLY A 1337 38.46 5.55 14.44
N ALA A 1338 39.63 5.09 13.98
CA ALA A 1338 40.76 5.95 13.71
C ALA A 1338 41.08 6.04 12.23
N GLY A 1339 40.07 5.80 11.38
CA GLY A 1339 40.28 5.82 9.95
C GLY A 1339 40.81 4.51 9.38
N LYS A 1340 40.91 3.46 10.20
CA LYS A 1340 41.42 2.19 9.70
C LYS A 1340 40.58 1.68 8.54
N SER A 1341 39.26 1.62 8.73
CA SER A 1341 38.40 1.15 7.65
C SER A 1341 38.25 2.19 6.55
N SER A 1342 38.15 3.47 6.92
CA SER A 1342 37.97 4.51 5.93
C SER A 1342 39.14 4.55 4.95
N LEU A 1343 40.35 4.33 5.45
CA LEU A 1343 41.53 4.35 4.58
C LEU A 1343 41.37 3.38 3.42
N THR A 1344 40.83 2.18 3.70
CA THR A 1344 40.64 1.21 2.64
C THR A 1344 39.53 1.63 1.69
N ASN A 1345 38.51 2.32 2.19
CA ASN A 1345 37.44 2.79 1.32
C ASN A 1345 37.89 3.90 0.41
N CYS A 1346 39.08 4.45 0.62
CA CYS A 1346 39.64 5.46 -0.28
C CYS A 1346 40.27 4.87 -1.52
N LEU A 1347 40.88 3.68 -1.43
CA LEU A 1347 41.51 3.08 -2.59
C LEU A 1347 40.50 2.83 -3.69
N PHE A 1348 39.33 2.31 -3.35
CA PHE A 1348 38.29 2.02 -4.32
C PHE A 1348 37.51 3.26 -4.73
N ARG A 1349 37.99 4.46 -4.36
CA ARG A 1349 37.34 5.71 -4.75
C ARG A 1349 35.86 5.70 -4.36
N ILE A 1350 35.51 4.97 -3.30
CA ILE A 1350 34.14 5.02 -2.81
C ILE A 1350 33.80 6.43 -2.40
N LEU A 1351 34.78 7.20 -1.93
CA LEU A 1351 34.62 8.60 -1.62
C LEU A 1351 35.54 9.43 -2.50
N GLU A 1352 35.10 10.64 -2.83
CA GLU A 1352 35.88 11.48 -3.72
C GLU A 1352 37.08 12.08 -2.98
N ALA A 1353 38.12 12.38 -3.75
CA ALA A 1353 39.35 12.91 -3.18
C ALA A 1353 39.11 14.35 -2.74
N ALA A 1354 38.89 14.55 -1.44
CA ALA A 1354 38.75 15.90 -0.92
C ALA A 1354 40.03 16.69 -1.09
N GLY A 1355 41.18 16.06 -0.84
CA GLY A 1355 42.46 16.72 -1.01
C GLY A 1355 43.54 15.70 -1.21
N GLY A 1356 44.62 16.12 -1.87
CA GLY A 1356 45.71 15.22 -2.18
C GLY A 1356 45.38 14.33 -3.36
N GLN A 1357 46.20 13.29 -3.52
CA GLN A 1357 46.00 12.33 -4.60
C GLN A 1357 46.77 11.07 -4.27
N ILE A 1358 46.43 10.01 -5.00
CA ILE A 1358 47.08 8.70 -4.85
C ILE A 1358 47.47 8.20 -6.23
N ILE A 1359 48.62 7.52 -6.29
CA ILE A 1359 49.11 6.92 -7.52
C ILE A 1359 49.42 5.45 -7.22
N ILE A 1360 48.91 4.56 -8.05
CA ILE A 1360 49.16 3.12 -7.93
C ILE A 1360 49.89 2.68 -9.19
N ASP A 1361 51.08 2.10 -9.00
CA ASP A 1361 51.88 1.61 -10.11
C ASP A 1361 52.13 2.70 -11.14
N GLY A 1362 52.29 3.93 -10.65
CA GLY A 1362 52.58 5.06 -11.51
C GLY A 1362 51.41 5.59 -12.30
N VAL A 1363 50.19 5.20 -11.97
CA VAL A 1363 48.98 5.65 -12.66
C VAL A 1363 48.08 6.36 -11.68
N ASP A 1364 47.64 7.55 -12.03
CA ASP A 1364 46.75 8.30 -11.16
C ASP A 1364 45.43 7.58 -10.99
N ILE A 1365 44.84 7.69 -9.81
CA ILE A 1365 43.60 6.97 -9.52
C ILE A 1365 42.37 7.78 -9.87
N ALA A 1366 42.38 9.09 -9.63
CA ALA A 1366 41.25 9.92 -9.99
C ALA A 1366 41.10 10.12 -11.49
N SER A 1367 42.14 9.80 -12.27
CA SER A 1367 42.09 10.03 -13.71
C SER A 1367 41.26 8.96 -14.43
N ILE A 1368 41.34 7.71 -13.97
CA ILE A 1368 40.79 6.58 -14.69
C ILE A 1368 39.39 6.28 -14.18
N GLY A 1369 38.63 5.52 -14.98
CA GLY A 1369 37.30 5.15 -14.59
C GLY A 1369 37.30 4.15 -13.45
N LEU A 1370 36.15 4.07 -12.76
CA LEU A 1370 36.04 3.22 -11.59
C LEU A 1370 36.26 1.76 -11.95
N HIS A 1371 35.66 1.30 -13.04
CA HIS A 1371 35.74 -0.11 -13.40
C HIS A 1371 37.05 -0.46 -14.10
N ASP A 1372 37.88 0.52 -14.43
CA ASP A 1372 39.25 0.22 -14.82
C ASP A 1372 40.14 -0.02 -13.62
N LEU A 1373 39.62 0.21 -12.41
CA LEU A 1373 40.37 0.09 -11.17
C LEU A 1373 39.88 -1.02 -10.28
N ARG A 1374 38.58 -1.02 -9.94
CA ARG A 1374 38.06 -1.95 -8.95
C ARG A 1374 38.12 -3.40 -9.39
N GLU A 1375 38.31 -3.67 -10.68
CA GLU A 1375 38.47 -5.04 -11.14
C GLU A 1375 39.86 -5.60 -10.87
N LYS A 1376 40.79 -4.77 -10.41
CA LYS A 1376 42.16 -5.20 -10.13
C LYS A 1376 42.52 -4.99 -8.66
N LEU A 1377 41.53 -4.83 -7.79
CA LEU A 1377 41.73 -4.73 -6.36
C LEU A 1377 40.79 -5.69 -5.65
N THR A 1378 41.23 -6.17 -4.49
CA THR A 1378 40.45 -7.11 -3.70
C THR A 1378 40.40 -6.64 -2.25
N ILE A 1379 39.24 -6.77 -1.62
CA ILE A 1379 39.06 -6.38 -0.24
C ILE A 1379 38.10 -7.38 0.42
N ILE A 1380 38.35 -7.65 1.68
CA ILE A 1380 37.52 -8.54 2.48
C ILE A 1380 36.86 -7.71 3.58
N PRO A 1381 35.62 -7.26 3.36
CA PRO A 1381 35.00 -6.36 4.33
C PRO A 1381 34.82 -7.01 5.68
N GLN A 1382 34.97 -6.20 6.73
CA GLN A 1382 34.78 -6.71 8.09
C GLN A 1382 33.44 -7.40 8.23
N ASP A 1383 32.38 -6.80 7.68
CA ASP A 1383 31.06 -7.41 7.75
C ASP A 1383 30.89 -8.42 6.61
N PRO A 1384 30.42 -9.63 6.88
CA PRO A 1384 30.16 -10.57 5.79
C PRO A 1384 28.74 -10.41 5.26
N ILE A 1385 28.62 -10.01 4.00
CA ILE A 1385 27.34 -9.90 3.31
C ILE A 1385 27.26 -10.99 2.26
N LEU A 1386 26.14 -11.69 2.22
CA LEU A 1386 25.89 -12.74 1.24
C LEU A 1386 24.58 -12.48 0.53
N PHE A 1387 24.47 -13.01 -0.69
CA PHE A 1387 23.28 -12.86 -1.51
C PHE A 1387 22.57 -14.21 -1.65
N SER A 1388 21.24 -14.15 -1.74
CA SER A 1388 20.46 -15.36 -1.84
C SER A 1388 20.81 -16.11 -3.13
N GLY A 1389 20.77 -17.43 -3.04
CA GLY A 1389 21.06 -18.31 -4.15
C GLY A 1389 22.17 -19.28 -3.80
N SER A 1390 22.66 -19.97 -4.83
CA SER A 1390 23.69 -20.96 -4.61
C SER A 1390 25.03 -20.28 -4.32
N LEU A 1391 25.90 -21.03 -3.63
CA LEU A 1391 27.23 -20.51 -3.32
C LEU A 1391 27.98 -20.13 -4.57
N ARG A 1392 27.65 -20.74 -5.71
CA ARG A 1392 28.35 -20.42 -6.95
C ARG A 1392 28.19 -18.95 -7.29
N MET A 1393 26.96 -18.42 -7.21
CA MET A 1393 26.75 -17.02 -7.53
C MET A 1393 27.49 -16.12 -6.54
N ASN A 1394 27.43 -16.45 -5.24
CA ASN A 1394 28.12 -15.65 -4.24
C ASN A 1394 29.63 -15.71 -4.38
N LEU A 1395 30.17 -16.71 -5.09
CA LEU A 1395 31.59 -16.78 -5.37
C LEU A 1395 31.94 -16.28 -6.77
N ASP A 1396 31.02 -16.37 -7.72
CA ASP A 1396 31.23 -15.84 -9.05
C ASP A 1396 29.88 -15.52 -9.69
N PRO A 1397 29.42 -14.27 -9.61
CA PRO A 1397 28.12 -13.95 -10.23
C PRO A 1397 28.24 -13.77 -11.73
N PHE A 1398 29.42 -13.38 -12.20
CA PHE A 1398 29.65 -13.30 -13.64
C PHE A 1398 29.58 -14.66 -14.30
N ASN A 1399 29.74 -15.74 -13.53
CA ASN A 1399 29.69 -17.10 -14.06
C ASN A 1399 30.84 -17.36 -15.03
N ASN A 1400 31.88 -16.54 -14.96
CA ASN A 1400 33.01 -16.63 -15.86
C ASN A 1400 34.09 -17.58 -15.35
N TYR A 1401 33.87 -18.23 -14.22
CA TYR A 1401 34.87 -19.10 -13.63
C TYR A 1401 34.38 -20.54 -13.64
N SER A 1402 35.29 -21.46 -13.91
CA SER A 1402 34.96 -22.88 -13.97
C SER A 1402 34.74 -23.43 -12.57
N ASP A 1403 34.10 -24.60 -12.50
CA ASP A 1403 33.81 -25.22 -11.21
C ASP A 1403 35.05 -25.87 -10.61
N GLU A 1404 35.92 -26.43 -11.44
CA GLU A 1404 37.10 -27.12 -10.91
C GLU A 1404 37.98 -26.16 -10.12
N GLU A 1405 38.17 -24.95 -10.61
CA GLU A 1405 38.97 -23.96 -9.90
C GLU A 1405 38.29 -23.49 -8.62
N ILE A 1406 36.95 -23.52 -8.58
CA ILE A 1406 36.25 -23.10 -7.37
C ILE A 1406 36.65 -23.99 -6.20
N TRP A 1407 36.69 -25.30 -6.42
CA TRP A 1407 37.09 -26.22 -5.36
C TRP A 1407 38.50 -25.92 -4.88
N LYS A 1408 39.41 -25.66 -5.82
CA LYS A 1408 40.74 -25.22 -5.44
C LYS A 1408 40.67 -23.93 -4.64
N ALA A 1409 39.88 -22.96 -5.10
CA ALA A 1409 39.75 -21.70 -4.37
C ALA A 1409 39.19 -21.92 -2.98
N LEU A 1410 38.12 -22.72 -2.87
CA LEU A 1410 37.53 -22.97 -1.56
C LEU A 1410 38.50 -23.75 -0.67
N GLU A 1411 39.24 -24.69 -1.25
CA GLU A 1411 40.12 -25.55 -0.47
C GLU A 1411 41.15 -24.71 0.29
N LEU A 1412 41.71 -23.71 -0.37
CA LEU A 1412 42.73 -22.88 0.30
C LEU A 1412 42.15 -22.19 1.52
N ALA A 1413 40.91 -21.72 1.43
CA ALA A 1413 40.25 -21.05 2.54
C ALA A 1413 39.76 -22.01 3.61
N HIS A 1414 40.15 -23.28 3.55
CA HIS A 1414 39.77 -24.27 4.55
C HIS A 1414 38.26 -24.34 4.74
N LEU A 1415 37.52 -24.36 3.63
CA LEU A 1415 36.07 -24.46 3.66
C LEU A 1415 35.56 -25.67 2.89
N LYS A 1416 36.46 -26.46 2.29
CA LYS A 1416 36.03 -27.61 1.51
C LYS A 1416 35.30 -28.64 2.37
N SER A 1417 35.82 -28.88 3.58
CA SER A 1417 35.27 -29.93 4.42
C SER A 1417 33.78 -29.71 4.66
N PHE A 1418 33.40 -28.49 5.07
CA PHE A 1418 31.99 -28.21 5.32
C PHE A 1418 31.17 -28.36 4.04
N VAL A 1419 31.67 -27.81 2.93
CA VAL A 1419 30.93 -27.87 1.68
C VAL A 1419 30.77 -29.32 1.23
N ALA A 1420 31.85 -30.10 1.33
CA ALA A 1420 31.78 -31.49 0.92
C ALA A 1420 30.72 -32.25 1.70
N SER A 1421 30.58 -31.94 3.00
CA SER A 1421 29.58 -32.63 3.80
C SER A 1421 28.18 -32.40 3.25
N LEU A 1422 27.88 -31.16 2.85
CA LEU A 1422 26.59 -30.86 2.24
C LEU A 1422 26.40 -31.72 0.99
N GLN A 1423 25.38 -32.58 1.00
CA GLN A 1423 25.17 -33.47 -0.14
C GLN A 1423 24.95 -32.67 -1.42
N LEU A 1424 24.11 -31.65 -1.36
CA LEU A 1424 23.93 -30.71 -2.47
C LEU A 1424 24.93 -29.56 -2.34
N GLY A 1425 26.21 -29.94 -2.33
CA GLY A 1425 27.25 -29.03 -1.90
C GLY A 1425 27.43 -27.78 -2.74
N LEU A 1426 27.96 -27.93 -3.96
CA LEU A 1426 28.28 -26.74 -4.75
C LEU A 1426 27.03 -25.94 -5.07
N SER A 1427 25.95 -26.63 -5.48
CA SER A 1427 24.69 -25.96 -5.76
C SER A 1427 23.78 -25.93 -4.53
N HIS A 1428 24.31 -25.47 -3.40
CA HIS A 1428 23.51 -25.32 -2.20
C HIS A 1428 22.54 -24.17 -2.37
N GLU A 1429 21.77 -23.90 -1.32
CA GLU A 1429 20.94 -22.71 -1.28
C GLU A 1429 21.29 -21.86 -0.07
N VAL A 1430 21.39 -20.54 -0.28
CA VAL A 1430 21.74 -19.60 0.76
C VAL A 1430 20.59 -18.61 0.91
N THR A 1431 20.10 -18.47 2.12
CA THR A 1431 18.99 -17.55 2.40
C THR A 1431 19.52 -16.12 2.44
N GLU A 1432 18.70 -15.19 2.90
CA GLU A 1432 19.10 -13.78 2.90
C GLU A 1432 20.24 -13.56 3.86
N ALA A 1433 21.23 -12.78 3.42
CA ALA A 1433 22.37 -12.42 4.27
C ALA A 1433 23.01 -13.66 4.87
N GLY A 1434 23.00 -14.77 4.12
CA GLY A 1434 23.63 -15.98 4.62
C GLY A 1434 23.05 -16.47 5.92
N GLY A 1435 21.73 -16.46 6.05
CA GLY A 1435 21.11 -16.99 7.24
C GLY A 1435 21.43 -18.44 7.47
N ASN A 1436 21.58 -19.22 6.39
CA ASN A 1436 21.88 -20.63 6.53
C ASN A 1436 23.23 -20.86 7.19
N LEU A 1437 24.24 -20.08 6.80
CA LEU A 1437 25.60 -20.29 7.27
C LEU A 1437 25.87 -19.48 8.53
N SER A 1438 26.66 -20.07 9.42
CA SER A 1438 27.06 -19.38 10.63
C SER A 1438 28.00 -18.23 10.27
N ILE A 1439 28.12 -17.27 11.20
CA ILE A 1439 28.96 -16.11 10.94
C ILE A 1439 30.39 -16.55 10.67
N GLY A 1440 30.84 -17.61 11.32
CA GLY A 1440 32.18 -18.11 11.04
C GLY A 1440 32.34 -18.55 9.60
N GLN A 1441 31.38 -19.33 9.10
CA GLN A 1441 31.47 -19.81 7.73
C GLN A 1441 31.35 -18.67 6.73
N ARG A 1442 30.50 -17.69 7.01
CA ARG A 1442 30.32 -16.57 6.08
C ARG A 1442 31.64 -15.86 5.86
N GLN A 1443 32.39 -15.61 6.93
CA GLN A 1443 33.66 -14.91 6.78
C GLN A 1443 34.62 -15.70 5.89
N LEU A 1444 34.73 -17.00 6.12
CA LEU A 1444 35.59 -17.82 5.27
C LEU A 1444 35.12 -17.80 3.82
N LEU A 1445 33.81 -17.97 3.61
CA LEU A 1445 33.28 -17.91 2.26
C LEU A 1445 33.52 -16.53 1.65
N CYS A 1446 33.27 -15.47 2.41
CA CYS A 1446 33.56 -14.13 1.92
C CYS A 1446 35.03 -13.98 1.60
N LEU A 1447 35.90 -14.67 2.33
CA LEU A 1447 37.31 -14.72 1.96
C LEU A 1447 37.50 -15.53 0.68
N GLY A 1448 36.61 -16.49 0.42
CA GLY A 1448 36.73 -17.28 -0.79
C GLY A 1448 36.72 -16.42 -2.05
N ARG A 1449 35.90 -15.37 -2.06
CA ARG A 1449 35.88 -14.47 -3.21
C ARG A 1449 37.26 -13.89 -3.46
N ALA A 1450 37.95 -13.50 -2.39
CA ALA A 1450 39.27 -12.88 -2.56
C ALA A 1450 40.25 -13.82 -3.24
N LEU A 1451 40.18 -15.12 -2.92
CA LEU A 1451 41.12 -16.06 -3.52
C LEU A 1451 40.95 -16.11 -5.03
N LEU A 1452 39.72 -16.06 -5.53
CA LEU A 1452 39.49 -16.20 -6.96
C LEU A 1452 40.15 -15.09 -7.75
N ARG A 1453 40.03 -13.84 -7.28
CA ARG A 1453 40.54 -12.71 -8.05
C ARG A 1453 42.05 -12.80 -8.22
N LYS A 1454 42.76 -13.11 -7.14
CA LYS A 1454 44.21 -13.20 -7.16
C LYS A 1454 44.85 -11.91 -7.65
N SER A 1455 44.24 -10.77 -7.32
CA SER A 1455 44.76 -9.48 -7.75
C SER A 1455 46.06 -9.17 -7.01
N LYS A 1456 46.90 -8.33 -7.64
CA LYS A 1456 48.17 -7.96 -7.02
C LYS A 1456 47.97 -7.23 -5.70
N ILE A 1457 46.82 -6.60 -5.51
CA ILE A 1457 46.51 -5.89 -4.27
C ILE A 1457 45.35 -6.59 -3.60
N LEU A 1458 45.44 -6.73 -2.27
CA LEU A 1458 44.43 -7.46 -1.52
C LEU A 1458 44.35 -6.87 -0.13
N VAL A 1459 43.22 -6.27 0.21
CA VAL A 1459 43.02 -5.62 1.50
C VAL A 1459 42.27 -6.58 2.40
N LEU A 1460 42.77 -6.76 3.63
CA LEU A 1460 42.13 -7.58 4.64
C LEU A 1460 41.57 -6.66 5.72
N ASP A 1461 40.28 -6.83 6.03
CA ASP A 1461 39.57 -5.98 6.97
C ASP A 1461 38.94 -6.86 8.04
N GLU A 1462 39.62 -7.00 9.18
CA GLU A 1462 39.15 -7.82 10.29
C GLU A 1462 38.50 -9.11 9.80
N ALA A 1463 39.30 -9.89 9.07
CA ALA A 1463 38.84 -11.18 8.58
C ALA A 1463 38.91 -12.27 9.65
N THR A 1464 39.55 -12.01 10.78
CA THR A 1464 39.71 -13.00 11.83
C THR A 1464 38.78 -12.76 13.01
N ALA A 1465 37.84 -11.82 12.90
CA ALA A 1465 36.96 -11.52 14.03
C ALA A 1465 36.11 -12.72 14.40
N ALA A 1466 35.57 -13.41 13.40
CA ALA A 1466 34.63 -14.52 13.62
C ALA A 1466 35.28 -15.86 13.33
N VAL A 1467 36.55 -16.03 13.71
CA VAL A 1467 37.27 -17.26 13.46
C VAL A 1467 38.11 -17.58 14.70
N ASP A 1468 38.32 -18.89 14.92
CA ASP A 1468 39.09 -19.35 16.06
C ASP A 1468 40.58 -19.16 15.80
N LEU A 1469 41.39 -19.40 16.84
CA LEU A 1469 42.83 -19.20 16.71
C LEU A 1469 43.43 -20.21 15.73
N GLU A 1470 43.13 -21.49 15.90
CA GLU A 1470 43.72 -22.50 15.03
C GLU A 1470 43.30 -22.28 13.58
N THR A 1471 42.02 -21.96 13.35
CA THR A 1471 41.57 -21.68 12.00
C THR A 1471 42.16 -20.37 11.49
N ASP A 1472 42.33 -19.38 12.39
CA ASP A 1472 42.96 -18.14 11.99
C ASP A 1472 44.38 -18.37 11.52
N ASN A 1473 45.12 -19.24 12.21
CA ASN A 1473 46.46 -19.58 11.75
C ASN A 1473 46.42 -20.26 10.39
N LEU A 1474 45.48 -21.17 10.19
CA LEU A 1474 45.41 -21.90 8.92
C LEU A 1474 45.20 -20.94 7.75
N ILE A 1475 44.23 -20.04 7.87
CA ILE A 1475 44.00 -19.07 6.81
C ILE A 1475 45.19 -18.12 6.71
N GLN A 1476 45.78 -17.77 7.85
CA GLN A 1476 46.99 -16.93 7.82
C GLN A 1476 48.11 -17.64 7.08
N THR A 1477 48.26 -18.95 7.30
CA THR A 1477 49.34 -19.69 6.65
C THR A 1477 49.25 -19.55 5.13
N THR A 1478 48.05 -19.70 4.58
CA THR A 1478 47.89 -19.58 3.12
C THR A 1478 48.25 -18.17 2.66
N ILE A 1479 47.71 -17.15 3.33
CA ILE A 1479 47.90 -15.79 2.86
C ILE A 1479 49.38 -15.43 2.79
N GLN A 1480 50.18 -15.98 3.70
CA GLN A 1480 51.62 -15.74 3.69
C GLN A 1480 52.40 -16.79 2.91
N ASN A 1481 51.72 -17.80 2.36
CA ASN A 1481 52.38 -18.84 1.58
C ASN A 1481 51.92 -18.86 0.13
N GLU A 1482 50.62 -18.94 -0.13
CA GLU A 1482 50.13 -18.98 -1.49
C GLU A 1482 49.98 -17.60 -2.11
N PHE A 1483 50.10 -16.54 -1.32
CA PHE A 1483 50.08 -15.17 -1.81
C PHE A 1483 51.45 -14.57 -1.52
N ALA A 1484 52.38 -14.79 -2.44
CA ALA A 1484 53.73 -14.25 -2.33
C ALA A 1484 54.04 -13.22 -3.42
N HIS A 1485 53.07 -12.88 -4.26
CA HIS A 1485 53.27 -11.93 -5.35
C HIS A 1485 52.10 -10.95 -5.41
N CYS A 1486 51.68 -10.44 -4.26
CA CYS A 1486 50.58 -9.48 -4.21
C CYS A 1486 50.66 -8.71 -2.91
N THR A 1487 50.75 -7.39 -3.00
CA THR A 1487 50.77 -6.55 -1.80
C THR A 1487 49.45 -6.72 -1.04
N VAL A 1488 49.55 -6.89 0.28
CA VAL A 1488 48.39 -7.07 1.13
C VAL A 1488 48.42 -5.98 2.21
N ILE A 1489 47.32 -5.25 2.32
CA ILE A 1489 47.14 -4.26 3.37
C ILE A 1489 46.16 -4.87 4.36
N THR A 1490 46.66 -5.30 5.51
CA THR A 1490 45.86 -6.02 6.48
C THR A 1490 45.51 -5.09 7.63
N ILE A 1491 44.25 -4.68 7.68
CA ILE A 1491 43.73 -3.91 8.81
C ILE A 1491 43.34 -4.90 9.90
N ALA A 1492 43.85 -4.69 11.11
CA ALA A 1492 43.58 -5.62 12.19
C ALA A 1492 43.58 -4.87 13.51
N HIS A 1493 42.92 -5.48 14.50
CA HIS A 1493 42.90 -4.98 15.87
C HIS A 1493 43.82 -5.79 16.77
N ARG A 1494 43.69 -7.12 16.75
CA ARG A 1494 44.65 -7.97 17.45
C ARG A 1494 46.00 -7.87 16.77
N LEU A 1495 47.06 -7.84 17.56
CA LEU A 1495 48.41 -7.73 17.02
C LEU A 1495 48.98 -9.06 16.57
N HIS A 1496 48.33 -10.18 16.89
CA HIS A 1496 48.94 -11.49 16.68
C HIS A 1496 49.38 -11.67 15.24
N THR A 1497 48.69 -11.05 14.30
CA THR A 1497 48.97 -11.20 12.87
C THR A 1497 49.52 -9.92 12.26
N ILE A 1498 50.41 -9.22 12.96
CA ILE A 1498 50.94 -7.96 12.45
C ILE A 1498 52.47 -7.93 12.48
N MET A 1499 53.09 -8.72 13.36
CA MET A 1499 54.54 -8.71 13.38
C MET A 1499 55.13 -9.31 12.10
N ASP A 1500 54.40 -10.18 11.43
CA ASP A 1500 54.89 -10.78 10.20
C ASP A 1500 55.00 -9.75 9.07
N SER A 1501 54.14 -8.73 9.08
CA SER A 1501 54.16 -7.73 8.02
C SER A 1501 55.50 -7.02 7.98
N ASP A 1502 55.96 -6.73 6.76
CA ASP A 1502 57.25 -6.05 6.60
C ASP A 1502 57.23 -4.69 7.25
N LYS A 1503 56.17 -3.92 7.03
CA LYS A 1503 55.99 -2.59 7.60
C LYS A 1503 54.71 -2.55 8.40
N VAL A 1504 54.56 -1.49 9.19
CA VAL A 1504 53.36 -1.27 9.99
C VAL A 1504 53.12 0.23 10.09
N MET A 1505 51.84 0.61 9.99
CA MET A 1505 51.43 2.00 10.07
C MET A 1505 50.50 2.17 11.26
N VAL A 1506 50.64 3.31 11.95
CA VAL A 1506 49.77 3.66 13.06
C VAL A 1506 49.13 5.01 12.76
N LEU A 1507 47.81 5.06 12.79
CA LEU A 1507 47.07 6.25 12.44
C LEU A 1507 46.03 6.55 13.51
N ASP A 1508 45.92 7.83 13.86
CA ASP A 1508 44.94 8.29 14.84
C ASP A 1508 44.40 9.63 14.41
N ASN A 1509 43.10 9.84 14.59
CA ASN A 1509 42.44 11.08 14.17
C ASN A 1509 42.71 11.40 12.71
N GLY A 1510 42.88 10.36 11.89
CA GLY A 1510 43.21 10.58 10.49
C GLY A 1510 44.62 11.04 10.26
N LYS A 1511 45.53 10.82 11.21
CA LYS A 1511 46.92 11.23 11.08
C LYS A 1511 47.80 10.01 11.26
N ILE A 1512 48.62 9.72 10.24
CA ILE A 1512 49.58 8.64 10.32
C ILE A 1512 50.69 9.04 11.29
N ILE A 1513 50.99 8.16 12.25
CA ILE A 1513 51.93 8.47 13.31
C ILE A 1513 53.26 7.77 13.05
N GLU A 1514 53.26 6.44 13.01
CA GLU A 1514 54.47 5.66 12.86
C GLU A 1514 54.48 4.94 11.51
N CYS A 1515 55.68 4.55 11.11
CA CYS A 1515 55.85 3.78 9.87
C CYS A 1515 57.19 3.09 9.93
N GLY A 1516 57.19 1.77 9.93
CA GLY A 1516 58.42 1.01 9.96
C GLY A 1516 58.15 -0.44 10.27
N SER A 1517 59.23 -1.23 10.28
CA SER A 1517 59.11 -2.64 10.59
C SER A 1517 58.76 -2.81 12.07
N PRO A 1518 58.06 -3.90 12.41
CA PRO A 1518 57.66 -4.07 13.82
C PRO A 1518 58.82 -4.03 14.79
N GLU A 1519 59.98 -4.58 14.40
CA GLU A 1519 61.12 -4.60 15.31
C GLU A 1519 61.56 -3.19 15.68
N GLU A 1520 61.71 -2.32 14.67
CA GLU A 1520 62.22 -0.98 14.94
C GLU A 1520 61.27 -0.19 15.83
N LEU A 1521 59.96 -0.30 15.58
CA LEU A 1521 59.01 0.44 16.41
C LEU A 1521 59.05 -0.05 17.85
N LEU A 1522 59.41 -1.31 18.08
CA LEU A 1522 59.51 -1.82 19.44
C LEU A 1522 60.78 -1.34 20.14
N GLN A 1523 61.87 -1.17 19.39
CA GLN A 1523 63.10 -0.69 20.00
C GLN A 1523 62.93 0.71 20.56
N ILE A 1524 62.30 1.60 19.81
CA ILE A 1524 62.07 2.97 20.24
C ILE A 1524 60.76 3.02 21.02
N PRO A 1525 60.76 3.47 22.27
CA PRO A 1525 59.49 3.71 22.95
C PRO A 1525 58.65 4.72 22.19
N GLY A 1526 57.35 4.44 22.10
CA GLY A 1526 56.41 5.31 21.43
C GLY A 1526 55.04 4.68 21.32
N PRO A 1527 54.12 5.37 20.64
CA PRO A 1527 52.73 4.90 20.57
C PRO A 1527 52.61 3.41 20.29
N PHE A 1528 53.36 2.89 19.32
CA PHE A 1528 53.34 1.46 19.07
C PHE A 1528 53.87 0.68 20.26
N TYR A 1529 54.90 1.21 20.93
CA TYR A 1529 55.48 0.51 22.07
C TYR A 1529 54.43 0.24 23.14
N PHE A 1530 53.71 1.28 23.58
CA PHE A 1530 52.69 1.05 24.61
C PHE A 1530 51.60 0.13 24.07
N MET A 1531 51.27 0.26 22.79
CA MET A 1531 50.35 -0.70 22.17
C MET A 1531 50.91 -2.10 22.27
N ALA A 1532 52.22 -2.26 22.03
CA ALA A 1532 52.83 -3.58 22.12
C ALA A 1532 52.75 -4.11 23.54
N LYS A 1533 53.15 -3.31 24.53
CA LYS A 1533 53.11 -3.77 25.92
C LYS A 1533 51.69 -4.10 26.34
N GLU A 1534 50.74 -3.20 26.06
CA GLU A 1534 49.35 -3.45 26.41
C GLU A 1534 48.77 -4.59 25.60
N ALA A 1535 49.30 -4.87 24.41
CA ALA A 1535 48.84 -6.00 23.62
C ALA A 1535 49.17 -7.33 24.28
N GLY A 1536 50.08 -7.34 25.24
CA GLY A 1536 50.49 -8.56 25.91
C GLY A 1536 51.69 -9.25 25.31
N ILE A 1537 52.39 -8.61 24.37
CA ILE A 1537 53.56 -9.20 23.75
C ILE A 1537 54.64 -8.13 23.58
#